data_6QYT
# 
_entry.id   6QYT 
# 
_audit_conform.dict_name       mmcif_pdbx.dic 
_audit_conform.dict_version    5.398 
_audit_conform.dict_location   http://mmcif.pdb.org/dictionaries/ascii/mmcif_pdbx.dic 
# 
loop_
_database_2.database_id 
_database_2.database_code 
_database_2.pdbx_database_accession 
_database_2.pdbx_DOI 
PDB   6QYT         pdb_00006qyt 10.2210/pdb6qyt/pdb 
WWPDB D_1292101154 ?            ?                   
BMRB  34371        ?            10.13018/BMR34371   
# 
loop_
_pdbx_audit_revision_history.ordinal 
_pdbx_audit_revision_history.data_content_type 
_pdbx_audit_revision_history.major_revision 
_pdbx_audit_revision_history.minor_revision 
_pdbx_audit_revision_history.revision_date 
1 'Structure model' 1 0 2019-09-11 
2 'Structure model' 1 1 2019-10-02 
3 'Structure model' 1 2 2023-06-14 
4 'Structure model' 1 3 2024-11-13 
# 
_pdbx_audit_revision_details.ordinal             1 
_pdbx_audit_revision_details.revision_ordinal    1 
_pdbx_audit_revision_details.data_content_type   'Structure model' 
_pdbx_audit_revision_details.provider            repository 
_pdbx_audit_revision_details.type                'Initial release' 
_pdbx_audit_revision_details.description         ? 
_pdbx_audit_revision_details.details             ? 
# 
loop_
_pdbx_audit_revision_group.ordinal 
_pdbx_audit_revision_group.revision_ordinal 
_pdbx_audit_revision_group.data_content_type 
_pdbx_audit_revision_group.group 
1 2 'Structure model' 'Data collection'      
2 2 'Structure model' 'Database references'  
3 3 'Structure model' 'Database references'  
4 3 'Structure model' 'Derived calculations' 
5 3 'Structure model' Other                  
6 4 'Structure model' 'Data collection'      
7 4 'Structure model' 'Database references'  
8 4 'Structure model' 'Structure summary'    
# 
loop_
_pdbx_audit_revision_category.ordinal 
_pdbx_audit_revision_category.revision_ordinal 
_pdbx_audit_revision_category.data_content_type 
_pdbx_audit_revision_category.category 
1  2 'Structure model' citation                  
2  2 'Structure model' citation_author           
3  3 'Structure model' database_2                
4  3 'Structure model' pdbx_database_status      
5  3 'Structure model' struct_conn               
6  4 'Structure model' chem_comp_atom            
7  4 'Structure model' chem_comp_bond            
8  4 'Structure model' database_2                
9  4 'Structure model' pdbx_entry_details        
10 4 'Structure model' pdbx_modification_feature 
# 
loop_
_pdbx_audit_revision_item.ordinal 
_pdbx_audit_revision_item.revision_ordinal 
_pdbx_audit_revision_item.data_content_type 
_pdbx_audit_revision_item.item 
1  2 'Structure model' '_citation.journal_volume'                   
2  2 'Structure model' '_citation.page_first'                       
3  2 'Structure model' '_citation.page_last'                        
4  2 'Structure model' '_citation_author.identifier_ORCID'          
5  3 'Structure model' '_database_2.pdbx_DOI'                       
6  3 'Structure model' '_database_2.pdbx_database_accession'        
7  3 'Structure model' '_pdbx_database_status.status_code_nmr_data' 
8  3 'Structure model' '_struct_conn.pdbx_dist_value'               
9  3 'Structure model' '_struct_conn.pdbx_leaving_atom_flag'        
10 3 'Structure model' '_struct_conn.ptnr1_label_atom_id'           
11 3 'Structure model' '_struct_conn.ptnr2_auth_comp_id'            
12 3 'Structure model' '_struct_conn.ptnr2_auth_seq_id'             
13 3 'Structure model' '_struct_conn.ptnr2_label_atom_id'           
14 3 'Structure model' '_struct_conn.ptnr2_label_comp_id'           
15 3 'Structure model' '_struct_conn.ptnr2_label_seq_id'            
16 4 'Structure model' '_database_2.pdbx_DOI'                       
# 
_pdbx_database_status.status_code                     REL 
_pdbx_database_status.status_code_sf                  ? 
_pdbx_database_status.status_code_mr                  REL 
_pdbx_database_status.entry_id                        6QYT 
_pdbx_database_status.recvd_initial_deposition_date   2019-03-09 
_pdbx_database_status.SG_entry                        N 
_pdbx_database_status.deposit_site                    PDBE 
_pdbx_database_status.process_site                    PDBE 
_pdbx_database_status.status_code_cs                  REL 
_pdbx_database_status.methods_development_category    ? 
_pdbx_database_status.pdb_format_compatible           Y 
_pdbx_database_status.status_code_nmr_data            REL 
# 
loop_
_pdbx_database_related.db_name 
_pdbx_database_related.details 
_pdbx_database_related.db_id 
_pdbx_database_related.content_type 
PDB  .                                                                                                                  1WCO  
unspecified 
PDB  'solution nmr of synthetic Mutacin I Ring B, major conformer'                                                      6QTF  
unspecified 
PDB  'solution nmr of syntheticMutacin I Ring B, minor conformer'                                                       6QYR  
unspecified 
PDB  'solution nmr of synthetic nisin ring B'                                                                           6QYS  
unspecified 
PDB  'solution nmr of synthetic Nisin Ring B (Lan8,11) analogue'                                                        6QM1  
unspecified 
BMRB 'Solution NMR of synthetic analogues of nisin and mutacin ring A and ring B - Mutacin I Ring A truncated analogue' 34371 
unspecified 
# 
loop_
_audit_author.name 
_audit_author.pdbx_ordinal 
_audit_author.identifier_ORCID 
'Dickman, R.'    1 0000-0003-3139-5423 
'Mitchell, S.A.' 2 ?                   
'Figueiredo, A.' 3 0000-0001-7039-5341 
'Hansen, D.F.'   4 0000-0003-0891-220X 
'Tabor, A.B.'    5 0000-0001-8216-0347 
# 
loop_
_citation.abstract 
_citation.abstract_id_CAS 
_citation.book_id_ISBN 
_citation.book_publisher 
_citation.book_publisher_city 
_citation.book_title 
_citation.coordinate_linkage 
_citation.country 
_citation.database_id_Medline 
_citation.details 
_citation.id 
_citation.journal_abbrev 
_citation.journal_id_ASTM 
_citation.journal_id_CSD 
_citation.journal_id_ISSN 
_citation.journal_full 
_citation.journal_issue 
_citation.journal_volume 
_citation.language 
_citation.page_first 
_citation.page_last 
_citation.title 
_citation.year 
_citation.database_id_CSD 
_citation.pdbx_database_id_DOI 
_citation.pdbx_database_id_PubMed 
_citation.unpublished_flag 
? ? ? ? ? ? ? US ? ? primary J.Org.Chem.       JOCEAH 0035 0022-3263 ? ? 84 ? 11493 11512 
;Molecular Recognition of Lipid II by Lantibiotics: Synthesis and Conformational Studies of Analogues of Nisin and Mutacin Rings A and B.
;
2019 ? 10.1021/acs.joc.9b01253 31464129 ? 
? ? ? ? ? ? ? ?  ? ? 1       'To Be Published' ?      0353 ?         ? ? ?  ? ?     ?     
;A chemical biology approach to understanding molecular recognition of lipid II by nisin: Solid-phase synthesis and NMR ensemble analysis of nisin(1-12) and a synthetic ana-logue.
;
?    ? ?                       ?        ? 
# 
loop_
_citation_author.citation_id 
_citation_author.name 
_citation_author.ordinal 
_citation_author.identifier_ORCID 
primary 'Dickman, R.'      1  ?                   
primary 'Mitchell, S.A.'   2  ?                   
primary 'Figueiredo, A.M.' 3  ?                   
primary 'Hansen, D.F.'     4  ?                   
primary 'Tabor, A.B.'      5  ?                   
1       'Dickman, R.'      6  0000-0003-3139-5423 
1       'Danelius, E.'     7  0000-0002-7322-9661 
1       'Mitchell, S.A.'   8  ?                   
1       'Hansen, D.F.'     9  0000-0003-0891-220X 
1       'Erdelyi, M.'      10 0000-0003-0359-5970 
1       'Tabor, A.B.'      11 0000-0001-8216-0347 
# 
_entity.id                         1 
_entity.type                       polymer 
_entity.src_method                 syn 
_entity.pdbx_description           DAL-LEU-SER-LEU-CYS-ALA 
_entity.formula_weight             576.707 
_entity.pdbx_number_of_molecules   1 
_entity.pdbx_ec                    ? 
_entity.pdbx_mutation              ? 
_entity.pdbx_fragment              ? 
_entity.details                    ? 
# 
_entity_poly.entity_id                      1 
_entity_poly.type                           'polypeptide(L)' 
_entity_poly.nstd_linkage                   no 
_entity_poly.nstd_monomer                   yes 
_entity_poly.pdbx_seq_one_letter_code       '(DAL)LSLCA' 
_entity_poly.pdbx_seq_one_letter_code_can   ALSLCA 
_entity_poly.pdbx_strand_id                 A 
_entity_poly.pdbx_target_identifier         ? 
# 
loop_
_entity_poly_seq.entity_id 
_entity_poly_seq.num 
_entity_poly_seq.mon_id 
_entity_poly_seq.hetero 
1 1 DAL n 
1 2 LEU n 
1 3 SER n 
1 4 LEU n 
1 5 CYS n 
1 6 ALA n 
# 
_pdbx_entity_src_syn.entity_id              1 
_pdbx_entity_src_syn.pdbx_src_id            1 
_pdbx_entity_src_syn.pdbx_alt_source_flag   sample 
_pdbx_entity_src_syn.pdbx_beg_seq_num       1 
_pdbx_entity_src_syn.pdbx_end_seq_num       6 
_pdbx_entity_src_syn.organism_scientific    'Lactococcus lactis' 
_pdbx_entity_src_syn.organism_common_name   ? 
_pdbx_entity_src_syn.ncbi_taxonomy_id       1358 
_pdbx_entity_src_syn.details                ? 
# 
loop_
_chem_comp.id 
_chem_comp.type 
_chem_comp.mon_nstd_flag 
_chem_comp.name 
_chem_comp.pdbx_synonyms 
_chem_comp.formula 
_chem_comp.formula_weight 
ALA 'L-peptide linking' y ALANINE   ? 'C3 H7 N O2'   89.093  
CYS 'L-peptide linking' y CYSTEINE  ? 'C3 H7 N O2 S' 121.158 
DAL 'D-peptide linking' . D-ALANINE ? 'C3 H7 N O2'   89.093  
LEU 'L-peptide linking' y LEUCINE   ? 'C6 H13 N O2'  131.173 
SER 'L-peptide linking' y SERINE    ? 'C3 H7 N O3'   105.093 
# 
loop_
_pdbx_poly_seq_scheme.asym_id 
_pdbx_poly_seq_scheme.entity_id 
_pdbx_poly_seq_scheme.seq_id 
_pdbx_poly_seq_scheme.mon_id 
_pdbx_poly_seq_scheme.ndb_seq_num 
_pdbx_poly_seq_scheme.pdb_seq_num 
_pdbx_poly_seq_scheme.auth_seq_num 
_pdbx_poly_seq_scheme.pdb_mon_id 
_pdbx_poly_seq_scheme.auth_mon_id 
_pdbx_poly_seq_scheme.pdb_strand_id 
_pdbx_poly_seq_scheme.pdb_ins_code 
_pdbx_poly_seq_scheme.hetero 
A 1 1 DAL 1 1 1 DAL DAL A . n 
A 1 2 LEU 2 2 2 LEU LEU A . n 
A 1 3 SER 3 3 3 SER SER A . n 
A 1 4 LEU 4 4 4 LEU LEU A . n 
A 1 5 CYS 5 5 5 CYS CYS A . n 
A 1 6 ALA 6 6 6 ALA ALA A . n 
# 
_exptl.absorpt_coefficient_mu     ? 
_exptl.absorpt_correction_T_max   ? 
_exptl.absorpt_correction_T_min   ? 
_exptl.absorpt_correction_type    ? 
_exptl.absorpt_process_details    ? 
_exptl.entry_id                   6QYT 
_exptl.crystals_number            ? 
_exptl.details                    ? 
_exptl.method                     'SOLUTION NMR' 
_exptl.method_details             ? 
# 
_struct.entry_id                     6QYT 
_struct.title                        
'Solution NMR of synthetic analogues of nisin and mutacin ring A and ring B - Mutacin I Ring A truncated analogue' 
_struct.pdbx_model_details           ? 
_struct.pdbx_formula_weight          ? 
_struct.pdbx_formula_weight_method   ? 
_struct.pdbx_model_type_details      ? 
_struct.pdbx_CASP_flag               N 
# 
_struct_keywords.entry_id        6QYT 
_struct_keywords.text            'PEPTIDE ANTIBIOTIC, LANTIBIOTIC, ANTIMICROBIAL, BACTERIOCIN, THIOESTER, ANTIBIOTIC' 
_struct_keywords.pdbx_keywords   ANTIBIOTIC 
# 
_struct_asym.id                            A 
_struct_asym.pdbx_blank_PDB_chainid_flag   N 
_struct_asym.pdbx_modified                 N 
_struct_asym.entity_id                     1 
_struct_asym.details                       ? 
# 
_struct_ref.id                         1 
_struct_ref.db_name                    PDB 
_struct_ref.db_code                    6QYT 
_struct_ref.pdbx_db_accession          6QYT 
_struct_ref.pdbx_db_isoform            ? 
_struct_ref.entity_id                  1 
_struct_ref.pdbx_seq_one_letter_code   ? 
_struct_ref.pdbx_align_begin           1 
# 
_struct_ref_seq.align_id                      1 
_struct_ref_seq.ref_id                        1 
_struct_ref_seq.pdbx_PDB_id_code              6QYT 
_struct_ref_seq.pdbx_strand_id                A 
_struct_ref_seq.seq_align_beg                 1 
_struct_ref_seq.pdbx_seq_align_beg_ins_code   ? 
_struct_ref_seq.seq_align_end                 6 
_struct_ref_seq.pdbx_seq_align_end_ins_code   ? 
_struct_ref_seq.pdbx_db_accession             6QYT 
_struct_ref_seq.db_align_beg                  1 
_struct_ref_seq.pdbx_db_align_beg_ins_code    ? 
_struct_ref_seq.db_align_end                  6 
_struct_ref_seq.pdbx_db_align_end_ins_code    ? 
_struct_ref_seq.pdbx_auth_seq_align_beg       1 
_struct_ref_seq.pdbx_auth_seq_align_end       6 
# 
_pdbx_struct_assembly.id                   1 
_pdbx_struct_assembly.details              author_and_software_defined_assembly 
_pdbx_struct_assembly.method_details       PISA 
_pdbx_struct_assembly.oligomeric_details   monomeric 
_pdbx_struct_assembly.oligomeric_count     1 
# 
loop_
_pdbx_struct_assembly_prop.biol_id 
_pdbx_struct_assembly_prop.type 
_pdbx_struct_assembly_prop.value 
_pdbx_struct_assembly_prop.details 
1 'ABSA (A^2)' 0   ? 
1 MORE         0   ? 
1 'SSA (A^2)'  730 ? 
# 
_pdbx_struct_assembly_gen.assembly_id       1 
_pdbx_struct_assembly_gen.oper_expression   1 
_pdbx_struct_assembly_gen.asym_id_list      A 
# 
_pdbx_struct_assembly_auth_evidence.id                     1 
_pdbx_struct_assembly_auth_evidence.assembly_id            1 
_pdbx_struct_assembly_auth_evidence.experimental_support   none 
_pdbx_struct_assembly_auth_evidence.details                ? 
# 
_pdbx_struct_oper_list.id                   1 
_pdbx_struct_oper_list.type                 'identity operation' 
_pdbx_struct_oper_list.name                 1_555 
_pdbx_struct_oper_list.symmetry_operation   ? 
_pdbx_struct_oper_list.matrix[1][1]         1.0000000000 
_pdbx_struct_oper_list.matrix[1][2]         0.0000000000 
_pdbx_struct_oper_list.matrix[1][3]         0.0000000000 
_pdbx_struct_oper_list.vector[1]            0.0000000000 
_pdbx_struct_oper_list.matrix[2][1]         0.0000000000 
_pdbx_struct_oper_list.matrix[2][2]         1.0000000000 
_pdbx_struct_oper_list.matrix[2][3]         0.0000000000 
_pdbx_struct_oper_list.vector[2]            0.0000000000 
_pdbx_struct_oper_list.matrix[3][1]         0.0000000000 
_pdbx_struct_oper_list.matrix[3][2]         0.0000000000 
_pdbx_struct_oper_list.matrix[3][3]         1.0000000000 
_pdbx_struct_oper_list.vector[3]            0.0000000000 
# 
loop_
_struct_conn.id 
_struct_conn.conn_type_id 
_struct_conn.pdbx_leaving_atom_flag 
_struct_conn.pdbx_PDB_id 
_struct_conn.ptnr1_label_asym_id 
_struct_conn.ptnr1_label_comp_id 
_struct_conn.ptnr1_label_seq_id 
_struct_conn.ptnr1_label_atom_id 
_struct_conn.pdbx_ptnr1_label_alt_id 
_struct_conn.pdbx_ptnr1_PDB_ins_code 
_struct_conn.pdbx_ptnr1_standard_comp_id 
_struct_conn.ptnr1_symmetry 
_struct_conn.ptnr2_label_asym_id 
_struct_conn.ptnr2_label_comp_id 
_struct_conn.ptnr2_label_seq_id 
_struct_conn.ptnr2_label_atom_id 
_struct_conn.pdbx_ptnr2_label_alt_id 
_struct_conn.pdbx_ptnr2_PDB_ins_code 
_struct_conn.ptnr1_auth_asym_id 
_struct_conn.ptnr1_auth_comp_id 
_struct_conn.ptnr1_auth_seq_id 
_struct_conn.ptnr2_auth_asym_id 
_struct_conn.ptnr2_auth_comp_id 
_struct_conn.ptnr2_auth_seq_id 
_struct_conn.ptnr2_symmetry 
_struct_conn.pdbx_ptnr3_label_atom_id 
_struct_conn.pdbx_ptnr3_label_seq_id 
_struct_conn.pdbx_ptnr3_label_comp_id 
_struct_conn.pdbx_ptnr3_label_asym_id 
_struct_conn.pdbx_ptnr3_label_alt_id 
_struct_conn.pdbx_ptnr3_PDB_ins_code 
_struct_conn.details 
_struct_conn.pdbx_dist_value 
_struct_conn.pdbx_value_order 
_struct_conn.pdbx_role 
covale1 covale both ? A DAL 1 C  ? ? ? 1_555 A LEU 2 N  ? ? A DAL 1 A LEU 2 1_555 ? ? ? ? ? ? ? 1.329 ? ? 
covale2 covale none ? A DAL 1 CB ? ? ? 1_555 A CYS 5 SG ? ? A DAL 1 A CYS 5 1_555 ? ? ? ? ? ? ? 1.811 ? ? 
# 
_struct_conn_type.id          covale 
_struct_conn_type.criteria    ? 
_struct_conn_type.reference   ? 
# 
_pdbx_modification_feature.ordinal                            1 
_pdbx_modification_feature.label_comp_id                      DAL 
_pdbx_modification_feature.label_asym_id                      A 
_pdbx_modification_feature.label_seq_id                       1 
_pdbx_modification_feature.label_alt_id                       ? 
_pdbx_modification_feature.modified_residue_label_comp_id     CYS 
_pdbx_modification_feature.modified_residue_label_asym_id     A 
_pdbx_modification_feature.modified_residue_label_seq_id      5 
_pdbx_modification_feature.modified_residue_label_alt_id      ? 
_pdbx_modification_feature.auth_comp_id                       DAL 
_pdbx_modification_feature.auth_asym_id                       A 
_pdbx_modification_feature.auth_seq_id                        1 
_pdbx_modification_feature.PDB_ins_code                       ? 
_pdbx_modification_feature.symmetry                           1_555 
_pdbx_modification_feature.modified_residue_auth_comp_id      CYS 
_pdbx_modification_feature.modified_residue_auth_asym_id      A 
_pdbx_modification_feature.modified_residue_auth_seq_id       5 
_pdbx_modification_feature.modified_residue_PDB_ins_code      ? 
_pdbx_modification_feature.modified_residue_symmetry          1_555 
_pdbx_modification_feature.comp_id_linking_atom               CB 
_pdbx_modification_feature.modified_residue_id_linking_atom   SG 
_pdbx_modification_feature.modified_residue_id                . 
_pdbx_modification_feature.ref_pcm_id                         . 
_pdbx_modification_feature.ref_comp_id                        . 
_pdbx_modification_feature.type                               None 
_pdbx_modification_feature.category                           'Non-standard linkage' 
# 
_pdbx_entry_details.entry_id                   6QYT 
_pdbx_entry_details.compound_details           ? 
_pdbx_entry_details.source_details             ? 
_pdbx_entry_details.nonpolymer_details         ? 
_pdbx_entry_details.sequence_details           ? 
_pdbx_entry_details.has_ligand_of_interest     ? 
_pdbx_entry_details.has_protein_modification   Y 
# 
loop_
_pdbx_validate_close_contact.id 
_pdbx_validate_close_contact.PDB_model_num 
_pdbx_validate_close_contact.auth_atom_id_1 
_pdbx_validate_close_contact.auth_asym_id_1 
_pdbx_validate_close_contact.auth_comp_id_1 
_pdbx_validate_close_contact.auth_seq_id_1 
_pdbx_validate_close_contact.PDB_ins_code_1 
_pdbx_validate_close_contact.label_alt_id_1 
_pdbx_validate_close_contact.auth_atom_id_2 
_pdbx_validate_close_contact.auth_asym_id_2 
_pdbx_validate_close_contact.auth_comp_id_2 
_pdbx_validate_close_contact.auth_seq_id_2 
_pdbx_validate_close_contact.PDB_ins_code_2 
_pdbx_validate_close_contact.label_alt_id_2 
_pdbx_validate_close_contact.dist 
1  1  O A DAL 1 ? ? H A CYS 5 ? ? 1.58 
2  2  O A DAL 1 ? ? H A CYS 5 ? ? 1.59 
3  6  O A DAL 1 ? ? H A CYS 5 ? ? 1.52 
4  7  O A DAL 1 ? ? H A CYS 5 ? ? 1.56 
5  9  O A DAL 1 ? ? H A CYS 5 ? ? 1.53 
6  10 O A DAL 1 ? ? H A CYS 5 ? ? 1.53 
7  12 O A DAL 1 ? ? H A CYS 5 ? ? 1.59 
8  14 H A DAL 1 ? ? H A CYS 5 ? ? 1.30 
9  14 O A DAL 1 ? ? H A CYS 5 ? ? 1.53 
10 15 O A DAL 1 ? ? H A CYS 5 ? ? 1.58 
# 
loop_
_pdbx_validate_torsion.id 
_pdbx_validate_torsion.PDB_model_num 
_pdbx_validate_torsion.auth_comp_id 
_pdbx_validate_torsion.auth_asym_id 
_pdbx_validate_torsion.auth_seq_id 
_pdbx_validate_torsion.PDB_ins_code 
_pdbx_validate_torsion.label_alt_id 
_pdbx_validate_torsion.phi 
_pdbx_validate_torsion.psi 
1  1  LEU A 2 ? ? -31.07  -31.89 
2  1  CYS A 5 ? ? -64.18  11.13  
3  2  LEU A 2 ? ? -24.52  -38.56 
4  2  CYS A 5 ? ? -97.89  45.68  
5  3  LEU A 2 ? ? -24.52  -53.56 
6  4  LEU A 2 ? ? -29.40  -43.58 
7  4  CYS A 5 ? ? -54.44  1.69   
8  5  LEU A 2 ? ? -27.68  -33.50 
9  5  CYS A 5 ? ? -96.30  55.43  
10 8  LEU A 2 ? ? -23.26  -40.90 
11 9  LEU A 2 ? ? -22.44  -40.88 
12 9  CYS A 5 ? ? -103.27 67.56  
13 10 LEU A 2 ? ? -23.79  -37.99 
14 10 CYS A 5 ? ? -103.28 50.16  
15 11 LEU A 2 ? ? -21.82  -41.81 
16 12 LEU A 2 ? ? -23.66  -39.43 
17 12 CYS A 5 ? ? -97.38  56.40  
18 13 LEU A 2 ? ? -21.51  -74.87 
19 13 CYS A 5 ? ? -110.04 60.62  
20 14 LEU A 2 ? ? -28.18  -34.49 
21 15 LEU A 2 ? ? -28.26  -34.15 
# 
_pdbx_nmr_ensemble.entry_id                                      6QYT 
_pdbx_nmr_ensemble.conformers_calculated_total_number            100 
_pdbx_nmr_ensemble.conformers_submitted_total_number             15 
_pdbx_nmr_ensemble.conformer_selection_criteria                  lo 
_pdbx_nmr_ensemble.representative_conformer                      ? 
_pdbx_nmr_ensemble.average_constraints_per_residue               ? 
_pdbx_nmr_ensemble.average_constraint_violations_per_residue     ? 
_pdbx_nmr_ensemble.maximum_distance_constraint_violation         ? 
_pdbx_nmr_ensemble.average_distance_constraint_violation         ? 
_pdbx_nmr_ensemble.maximum_upper_distance_constraint_violation   ? 
_pdbx_nmr_ensemble.maximum_lower_distance_constraint_violation   ? 
_pdbx_nmr_ensemble.distance_constraint_violation_method          ? 
_pdbx_nmr_ensemble.maximum_torsion_angle_constraint_violation    ? 
_pdbx_nmr_ensemble.average_torsion_angle_constraint_violation    ? 
_pdbx_nmr_ensemble.torsion_angle_constraint_violation_method     ? 
# 
_pdbx_nmr_representative.entry_id             6QYT 
_pdbx_nmr_representative.conformer_id         1 
_pdbx_nmr_representative.selection_criteria   'closest to the average' 
# 
_pdbx_nmr_sample_details.solution_id      1 
_pdbx_nmr_sample_details.contents         '5.5 mg/mL Mutacin I Ring A truncated analogue, DMSO' 
_pdbx_nmr_sample_details.solvent_system   DMSO 
_pdbx_nmr_sample_details.label            sample_1 
_pdbx_nmr_sample_details.type             'lyophilized powder' 
_pdbx_nmr_sample_details.details          ? 
# 
_pdbx_nmr_exptl_sample.solution_id           1 
_pdbx_nmr_exptl_sample.component             'Mutacin I Ring A truncated analogue' 
_pdbx_nmr_exptl_sample.concentration         5.5 
_pdbx_nmr_exptl_sample.concentration_range   ? 
_pdbx_nmr_exptl_sample.concentration_units   mg/mL 
_pdbx_nmr_exptl_sample.isotopic_labeling     'natural abundance' 
# 
_pdbx_nmr_exptl_sample_conditions.conditions_id          1 
_pdbx_nmr_exptl_sample_conditions.temperature            298 
_pdbx_nmr_exptl_sample_conditions.pressure_units         atm 
_pdbx_nmr_exptl_sample_conditions.pressure               1 
_pdbx_nmr_exptl_sample_conditions.pH                     5.0 
_pdbx_nmr_exptl_sample_conditions.ionic_strength         'TFA salt' 
_pdbx_nmr_exptl_sample_conditions.details                ? 
_pdbx_nmr_exptl_sample_conditions.ionic_strength_err     ? 
_pdbx_nmr_exptl_sample_conditions.ionic_strength_units   'Not defined' 
_pdbx_nmr_exptl_sample_conditions.label                  DMSO_rt 
_pdbx_nmr_exptl_sample_conditions.pH_err                 ? 
_pdbx_nmr_exptl_sample_conditions.pH_units               pH 
_pdbx_nmr_exptl_sample_conditions.pressure_err           ? 
_pdbx_nmr_exptl_sample_conditions.temperature_err        ? 
_pdbx_nmr_exptl_sample_conditions.temperature_units      K 
# 
loop_
_pdbx_nmr_exptl.experiment_id 
_pdbx_nmr_exptl.conditions_id 
_pdbx_nmr_exptl.solution_id 
_pdbx_nmr_exptl.type 
_pdbx_nmr_exptl.spectrometer_id 
_pdbx_nmr_exptl.sample_state 
1 1 1 '2D 1H-1H COSY'  1 isotropic 
2 1 1 '2D 1H-1H NOESY' 1 isotropic 
3 1 1 '2D 1H-13C HSQC' 1 isotropic 
4 1 1 '2D 1H-13C HMBC' 1 isotropic 
# 
_pdbx_nmr_refine.entry_id           6QYT 
_pdbx_nmr_refine.method             'simulated annealing' 
_pdbx_nmr_refine.details            ? 
_pdbx_nmr_refine.software_ordinal   2 
# 
loop_
_pdbx_nmr_software.ordinal 
_pdbx_nmr_software.classification 
_pdbx_nmr_software.name 
_pdbx_nmr_software.version 
_pdbx_nmr_software.authors 
1 'structure calculation'     Xplor-NIH         2.45 'Schwieters, Kuszewski, Tjandra and Clore' 
2 refinement                  Xplor-NIH         2.45 'Schwieters, Kuszewski, Tjandra and Clore' 
3 'chemical shift assignment' 'CcpNmr Analysis' ?    CCPN                                       
4 'peak picking'              'CcpNmr Analysis' ?    CCPN                                       
# 
loop_
_chem_comp_atom.comp_id 
_chem_comp_atom.atom_id 
_chem_comp_atom.type_symbol 
_chem_comp_atom.pdbx_aromatic_flag 
_chem_comp_atom.pdbx_stereo_config 
_chem_comp_atom.pdbx_ordinal 
ALA N    N N N 1  
ALA CA   C N S 2  
ALA C    C N N 3  
ALA O    O N N 4  
ALA CB   C N N 5  
ALA OXT  O N N 6  
ALA H    H N N 7  
ALA H2   H N N 8  
ALA HA   H N N 9  
ALA HB1  H N N 10 
ALA HB2  H N N 11 
ALA HB3  H N N 12 
ALA HXT  H N N 13 
CYS N    N N N 14 
CYS CA   C N R 15 
CYS C    C N N 16 
CYS O    O N N 17 
CYS CB   C N N 18 
CYS SG   S N N 19 
CYS OXT  O N N 20 
CYS H    H N N 21 
CYS H2   H N N 22 
CYS HA   H N N 23 
CYS HB2  H N N 24 
CYS HB3  H N N 25 
CYS HG   H N N 26 
CYS HXT  H N N 27 
DAL N    N N N 28 
DAL CA   C N R 29 
DAL CB   C N N 30 
DAL C    C N N 31 
DAL O    O N N 32 
DAL OXT  O N N 33 
DAL H    H N N 34 
DAL H2   H N N 35 
DAL HA   H N N 36 
DAL HB1  H N N 37 
DAL HB2  H N N 38 
DAL HB3  H N N 39 
DAL HXT  H N N 40 
LEU N    N N N 41 
LEU CA   C N S 42 
LEU C    C N N 43 
LEU O    O N N 44 
LEU CB   C N N 45 
LEU CG   C N N 46 
LEU CD1  C N N 47 
LEU CD2  C N N 48 
LEU OXT  O N N 49 
LEU H    H N N 50 
LEU H2   H N N 51 
LEU HA   H N N 52 
LEU HB2  H N N 53 
LEU HB3  H N N 54 
LEU HG   H N N 55 
LEU HD11 H N N 56 
LEU HD12 H N N 57 
LEU HD13 H N N 58 
LEU HD21 H N N 59 
LEU HD22 H N N 60 
LEU HD23 H N N 61 
LEU HXT  H N N 62 
SER N    N N N 63 
SER CA   C N S 64 
SER C    C N N 65 
SER O    O N N 66 
SER CB   C N N 67 
SER OG   O N N 68 
SER OXT  O N N 69 
SER H    H N N 70 
SER H2   H N N 71 
SER HA   H N N 72 
SER HB2  H N N 73 
SER HB3  H N N 74 
SER HG   H N N 75 
SER HXT  H N N 76 
# 
loop_
_chem_comp_bond.comp_id 
_chem_comp_bond.atom_id_1 
_chem_comp_bond.atom_id_2 
_chem_comp_bond.value_order 
_chem_comp_bond.pdbx_aromatic_flag 
_chem_comp_bond.pdbx_stereo_config 
_chem_comp_bond.pdbx_ordinal 
ALA N   CA   sing N N 1  
ALA N   H    sing N N 2  
ALA N   H2   sing N N 3  
ALA CA  C    sing N N 4  
ALA CA  CB   sing N N 5  
ALA CA  HA   sing N N 6  
ALA C   O    doub N N 7  
ALA C   OXT  sing N N 8  
ALA CB  HB1  sing N N 9  
ALA CB  HB2  sing N N 10 
ALA CB  HB3  sing N N 11 
ALA OXT HXT  sing N N 12 
CYS N   CA   sing N N 13 
CYS N   H    sing N N 14 
CYS N   H2   sing N N 15 
CYS CA  C    sing N N 16 
CYS CA  CB   sing N N 17 
CYS CA  HA   sing N N 18 
CYS C   O    doub N N 19 
CYS C   OXT  sing N N 20 
CYS CB  SG   sing N N 21 
CYS CB  HB2  sing N N 22 
CYS CB  HB3  sing N N 23 
CYS SG  HG   sing N N 24 
CYS OXT HXT  sing N N 25 
DAL N   CA   sing N N 26 
DAL N   H    sing N N 27 
DAL N   H2   sing N N 28 
DAL CA  CB   sing N N 29 
DAL CA  C    sing N N 30 
DAL CA  HA   sing N N 31 
DAL CB  HB1  sing N N 32 
DAL CB  HB2  sing N N 33 
DAL CB  HB3  sing N N 34 
DAL C   O    doub N N 35 
DAL C   OXT  sing N N 36 
DAL OXT HXT  sing N N 37 
LEU N   CA   sing N N 38 
LEU N   H    sing N N 39 
LEU N   H2   sing N N 40 
LEU CA  C    sing N N 41 
LEU CA  CB   sing N N 42 
LEU CA  HA   sing N N 43 
LEU C   O    doub N N 44 
LEU C   OXT  sing N N 45 
LEU CB  CG   sing N N 46 
LEU CB  HB2  sing N N 47 
LEU CB  HB3  sing N N 48 
LEU CG  CD1  sing N N 49 
LEU CG  CD2  sing N N 50 
LEU CG  HG   sing N N 51 
LEU CD1 HD11 sing N N 52 
LEU CD1 HD12 sing N N 53 
LEU CD1 HD13 sing N N 54 
LEU CD2 HD21 sing N N 55 
LEU CD2 HD22 sing N N 56 
LEU CD2 HD23 sing N N 57 
LEU OXT HXT  sing N N 58 
SER N   CA   sing N N 59 
SER N   H    sing N N 60 
SER N   H2   sing N N 61 
SER CA  C    sing N N 62 
SER CA  CB   sing N N 63 
SER CA  HA   sing N N 64 
SER C   O    doub N N 65 
SER C   OXT  sing N N 66 
SER CB  OG   sing N N 67 
SER CB  HB2  sing N N 68 
SER CB  HB3  sing N N 69 
SER OG  HG   sing N N 70 
SER OXT HXT  sing N N 71 
# 
_pdbx_audit_support.funding_organization   'Engineering and Physical Sciences Research Council' 
_pdbx_audit_support.country                'United Kingdom' 
_pdbx_audit_support.grant_number           EP/L504889/1 
_pdbx_audit_support.ordinal                1 
# 
_pdbx_nmr_spectrometer.spectrometer_id   1 
_pdbx_nmr_spectrometer.model             AVANCE 
_pdbx_nmr_spectrometer.type              ? 
_pdbx_nmr_spectrometer.manufacturer      Bruker 
_pdbx_nmr_spectrometer.field_strength    600 
_pdbx_nmr_spectrometer.details           ? 
# 
_atom_sites.entry_id                    6QYT 
_atom_sites.fract_transf_matrix[1][1]   1.000000 
_atom_sites.fract_transf_matrix[1][2]   0.000000 
_atom_sites.fract_transf_matrix[1][3]   0.000000 
_atom_sites.fract_transf_matrix[2][1]   0.000000 
_atom_sites.fract_transf_matrix[2][2]   1.000000 
_atom_sites.fract_transf_matrix[2][3]   0.000000 
_atom_sites.fract_transf_matrix[3][1]   0.000000 
_atom_sites.fract_transf_matrix[3][2]   0.000000 
_atom_sites.fract_transf_matrix[3][3]   1.000000 
_atom_sites.fract_transf_vector[1]      0.00000 
_atom_sites.fract_transf_vector[2]      0.00000 
_atom_sites.fract_transf_vector[3]      0.00000 
# 
loop_
_atom_type.symbol 
C 
H 
N 
O 
S 
# 
loop_
_atom_site.group_PDB 
_atom_site.id 
_atom_site.type_symbol 
_atom_site.label_atom_id 
_atom_site.label_alt_id 
_atom_site.label_comp_id 
_atom_site.label_asym_id 
_atom_site.label_entity_id 
_atom_site.label_seq_id 
_atom_site.pdbx_PDB_ins_code 
_atom_site.Cartn_x 
_atom_site.Cartn_y 
_atom_site.Cartn_z 
_atom_site.occupancy 
_atom_site.B_iso_or_equiv 
_atom_site.pdbx_formal_charge 
_atom_site.auth_seq_id 
_atom_site.auth_comp_id 
_atom_site.auth_asym_id 
_atom_site.auth_atom_id 
_atom_site.pdbx_PDB_model_num 
HETATM 1    N N    . DAL A 1 1 ? -1.027 -2.967 -0.121 1.00 0.00 1 1 DAL A N    1  
HETATM 2    C CA   . DAL A 1 1 ? -0.370 -2.835 1.209  1.00 0.00 ? 1 DAL A CA   1  
HETATM 3    C CB   . DAL A 1 1 ? -1.436 -2.778 2.305  1.00 0.00 ? 1 DAL A CB   1  
HETATM 4    C C    . DAL A 1 1 ? 0.467  -1.561 1.238  1.00 0.00 ? 1 DAL A C    1  
HETATM 5    O O    . DAL A 1 1 ? 0.292  -0.674 0.401  1.00 0.00 ? 1 DAL A O    1  
HETATM 6    H H2   . DAL A 1 1 ? -0.627 -2.265 -0.777 1.00 0.00 ? 1 DAL A H2   1  
HETATM 7    H H    . DAL A 1 1 ? -0.863 -3.923 -0.496 1.00 0.00 ? 1 DAL A H    1  
HETATM 8    H H3   . DAL A 1 1 ? -2.049 -2.807 -0.023 1.00 0.00 ? 1 DAL A H3   1  
HETATM 9    H HA   . DAL A 1 1 ? 0.272  -3.687 1.378  1.00 0.00 ? 1 DAL A HA   1  
HETATM 10   H HB1  . DAL A 1 1 ? -1.096 -2.134 3.100  1.00 0.00 ? 1 DAL A HB1  1  
HETATM 11   H HB2  . DAL A 1 1 ? -1.605 -3.771 2.695  1.00 0.00 ? 1 DAL A HB2  1  
ATOM   12   N N    . LEU A 1 2 ? 1.376  -1.476 2.203  1.00 0.00 ? 2 LEU A N    1  
ATOM   13   C CA   . LEU A 1 2 ? 2.234  -0.305 2.326  1.00 0.00 ? 2 LEU A CA   1  
ATOM   14   C C    . LEU A 1 2 ? 2.493  0.296  0.950  1.00 0.00 ? 2 LEU A C    1  
ATOM   15   O O    . LEU A 1 2 ? 2.659  1.508  0.809  1.00 0.00 ? 2 LEU A O    1  
ATOM   16   C CB   . LEU A 1 2 ? 3.564  -0.693 2.975  1.00 0.00 ? 2 LEU A CB   1  
ATOM   17   C CG   . LEU A 1 2 ? 3.546  -0.307 4.455  1.00 0.00 ? 2 LEU A CG   1  
ATOM   18   C CD1  . LEU A 1 2 ? 2.372  -0.998 5.155  1.00 0.00 ? 2 LEU A CD1  1  
ATOM   19   C CD2  . LEU A 1 2 ? 4.860  -0.743 5.113  1.00 0.00 ? 2 LEU A CD2  1  
ATOM   20   H H    . LEU A 1 2 ? 1.474  -2.214 2.841  1.00 0.00 ? 2 LEU A H    1  
ATOM   21   H HA   . LEU A 1 2 ? 1.742  0.430  2.946  1.00 0.00 ? 2 LEU A HA   1  
ATOM   22   H HB2  . LEU A 1 2 ? 3.710  -1.759 2.883  1.00 0.00 ? 2 LEU A HB2  1  
ATOM   23   H HB3  . LEU A 1 2 ? 4.371  -0.175 2.480  1.00 0.00 ? 2 LEU A HB3  1  
ATOM   24   H HG   . LEU A 1 2 ? 3.436  0.765  4.545  1.00 0.00 ? 2 LEU A HG   1  
ATOM   25   H HD11 . LEU A 1 2 ? 1.784  -0.263 5.683  1.00 0.00 ? 2 LEU A HD11 1  
ATOM   26   H HD12 . LEU A 1 2 ? 2.749  -1.728 5.855  1.00 0.00 ? 2 LEU A HD12 1  
ATOM   27   H HD13 . LEU A 1 2 ? 1.755  -1.492 4.419  1.00 0.00 ? 2 LEU A HD13 1  
ATOM   28   H HD21 . LEU A 1 2 ? 4.646  -1.342 5.986  1.00 0.00 ? 2 LEU A HD21 1  
ATOM   29   H HD22 . LEU A 1 2 ? 5.423  0.131  5.406  1.00 0.00 ? 2 LEU A HD22 1  
ATOM   30   H HD23 . LEU A 1 2 ? 5.440  -1.324 4.410  1.00 0.00 ? 2 LEU A HD23 1  
ATOM   31   N N    . SER A 1 3 ? 2.530  -0.566 -0.058 1.00 0.00 ? 3 SER A N    1  
ATOM   32   C CA   . SER A 1 3 ? 2.770  -0.123 -1.425 1.00 0.00 ? 3 SER A CA   1  
ATOM   33   C C    . SER A 1 3 ? 1.456  0.122  -2.163 1.00 0.00 ? 3 SER A C    1  
ATOM   34   O O    . SER A 1 3 ? 1.276  1.164  -2.793 1.00 0.00 ? 3 SER A O    1  
ATOM   35   C CB   . SER A 1 3 ? 3.588  -1.175 -2.175 1.00 0.00 ? 3 SER A CB   1  
ATOM   36   O OG   . SER A 1 3 ? 3.090  -2.469 -1.859 1.00 0.00 ? 3 SER A OG   1  
ATOM   37   H H    . SER A 1 3 ? 2.393  -1.520 0.123  1.00 0.00 ? 3 SER A H    1  
ATOM   38   H HA   . SER A 1 3 ? 3.333  0.798  -1.400 1.00 0.00 ? 3 SER A HA   1  
ATOM   39   H HB2  . SER A 1 3 ? 3.501  -1.012 -3.236 1.00 0.00 ? 3 SER A HB2  1  
ATOM   40   H HB3  . SER A 1 3 ? 4.627  -1.097 -1.885 1.00 0.00 ? 3 SER A HB3  1  
ATOM   41   H HG   . SER A 1 3 ? 2.934  -2.936 -2.683 1.00 0.00 ? 3 SER A HG   1  
ATOM   42   N N    . LEU A 1 4 ? 0.543  -0.846 -2.091 1.00 0.00 ? 4 LEU A N    1  
ATOM   43   C CA   . LEU A 1 4 ? -0.743 -0.714 -2.772 1.00 0.00 ? 4 LEU A CA   1  
ATOM   44   C C    . LEU A 1 4 ? -1.775 -0.023 -1.881 1.00 0.00 ? 4 LEU A C    1  
ATOM   45   O O    . LEU A 1 4 ? -2.572 0.783  -2.359 1.00 0.00 ? 4 LEU A O    1  
ATOM   46   C CB   . LEU A 1 4 ? -1.261 -2.094 -3.186 1.00 0.00 ? 4 LEU A CB   1  
ATOM   47   C CG   . LEU A 1 4 ? -1.848 -2.013 -4.595 1.00 0.00 ? 4 LEU A CG   1  
ATOM   48   C CD1  . LEU A 1 4 ? -0.713 -1.989 -5.620 1.00 0.00 ? 4 LEU A CD1  1  
ATOM   49   C CD2  . LEU A 1 4 ? -2.735 -3.235 -4.848 1.00 0.00 ? 4 LEU A CD2  1  
ATOM   50   H H    . LEU A 1 4 ? 0.739  -1.661 -1.583 1.00 0.00 ? 4 LEU A H    1  
ATOM   51   H HA   . LEU A 1 4 ? -0.602 -0.119 -3.661 1.00 0.00 ? 4 LEU A HA   1  
ATOM   52   H HB2  . LEU A 1 4 ? -0.446 -2.804 -3.177 1.00 0.00 ? 4 LEU A HB2  1  
ATOM   53   H HB3  . LEU A 1 4 ? -2.026 -2.415 -2.498 1.00 0.00 ? 4 LEU A HB3  1  
ATOM   54   H HG   . LEU A 1 4 ? -2.437 -1.112 -4.690 1.00 0.00 ? 4 LEU A HG   1  
ATOM   55   H HD11 . LEU A 1 4 ? -1.094 -2.282 -6.588 1.00 0.00 ? 4 LEU A HD11 1  
ATOM   56   H HD12 . LEU A 1 4 ? 0.061  -2.678 -5.316 1.00 0.00 ? 4 LEU A HD12 1  
ATOM   57   H HD13 . LEU A 1 4 ? -0.304 -0.992 -5.681 1.00 0.00 ? 4 LEU A HD13 1  
ATOM   58   H HD21 . LEU A 1 4 ? -2.116 -4.092 -5.069 1.00 0.00 ? 4 LEU A HD21 1  
ATOM   59   H HD22 . LEU A 1 4 ? -3.390 -3.039 -5.685 1.00 0.00 ? 4 LEU A HD22 1  
ATOM   60   H HD23 . LEU A 1 4 ? -3.328 -3.437 -3.968 1.00 0.00 ? 4 LEU A HD23 1  
ATOM   61   N N    . CYS A 1 5 ? -1.762 -0.338 -0.588 1.00 0.00 ? 5 CYS A N    1  
ATOM   62   C CA   . CYS A 1 5 ? -2.710 0.266  0.341  1.00 0.00 ? 5 CYS A CA   1  
ATOM   63   C C    . CYS A 1 5 ? -2.479 1.770  0.442  1.00 0.00 ? 5 CYS A C    1  
ATOM   64   O O    . CYS A 1 5 ? -3.034 2.435  1.317  1.00 0.00 ? 5 CYS A O    1  
ATOM   65   C CB   . CYS A 1 5 ? -2.563 -0.371 1.723  1.00 0.00 ? 5 CYS A CB   1  
ATOM   66   S SG   . CYS A 1 5 ? -2.983 -2.130 1.621  1.00 0.00 ? 5 CYS A SG   1  
ATOM   67   H H    . CYS A 1 5 ? -1.109 -0.987 -0.253 1.00 0.00 ? 5 CYS A H    1  
ATOM   68   H HA   . CYS A 1 5 ? -3.713 0.090  -0.019 1.00 0.00 ? 5 CYS A HA   1  
ATOM   69   H HB2  . CYS A 1 5 ? -1.544 -0.261 2.063  1.00 0.00 ? 5 CYS A HB2  1  
ATOM   70   H HB3  . CYS A 1 5 ? -3.230 0.119  2.418  1.00 0.00 ? 5 CYS A HB3  1  
ATOM   71   N N    . ALA A 1 6 ? -1.659 2.301  -0.460 1.00 0.00 ? 6 ALA A N    1  
ATOM   72   C CA   . ALA A 1 6 ? -1.366 3.729  -0.460 1.00 0.00 ? 6 ALA A CA   1  
ATOM   73   C C    . ALA A 1 6 ? -2.637 4.536  -0.704 1.00 0.00 ? 6 ALA A C    1  
ATOM   74   O O    . ALA A 1 6 ? -3.705 3.946  -0.664 1.00 0.00 ? 6 ALA A O    1  
ATOM   75   C CB   . ALA A 1 6 ? -0.339 4.050  -1.547 1.00 0.00 ? 6 ALA A CB   1  
ATOM   76   O OXT  . ALA A 1 6 ? -2.525 5.730  -0.930 1.00 0.00 ? 6 ALA A OXT  1  
ATOM   77   H H    . ALA A 1 6 ? -1.247 1.723  -1.136 1.00 0.00 ? 6 ALA A H    1  
ATOM   78   H HA   . ALA A 1 6 ? -0.955 4.003  0.500  1.00 0.00 ? 6 ALA A HA   1  
ATOM   79   H HB1  . ALA A 1 6 ? -0.447 5.081  -1.851 1.00 0.00 ? 6 ALA A HB1  1  
ATOM   80   H HB2  . ALA A 1 6 ? -0.501 3.406  -2.399 1.00 0.00 ? 6 ALA A HB2  1  
ATOM   81   H HB3  . ALA A 1 6 ? 0.656  3.892  -1.160 1.00 0.00 ? 6 ALA A HB3  1  
HETATM 82   N N    . DAL A 1 1 ? -0.184 -3.624 -0.176 1.00 0.00 1 1 DAL A N    2  
HETATM 83   C CA   . DAL A 1 1 ? -0.285 -2.996 1.171  1.00 0.00 ? 1 DAL A CA   2  
HETATM 84   C CB   . DAL A 1 1 ? -1.754 -2.716 1.489  1.00 0.00 ? 1 DAL A CB   2  
HETATM 85   C C    . DAL A 1 1 ? 0.508  -1.697 1.183  1.00 0.00 ? 1 DAL A C    2  
HETATM 86   O O    . DAL A 1 1 ? 0.346  -0.855 0.301  1.00 0.00 ? 1 DAL A O    2  
HETATM 87   H H2   . DAL A 1 1 ? 0.286  -2.967 -0.830 1.00 0.00 ? 1 DAL A H2   2  
HETATM 88   H H    . DAL A 1 1 ? 0.370  -4.503 -0.109 1.00 0.00 ? 1 DAL A H    2  
HETATM 89   H H3   . DAL A 1 1 ? -1.135 -3.844 -0.529 1.00 0.00 ? 1 DAL A H3   2  
HETATM 90   H HA   . DAL A 1 1 ? 0.122  -3.669 1.911  1.00 0.00 ? 1 DAL A HA   2  
HETATM 91   H HB1  . DAL A 1 1 ? -2.135 -3.505 2.121  1.00 0.00 ? 1 DAL A HB1  2  
HETATM 92   H HB2  . DAL A 1 1 ? -2.319 -2.686 0.572  1.00 0.00 ? 1 DAL A HB2  2  
ATOM   93   N N    . LEU A 1 2 ? 1.358  -1.543 2.193  1.00 0.00 ? 2 LEU A N    2  
ATOM   94   C CA   . LEU A 1 2 ? 2.175  -0.341 2.322  1.00 0.00 ? 2 LEU A CA   2  
ATOM   95   C C    . LEU A 1 2 ? 2.369  0.317  0.960  1.00 0.00 ? 2 LEU A C    2  
ATOM   96   O O    . LEU A 1 2 ? 2.354  1.542  0.840  1.00 0.00 ? 2 LEU A O    2  
ATOM   97   C CB   . LEU A 1 2 ? 3.539  -0.699 2.920  1.00 0.00 ? 2 LEU A CB   2  
ATOM   98   C CG   . LEU A 1 2 ? 3.773  0.117  4.193  1.00 0.00 ? 2 LEU A CG   2  
ATOM   99   C CD1  . LEU A 1 2 ? 3.727  1.609  3.858  1.00 0.00 ? 2 LEU A CD1  2  
ATOM   100  C CD2  . LEU A 1 2 ? 2.683  -0.211 5.219  1.00 0.00 ? 2 LEU A CD2  2  
ATOM   101  H H    . LEU A 1 2 ? 1.434  -2.251 2.867  1.00 0.00 ? 2 LEU A H    2  
ATOM   102  H HA   . LEU A 1 2 ? 1.674  0.354  2.979  1.00 0.00 ? 2 LEU A HA   2  
ATOM   103  H HB2  . LEU A 1 2 ? 3.561  -1.753 3.157  1.00 0.00 ? 2 LEU A HB2  2  
ATOM   104  H HB3  . LEU A 1 2 ? 4.317  -0.476 2.205  1.00 0.00 ? 2 LEU A HB3  2  
ATOM   105  H HG   . LEU A 1 2 ? 4.742  -0.129 4.604  1.00 0.00 ? 2 LEU A HG   2  
ATOM   106  H HD11 . LEU A 1 2 ? 4.499  2.125  4.408  1.00 0.00 ? 2 LEU A HD11 2  
ATOM   107  H HD12 . LEU A 1 2 ? 2.762  2.010  4.130  1.00 0.00 ? 2 LEU A HD12 2  
ATOM   108  H HD13 . LEU A 1 2 ? 3.887  1.744  2.799  1.00 0.00 ? 2 LEU A HD13 2  
ATOM   109  H HD21 . LEU A 1 2 ? 2.015  -0.957 4.811  1.00 0.00 ? 2 LEU A HD21 2  
ATOM   110  H HD22 . LEU A 1 2 ? 2.124  0.682  5.452  1.00 0.00 ? 2 LEU A HD22 2  
ATOM   111  H HD23 . LEU A 1 2 ? 3.140  -0.595 6.119  1.00 0.00 ? 2 LEU A HD23 2  
ATOM   112  N N    . SER A 1 3 ? 2.544  -0.511 -0.066 1.00 0.00 ? 3 SER A N    2  
ATOM   113  C CA   . SER A 1 3 ? 2.735  -0.008 -1.421 1.00 0.00 ? 3 SER A CA   2  
ATOM   114  C C    . SER A 1 3 ? 1.394  0.134  -2.142 1.00 0.00 ? 3 SER A C    2  
ATOM   115  O O    . SER A 1 3 ? 1.132  1.150  -2.785 1.00 0.00 ? 3 SER A O    2  
ATOM   116  C CB   . SER A 1 3 ? 3.641  -0.956 -2.205 1.00 0.00 ? 3 SER A CB   2  
ATOM   117  O OG   . SER A 1 3 ? 3.351  -0.841 -3.592 1.00 0.00 ? 3 SER A OG   2  
ATOM   118  H H    . SER A 1 3 ? 2.545  -1.479 0.093  1.00 0.00 ? 3 SER A H    2  
ATOM   119  H HA   . SER A 1 3 ? 3.208  0.961  -1.369 1.00 0.00 ? 3 SER A HA   2  
ATOM   120  H HB2  . SER A 1 3 ? 4.672  -0.694 -2.036 1.00 0.00 ? 3 SER A HB2  2  
ATOM   121  H HB3  . SER A 1 3 ? 3.470  -1.972 -1.874 1.00 0.00 ? 3 SER A HB3  2  
ATOM   122  H HG   . SER A 1 3 ? 4.141  -1.082 -4.081 1.00 0.00 ? 3 SER A HG   2  
ATOM   123  N N    . LEU A 1 4 ? 0.549  -0.891 -2.036 1.00 0.00 ? 4 LEU A N    2  
ATOM   124  C CA   . LEU A 1 4 ? -0.757 -0.863 -2.689 1.00 0.00 ? 4 LEU A CA   2  
ATOM   125  C C    . LEU A 1 4 ? -1.752 -0.035 -1.879 1.00 0.00 ? 4 LEU A C    2  
ATOM   126  O O    . LEU A 1 4 ? -2.484 0.785  -2.436 1.00 0.00 ? 4 LEU A O    2  
ATOM   127  C CB   . LEU A 1 4 ? -1.286 -2.289 -2.857 1.00 0.00 ? 4 LEU A CB   2  
ATOM   128  C CG   . LEU A 1 4 ? -0.172 -3.183 -3.404 1.00 0.00 ? 4 LEU A CG   2  
ATOM   129  C CD1  . LEU A 1 4 ? -0.646 -4.638 -3.426 1.00 0.00 ? 4 LEU A CD1  2  
ATOM   130  C CD2  . LEU A 1 4 ? 0.181  -2.740 -4.826 1.00 0.00 ? 4 LEU A CD2  2  
ATOM   131  H H    . LEU A 1 4 ? 0.807  -1.679 -1.515 1.00 0.00 ? 4 LEU A H    2  
ATOM   132  H HA   . LEU A 1 4 ? -0.647 -0.418 -3.665 1.00 0.00 ? 4 LEU A HA   2  
ATOM   133  H HB2  . LEU A 1 4 ? -1.616 -2.667 -1.900 1.00 0.00 ? 4 LEU A HB2  2  
ATOM   134  H HB3  . LEU A 1 4 ? -2.116 -2.287 -3.548 1.00 0.00 ? 4 LEU A HB3  2  
ATOM   135  H HG   . LEU A 1 4 ? 0.700  -3.097 -2.772 1.00 0.00 ? 4 LEU A HG   2  
ATOM   136  H HD11 . LEU A 1 4 ? -0.081 -5.211 -2.704 1.00 0.00 ? 4 LEU A HD11 2  
ATOM   137  H HD12 . LEU A 1 4 ? -0.495 -5.051 -4.411 1.00 0.00 ? 4 LEU A HD12 2  
ATOM   138  H HD13 . LEU A 1 4 ? -1.696 -4.680 -3.175 1.00 0.00 ? 4 LEU A HD13 2  
ATOM   139  H HD21 . LEU A 1 4 ? 0.897  -1.933 -4.785 1.00 0.00 ? 4 LEU A HD21 2  
ATOM   140  H HD22 . LEU A 1 4 ? -0.713 -2.403 -5.330 1.00 0.00 ? 4 LEU A HD22 2  
ATOM   141  H HD23 . LEU A 1 4 ? 0.606  -3.572 -5.367 1.00 0.00 ? 4 LEU A HD23 2  
ATOM   142  N N    . CYS A 1 5 ? -1.774 -0.246 -0.566 1.00 0.00 ? 5 CYS A N    2  
ATOM   143  C CA   . CYS A 1 5 ? -2.686 0.496  0.296  1.00 0.00 ? 5 CYS A CA   2  
ATOM   144  C C    . CYS A 1 5 ? -1.964 1.673  0.946  1.00 0.00 ? 5 CYS A C    2  
ATOM   145  O O    . CYS A 1 5 ? -2.095 1.910  2.146  1.00 0.00 ? 5 CYS A O    2  
ATOM   146  C CB   . CYS A 1 5 ? -3.256 -0.421 1.383  1.00 0.00 ? 5 CYS A CB   2  
ATOM   147  S SG   . CYS A 1 5 ? -1.901 -1.128 2.357  1.00 0.00 ? 5 CYS A SG   2  
ATOM   148  H H    . CYS A 1 5 ? -1.168 -0.907 -0.173 1.00 0.00 ? 5 CYS A H    2  
ATOM   149  H HA   . CYS A 1 5 ? -3.502 0.875  -0.302 1.00 0.00 ? 5 CYS A HA   2  
ATOM   150  H HB2  . CYS A 1 5 ? -3.900 0.155  2.032  1.00 0.00 ? 5 CYS A HB2  2  
ATOM   151  H HB3  . CYS A 1 5 ? -3.829 -1.211 0.925  1.00 0.00 ? 5 CYS A HB3  2  
ATOM   152  N N    . ALA A 1 6 ? -1.202 2.407  0.139  1.00 0.00 ? 6 ALA A N    2  
ATOM   153  C CA   . ALA A 1 6 ? -0.461 3.558  0.638  1.00 0.00 ? 6 ALA A CA   2  
ATOM   154  C C    . ALA A 1 6 ? -1.368 4.467  1.461  1.00 0.00 ? 6 ALA A C    2  
ATOM   155  O O    . ALA A 1 6 ? -0.976 4.825  2.559  1.00 0.00 ? 6 ALA A O    2  
ATOM   156  C CB   . ALA A 1 6 ? 0.127  4.346  -0.534 1.00 0.00 ? 6 ALA A CB   2  
ATOM   157  O OXT  . ALA A 1 6 ? -2.441 4.792  0.979  1.00 0.00 ? 6 ALA A OXT  2  
ATOM   158  H H    . ALA A 1 6 ? -1.138 2.168  -0.809 1.00 0.00 ? 6 ALA A H    2  
ATOM   159  H HA   . ALA A 1 6 ? 0.349  3.211  1.264  1.00 0.00 ? 6 ALA A HA   2  
ATOM   160  H HB1  . ALA A 1 6 ? 1.165  4.077  -0.667 1.00 0.00 ? 6 ALA A HB1  2  
ATOM   161  H HB2  . ALA A 1 6 ? 0.053  5.405  -0.330 1.00 0.00 ? 6 ALA A HB2  2  
ATOM   162  H HB3  . ALA A 1 6 ? -0.422 4.115  -1.435 1.00 0.00 ? 6 ALA A HB3  2  
HETATM 163  N N    . DAL A 1 1 ? -1.354 -2.802 0.072  1.00 0.00 1 1 DAL A N    3  
HETATM 164  C CA   . DAL A 1 1 ? -0.556 -2.747 1.328  1.00 0.00 ? 1 DAL A CA   3  
HETATM 165  C CB   . DAL A 1 1 ? -1.499 -2.615 2.524  1.00 0.00 ? 1 DAL A CB   3  
HETATM 166  C C    . DAL A 1 1 ? 0.383  -1.547 1.280  1.00 0.00 ? 1 DAL A C    3  
HETATM 167  O O    . DAL A 1 1 ? 0.214  -0.645 0.462  1.00 0.00 ? 1 DAL A O    3  
HETATM 168  H H2   . DAL A 1 1 ? -1.665 -3.781 -0.098 1.00 0.00 ? 1 DAL A H2   3  
HETATM 169  H H    . DAL A 1 1 ? -2.184 -2.183 0.161  1.00 0.00 ? 1 DAL A H    3  
HETATM 170  H H3   . DAL A 1 1 ? -0.768 -2.482 -0.724 1.00 0.00 ? 1 DAL A H3   3  
HETATM 171  H HA   . DAL A 1 1 ? 0.024  -3.653 1.425  1.00 0.00 ? 1 DAL A HA   3  
HETATM 172  H HB1  . DAL A 1 1 ? -1.058 -1.952 3.253  1.00 0.00 ? 1 DAL A HB1  3  
HETATM 173  H HB2  . DAL A 1 1 ? -1.654 -3.587 2.969  1.00 0.00 ? 1 DAL A HB2  3  
ATOM   174  N N    . LEU A 1 2 ? 1.370  -1.549 2.170  1.00 0.00 ? 2 LEU A N    3  
ATOM   175  C CA   . LEU A 1 2 ? 2.336  -0.460 2.238  1.00 0.00 ? 2 LEU A CA   3  
ATOM   176  C C    . LEU A 1 2 ? 2.446  0.263  0.899  1.00 0.00 ? 2 LEU A C    3  
ATOM   177  O O    . LEU A 1 2 ? 2.321  1.487  0.830  1.00 0.00 ? 2 LEU A O    3  
ATOM   178  C CB   . LEU A 1 2 ? 3.707  -1.012 2.624  1.00 0.00 ? 2 LEU A CB   3  
ATOM   179  C CG   . LEU A 1 2 ? 4.374  -0.077 3.631  1.00 0.00 ? 2 LEU A CG   3  
ATOM   180  C CD1  . LEU A 1 2 ? 5.779  -0.591 3.935  1.00 0.00 ? 2 LEU A CD1  3  
ATOM   181  C CD2  . LEU A 1 2 ? 4.464  1.332  3.040  1.00 0.00 ? 2 LEU A CD2  3  
ATOM   182  H H    . LEU A 1 2 ? 1.450  -2.298 2.797  1.00 0.00 ? 2 LEU A H    3  
ATOM   183  H HA   . LEU A 1 2 ? 2.020  0.243  2.991  1.00 0.00 ? 2 LEU A HA   3  
ATOM   184  H HB2  . LEU A 1 2 ? 3.589  -1.992 3.064  1.00 0.00 ? 2 LEU A HB2  3  
ATOM   185  H HB3  . LEU A 1 2 ? 4.325  -1.087 1.743  1.00 0.00 ? 2 LEU A HB3  3  
ATOM   186  H HG   . LEU A 1 2 ? 3.794  -0.056 4.542  1.00 0.00 ? 2 LEU A HG   3  
ATOM   187  H HD11 . LEU A 1 2 ? 5.979  -0.493 4.989  1.00 0.00 ? 2 LEU A HD11 3  
ATOM   188  H HD12 . LEU A 1 2 ? 6.502  -0.014 3.374  1.00 0.00 ? 2 LEU A HD12 3  
ATOM   189  H HD13 . LEU A 1 2 ? 5.851  -1.630 3.648  1.00 0.00 ? 2 LEU A HD13 3  
ATOM   190  H HD21 . LEU A 1 2 ? 5.253  1.880  3.534  1.00 0.00 ? 2 LEU A HD21 3  
ATOM   191  H HD22 . LEU A 1 2 ? 3.524  1.844  3.189  1.00 0.00 ? 2 LEU A HD22 3  
ATOM   192  H HD23 . LEU A 1 2 ? 4.676  1.267  1.984  1.00 0.00 ? 2 LEU A HD23 3  
ATOM   193  N N    . SER A 1 3 ? 2.702  -0.499 -0.158 1.00 0.00 ? 3 SER A N    3  
ATOM   194  C CA   . SER A 1 3 ? 2.854  0.081  -1.489 1.00 0.00 ? 3 SER A CA   3  
ATOM   195  C C    . SER A 1 3 ? 1.518  0.176  -2.230 1.00 0.00 ? 3 SER A C    3  
ATOM   196  O O    . SER A 1 3 ? 1.302  1.110  -3.002 1.00 0.00 ? 3 SER A O    3  
ATOM   197  C CB   . SER A 1 3 ? 3.828  -0.763 -2.309 1.00 0.00 ? 3 SER A CB   3  
ATOM   198  O OG   . SER A 1 3 ? 4.246  -0.021 -3.448 1.00 0.00 ? 3 SER A OG   3  
ATOM   199  H H    . SER A 1 3 ? 2.809  -1.465 -0.037 1.00 0.00 ? 3 SER A H    3  
ATOM   200  H HA   . SER A 1 3 ? 3.263  1.074  -1.389 1.00 0.00 ? 3 SER A HA   3  
ATOM   201  H HB2  . SER A 1 3 ? 4.689  -1.008 -1.711 1.00 0.00 ? 3 SER A HB2  3  
ATOM   202  H HB3  . SER A 1 3 ? 3.337  -1.676 -2.623 1.00 0.00 ? 3 SER A HB3  3  
ATOM   203  H HG   . SER A 1 3 ? 4.207  -0.601 -4.211 1.00 0.00 ? 3 SER A HG   3  
ATOM   204  N N    . LEU A 1 4 ? 0.630  -0.792 -2.014 1.00 0.00 ? 4 LEU A N    3  
ATOM   205  C CA   . LEU A 1 4 ? -0.661 -0.781 -2.699 1.00 0.00 ? 4 LEU A CA   3  
ATOM   206  C C    . LEU A 1 4 ? -1.729 -0.081 -1.862 1.00 0.00 ? 4 LEU A C    3  
ATOM   207  O O    . LEU A 1 4 ? -2.481 0.748  -2.375 1.00 0.00 ? 4 LEU A O    3  
ATOM   208  C CB   . LEU A 1 4 ? -1.107 -2.214 -3.014 1.00 0.00 ? 4 LEU A CB   3  
ATOM   209  C CG   . LEU A 1 4 ? 0.115  -3.072 -3.352 1.00 0.00 ? 4 LEU A CG   3  
ATOM   210  C CD1  . LEU A 1 4 ? 0.416  -4.019 -2.188 1.00 0.00 ? 4 LEU A CD1  3  
ATOM   211  C CD2  . LEU A 1 4 ? -0.176 -3.892 -4.611 1.00 0.00 ? 4 LEU A CD2  3  
ATOM   212  H H    . LEU A 1 4 ? 0.848  -1.524 -1.398 1.00 0.00 ? 4 LEU A H    3  
ATOM   213  H HA   . LEU A 1 4 ? -0.550 -0.247 -3.629 1.00 0.00 ? 4 LEU A HA   3  
ATOM   214  H HB2  . LEU A 1 4 ? -1.617 -2.630 -2.158 1.00 0.00 ? 4 LEU A HB2  3  
ATOM   215  H HB3  . LEU A 1 4 ? -1.779 -2.201 -3.859 1.00 0.00 ? 4 LEU A HB3  3  
ATOM   216  H HG   . LEU A 1 4 ? 0.968  -2.433 -3.525 1.00 0.00 ? 4 LEU A HG   3  
ATOM   217  H HD11 . LEU A 1 4 ? 1.245  -4.658 -2.450 1.00 0.00 ? 4 LEU A HD11 3  
ATOM   218  H HD12 . LEU A 1 4 ? -0.454 -4.626 -1.983 1.00 0.00 ? 4 LEU A HD12 3  
ATOM   219  H HD13 . LEU A 1 4 ? 0.669  -3.442 -1.310 1.00 0.00 ? 4 LEU A HD13 3  
ATOM   220  H HD21 . LEU A 1 4 ? -0.346 -3.226 -5.443 1.00 0.00 ? 4 LEU A HD21 3  
ATOM   221  H HD22 . LEU A 1 4 ? -1.054 -4.500 -4.449 1.00 0.00 ? 4 LEU A HD22 3  
ATOM   222  H HD23 . LEU A 1 4 ? 0.669  -4.530 -4.828 1.00 0.00 ? 4 LEU A HD23 3  
ATOM   223  N N    . CYS A 1 5 ? -1.801 -0.415 -0.577 1.00 0.00 ? 5 CYS A N    3  
ATOM   224  C CA   . CYS A 1 5 ? -2.791 0.197  0.302  1.00 0.00 ? 5 CYS A CA   3  
ATOM   225  C C    . CYS A 1 5 ? -2.738 1.719  0.191  1.00 0.00 ? 5 CYS A C    3  
ATOM   226  O O    . CYS A 1 5 ? -3.753 2.397  0.353  1.00 0.00 ? 5 CYS A O    3  
ATOM   227  C CB   . CYS A 1 5 ? -2.542 -0.225 1.752  1.00 0.00 ? 5 CYS A CB   3  
ATOM   228  S SG   . CYS A 1 5 ? -3.084 -1.938 1.977  1.00 0.00 ? 5 CYS A SG   3  
ATOM   229  H H    . CYS A 1 5 ? -1.181 -1.083 -0.216 1.00 0.00 ? 5 CYS A H    3  
ATOM   230  H HA   . CYS A 1 5 ? -3.775 -0.139 0.007  1.00 0.00 ? 5 CYS A HA   3  
ATOM   231  H HB2  . CYS A 1 5 ? -1.487 -0.148 1.974  1.00 0.00 ? 5 CYS A HB2  3  
ATOM   232  H HB3  . CYS A 1 5 ? -3.099 0.420  2.415  1.00 0.00 ? 5 CYS A HB3  3  
ATOM   233  N N    . ALA A 1 6 ? -1.552 2.246  -0.090 1.00 0.00 ? 6 ALA A N    3  
ATOM   234  C CA   . ALA A 1 6 ? -1.378 3.689  -0.226 1.00 0.00 ? 6 ALA A CA   3  
ATOM   235  C C    . ALA A 1 6 ? -2.335 4.249  -1.274 1.00 0.00 ? 6 ALA A C    3  
ATOM   236  O O    . ALA A 1 6 ? -1.890 4.491  -2.384 1.00 0.00 ? 6 ALA A O    3  
ATOM   237  C CB   . ALA A 1 6 ? 0.063  4.005  -0.632 1.00 0.00 ? 6 ALA A CB   3  
ATOM   238  O OXT  . ALA A 1 6 ? -3.498 4.427  -0.951 1.00 0.00 ? 6 ALA A OXT  3  
ATOM   239  H H    . ALA A 1 6 ? -0.779 1.655  -0.212 1.00 0.00 ? 6 ALA A H    3  
ATOM   240  H HA   . ALA A 1 6 ? -1.584 4.159  0.725  1.00 0.00 ? 6 ALA A HA   3  
ATOM   241  H HB1  . ALA A 1 6 ? 0.696  3.981  0.244  1.00 0.00 ? 6 ALA A HB1  3  
ATOM   242  H HB2  . ALA A 1 6 ? 0.104  4.987  -1.079 1.00 0.00 ? 6 ALA A HB2  3  
ATOM   243  H HB3  . ALA A 1 6 ? 0.405  3.270  -1.345 1.00 0.00 ? 6 ALA A HB3  3  
HETATM 244  N N    . DAL A 1 1 ? -1.180 -2.930 -0.037 1.00 0.00 1 1 DAL A N    4  
HETATM 245  C CA   . DAL A 1 1 ? -0.463 -2.814 1.264  1.00 0.00 ? 1 DAL A CA   4  
HETATM 246  C CB   . DAL A 1 1 ? -1.478 -2.731 2.406  1.00 0.00 ? 1 DAL A CB   4  
HETATM 247  C C    . DAL A 1 1 ? 0.405  -1.561 1.256  1.00 0.00 ? 1 DAL A C    4  
HETATM 248  O O    . DAL A 1 1 ? 0.210  -0.664 0.436  1.00 0.00 ? 1 DAL A O    4  
HETATM 249  H H2   . DAL A 1 1 ? -0.667 -2.391 -0.763 1.00 0.00 ? 1 DAL A H2   4  
HETATM 250  H H    . DAL A 1 1 ? -1.231 -3.930 -0.317 1.00 0.00 ? 1 DAL A H    4  
HETATM 251  H H3   . DAL A 1 1 ? -2.143 -2.552 0.062  1.00 0.00 ? 1 DAL A H3   4  
HETATM 252  H HA   . DAL A 1 1 ? 0.165  -3.684 1.404  1.00 0.00 ? 1 DAL A HA   4  
HETATM 253  H HB1  . DAL A 1 1 ? -1.091 -2.086 3.178  1.00 0.00 ? 1 DAL A HB1  4  
HETATM 254  H HB2  . DAL A 1 1 ? -1.646 -3.718 2.811  1.00 0.00 ? 1 DAL A HB2  4  
ATOM   255  N N    . LEU A 1 2 ? 1.361  -1.507 2.175  1.00 0.00 ? 2 LEU A N    4  
ATOM   256  C CA   . LEU A 1 2 ? 2.254  -0.358 2.270  1.00 0.00 ? 2 LEU A CA   4  
ATOM   257  C C    . LEU A 1 2 ? 2.441  0.291  0.902  1.00 0.00 ? 2 LEU A C    4  
ATOM   258  O O    . LEU A 1 2 ? 2.423  1.516  0.776  1.00 0.00 ? 2 LEU A O    4  
ATOM   259  C CB   . LEU A 1 2 ? 3.614  -0.801 2.820  1.00 0.00 ? 2 LEU A CB   4  
ATOM   260  C CG   . LEU A 1 2 ? 3.869  -0.121 4.166  1.00 0.00 ? 2 LEU A CG   4  
ATOM   261  C CD1  . LEU A 1 2 ? 3.895  1.396  3.973  1.00 0.00 ? 2 LEU A CD1  4  
ATOM   262  C CD2  . LEU A 1 2 ? 2.754  -0.493 5.146  1.00 0.00 ? 2 LEU A CD2  4  
ATOM   263  H H    . LEU A 1 2 ? 1.469  -2.251 2.803  1.00 0.00 ? 2 LEU A H    4  
ATOM   264  H HA   . LEU A 1 2 ? 1.822  0.366  2.944  1.00 0.00 ? 2 LEU A HA   4  
ATOM   265  H HB2  . LEU A 1 2 ? 3.615  -1.873 2.951  1.00 0.00 ? 2 LEU A HB2  4  
ATOM   266  H HB3  . LEU A 1 2 ? 4.391  -0.524 2.124  1.00 0.00 ? 2 LEU A HB3  4  
ATOM   267  H HG   . LEU A 1 2 ? 4.822  -0.448 4.558  1.00 0.00 ? 2 LEU A HG   4  
ATOM   268  H HD11 . LEU A 1 2 ? 2.932  1.809  4.234  1.00 0.00 ? 2 LEU A HD11 4  
ATOM   269  H HD12 . LEU A 1 2 ? 4.115  1.623  2.938  1.00 0.00 ? 2 LEU A HD12 4  
ATOM   270  H HD13 . LEU A 1 2 ? 4.656  1.827  4.603  1.00 0.00 ? 2 LEU A HD13 4  
ATOM   271  H HD21 . LEU A 1 2 ? 3.161  -1.103 5.940  1.00 0.00 ? 2 LEU A HD21 4  
ATOM   272  H HD22 . LEU A 1 2 ? 1.986  -1.047 4.626  1.00 0.00 ? 2 LEU A HD22 4  
ATOM   273  H HD23 . LEU A 1 2 ? 2.325  0.406  5.566  1.00 0.00 ? 2 LEU A HD23 4  
ATOM   274  N N    . SER A 1 3 ? 2.633  -0.538 -0.118 1.00 0.00 ? 3 SER A N    4  
ATOM   275  C CA   . SER A 1 3 ? 2.837  -0.036 -1.473 1.00 0.00 ? 3 SER A CA   4  
ATOM   276  C C    . SER A 1 3 ? 1.509  0.143  -2.209 1.00 0.00 ? 3 SER A C    4  
ATOM   277  O O    . SER A 1 3 ? 1.319  1.127  -2.924 1.00 0.00 ? 3 SER A O    4  
ATOM   278  C CB   . SER A 1 3 ? 3.723  -1.005 -2.257 1.00 0.00 ? 3 SER A CB   4  
ATOM   279  O OG   . SER A 1 3 ? 3.116  -1.282 -3.513 1.00 0.00 ? 3 SER A OG   4  
ATOM   280  H H    . SER A 1 3 ? 2.647  -1.504 0.045  1.00 0.00 ? 3 SER A H    4  
ATOM   281  H HA   . SER A 1 3 ? 3.336  0.919  -1.419 1.00 0.00 ? 3 SER A HA   4  
ATOM   282  H HB2  . SER A 1 3 ? 4.689  -0.560 -2.421 1.00 0.00 ? 3 SER A HB2  4  
ATOM   283  H HB3  . SER A 1 3 ? 3.840  -1.920 -1.693 1.00 0.00 ? 3 SER A HB3  4  
ATOM   284  H HG   . SER A 1 3 ? 2.588  -0.521 -3.762 1.00 0.00 ? 3 SER A HG   4  
ATOM   285  N N    . LEU A 1 4 ? 0.597  -0.811 -2.043 1.00 0.00 ? 4 LEU A N    4  
ATOM   286  C CA   . LEU A 1 4 ? -0.698 -0.735 -2.717 1.00 0.00 ? 4 LEU A CA   4  
ATOM   287  C C    . LEU A 1 4 ? -1.726 -0.010 -1.852 1.00 0.00 ? 4 LEU A C    4  
ATOM   288  O O    . LEU A 1 4 ? -2.441 0.870  -2.332 1.00 0.00 ? 4 LEU A O    4  
ATOM   289  C CB   . LEU A 1 4 ? -1.201 -2.142 -3.044 1.00 0.00 ? 4 LEU A CB   4  
ATOM   290  C CG   . LEU A 1 4 ? -0.014 -3.044 -3.384 1.00 0.00 ? 4 LEU A CG   4  
ATOM   291  C CD1  . LEU A 1 4 ? 0.291  -3.959 -2.197 1.00 0.00 ? 4 LEU A CD1  4  
ATOM   292  C CD2  . LEU A 1 4 ? -0.356 -3.896 -4.609 1.00 0.00 ? 4 LEU A CD2  4  
ATOM   293  H H    . LEU A 1 4 ? 0.798  -1.579 -1.468 1.00 0.00 ? 4 LEU A H    4  
ATOM   294  H HA   . LEU A 1 4 ? -0.576 -0.190 -3.640 1.00 0.00 ? 4 LEU A HA   4  
ATOM   295  H HB2  . LEU A 1 4 ? -1.726 -2.544 -2.189 1.00 0.00 ? 4 LEU A HB2  4  
ATOM   296  H HB3  . LEU A 1 4 ? -1.870 -2.097 -3.889 1.00 0.00 ? 4 LEU A HB3  4  
ATOM   297  H HG   . LEU A 1 4 ? 0.852  -2.434 -3.599 1.00 0.00 ? 4 LEU A HG   4  
ATOM   298  H HD11 . LEU A 1 4 ? -0.597 -4.513 -1.931 1.00 0.00 ? 4 LEU A HD11 4  
ATOM   299  H HD12 . LEU A 1 4 ? 0.608  -3.363 -1.355 1.00 0.00 ? 4 LEU A HD12 4  
ATOM   300  H HD13 . LEU A 1 4 ? 1.078  -4.649 -2.466 1.00 0.00 ? 4 LEU A HD13 4  
ATOM   301  H HD21 . LEU A 1 4 ? -0.634 -3.251 -5.429 1.00 0.00 ? 4 LEU A HD21 4  
ATOM   302  H HD22 . LEU A 1 4 ? -1.180 -4.553 -4.373 1.00 0.00 ? 4 LEU A HD22 4  
ATOM   303  H HD23 . LEU A 1 4 ? 0.505  -4.486 -4.891 1.00 0.00 ? 4 LEU A HD23 4  
ATOM   304  N N    . CYS A 1 5 ? -1.799 -0.387 -0.581 1.00 0.00 ? 5 CYS A N    4  
ATOM   305  C CA   . CYS A 1 5 ? -2.747 0.233  0.336  1.00 0.00 ? 5 CYS A CA   4  
ATOM   306  C C    . CYS A 1 5 ? -2.579 1.750  0.348  1.00 0.00 ? 5 CYS A C    4  
ATOM   307  O O    . CYS A 1 5 ? -3.273 2.455  1.084  1.00 0.00 ? 5 CYS A O    4  
ATOM   308  C CB   . CYS A 1 5 ? -2.544 -0.319 1.747  1.00 0.00 ? 5 CYS A CB   4  
ATOM   309  S SG   . CYS A 1 5 ? -3.041 -2.060 1.787  1.00 0.00 ? 5 CYS A SG   4  
ATOM   310  H H    . CYS A 1 5 ? -1.208 -1.096 -0.254 1.00 0.00 ? 5 CYS A H    4  
ATOM   311  H HA   . CYS A 1 5 ? -3.751 -0.004 0.013  1.00 0.00 ? 5 CYS A HA   4  
ATOM   312  H HB2  . CYS A 1 5 ? -1.503 -0.235 2.020  1.00 0.00 ? 5 CYS A HB2  4  
ATOM   313  H HB3  . CYS A 1 5 ? -3.146 0.243  2.446  1.00 0.00 ? 5 CYS A HB3  4  
ATOM   314  N N    . ALA A 1 6 ? -1.659 2.250  -0.472 1.00 0.00 ? 6 ALA A N    4  
ATOM   315  C CA   . ALA A 1 6 ? -1.415 3.686  -0.545 1.00 0.00 ? 6 ALA A CA   4  
ATOM   316  C C    . ALA A 1 6 ? -2.049 4.272  -1.803 1.00 0.00 ? 6 ALA A C    4  
ATOM   317  O O    . ALA A 1 6 ? -3.186 3.928  -2.085 1.00 0.00 ? 6 ALA A O    4  
ATOM   318  C CB   . ALA A 1 6 ? 0.090  3.962  -0.555 1.00 0.00 ? 6 ALA A CB   4  
ATOM   319  O OXT  . ALA A 1 6 ? -1.390 5.058  -2.463 1.00 0.00 ? 6 ALA A OXT  4  
ATOM   320  H H    . ALA A 1 6 ? -1.136 1.643  -1.036 1.00 0.00 ? 6 ALA A H    4  
ATOM   321  H HA   . ALA A 1 6 ? -1.851 4.161  0.321  1.00 0.00 ? 6 ALA A HA   4  
ATOM   322  H HB1  . ALA A 1 6 ? 0.417  4.134  -1.570 1.00 0.00 ? 6 ALA A HB1  4  
ATOM   323  H HB2  . ALA A 1 6 ? 0.615  3.113  -0.147 1.00 0.00 ? 6 ALA A HB2  4  
ATOM   324  H HB3  . ALA A 1 6 ? 0.299  4.836  0.044  1.00 0.00 ? 6 ALA A HB3  4  
HETATM 325  N N    . DAL A 1 1 ? -0.132 -3.642 -0.140 1.00 0.00 1 1 DAL A N    5  
HETATM 326  C CA   . DAL A 1 1 ? -0.244 -3.007 1.204  1.00 0.00 ? 1 DAL A CA   5  
HETATM 327  C CB   . DAL A 1 1 ? -1.719 -2.748 1.522  1.00 0.00 ? 1 DAL A CB   5  
HETATM 328  C C    . DAL A 1 1 ? 0.525  -1.695 1.207  1.00 0.00 ? 1 DAL A C    5  
HETATM 329  O O    . DAL A 1 1 ? 0.341  -0.855 0.326  1.00 0.00 ? 1 DAL A O    5  
HETATM 330  H H2   . DAL A 1 1 ? -0.637 -4.553 -0.137 1.00 0.00 ? 1 DAL A H2   5  
HETATM 331  H H    . DAL A 1 1 ? -0.550 -3.017 -0.858 1.00 0.00 ? 1 DAL A H    5  
HETATM 332  H H3   . DAL A 1 1 ? 0.871  -3.804 -0.365 1.00 0.00 ? 1 DAL A H3   5  
HETATM 333  H HA   . DAL A 1 1 ? 0.172  -3.667 1.950  1.00 0.00 ? 1 DAL A HA   5  
HETATM 334  H HB1  . DAL A 1 1 ? -2.084 -3.529 2.171  1.00 0.00 ? 1 DAL A HB1  5  
HETATM 335  H HB2  . DAL A 1 1 ? -2.287 -2.748 0.605  1.00 0.00 ? 1 DAL A HB2  5  
ATOM   336  N N    . LEU A 1 2 ? 1.379  -1.521 2.210  1.00 0.00 ? 2 LEU A N    5  
ATOM   337  C CA   . LEU A 1 2 ? 2.171  -0.301 2.324  1.00 0.00 ? 2 LEU A CA   5  
ATOM   338  C C    . LEU A 1 2 ? 2.405  0.309  0.948  1.00 0.00 ? 2 LEU A C    5  
ATOM   339  O O    . LEU A 1 2 ? 2.476  1.528  0.799  1.00 0.00 ? 2 LEU A O    5  
ATOM   340  C CB   . LEU A 1 2 ? 3.518  -0.604 2.984  1.00 0.00 ? 2 LEU A CB   5  
ATOM   341  C CG   . LEU A 1 2 ? 3.889  0.534  3.941  1.00 0.00 ? 2 LEU A CG   5  
ATOM   342  C CD1  . LEU A 1 2 ? 3.938  1.858  3.172  1.00 0.00 ? 2 LEU A CD1  5  
ATOM   343  C CD2  . LEU A 1 2 ? 2.838  0.629  5.051  1.00 0.00 ? 2 LEU A CD2  5  
ATOM   344  H H    . LEU A 1 2 ? 1.473  -2.225 2.886  1.00 0.00 ? 2 LEU A H    5  
ATOM   345  H HA   . LEU A 1 2 ? 1.632  0.407  2.935  1.00 0.00 ? 2 LEU A HA   5  
ATOM   346  H HB2  . LEU A 1 2 ? 3.450  -1.531 3.536  1.00 0.00 ? 2 LEU A HB2  5  
ATOM   347  H HB3  . LEU A 1 2 ? 4.280  -0.693 2.224  1.00 0.00 ? 2 LEU A HB3  5  
ATOM   348  H HG   . LEU A 1 2 ? 4.857  0.336  4.377  1.00 0.00 ? 2 LEU A HG   5  
ATOM   349  H HD11 . LEU A 1 2 ? 4.406  2.613  3.786  1.00 0.00 ? 2 LEU A HD11 5  
ATOM   350  H HD12 . LEU A 1 2 ? 2.935  2.168  2.924  1.00 0.00 ? 2 LEU A HD12 5  
ATOM   351  H HD13 . LEU A 1 2 ? 4.509  1.727  2.266  1.00 0.00 ? 2 LEU A HD13 5  
ATOM   352  H HD21 . LEU A 1 2 ? 2.182  -0.229 5.000  1.00 0.00 ? 2 LEU A HD21 5  
ATOM   353  H HD22 . LEU A 1 2 ? 2.260  1.531  4.925  1.00 0.00 ? 2 LEU A HD22 5  
ATOM   354  H HD23 . LEU A 1 2 ? 3.331  0.648  6.012  1.00 0.00 ? 2 LEU A HD23 5  
ATOM   355  N N    . SER A 1 3 ? 2.527  -0.553 -0.057 1.00 0.00 ? 3 SER A N    5  
ATOM   356  C CA   . SER A 1 3 ? 2.756  -0.096 -1.422 1.00 0.00 ? 3 SER A CA   5  
ATOM   357  C C    . SER A 1 3 ? 1.434  0.109  -2.163 1.00 0.00 ? 3 SER A C    5  
ATOM   358  O O    . SER A 1 3 ? 1.244  1.123  -2.835 1.00 0.00 ? 3 SER A O    5  
ATOM   359  C CB   . SER A 1 3 ? 3.609  -1.117 -2.175 1.00 0.00 ? 3 SER A CB   5  
ATOM   360  O OG   . SER A 1 3 ? 3.466  -0.911 -3.574 1.00 0.00 ? 3 SER A OG   5  
ATOM   361  H H    . SER A 1 3 ? 2.465  -1.514 0.125  1.00 0.00 ? 3 SER A H    5  
ATOM   362  H HA   . SER A 1 3 ? 3.287  0.842  -1.391 1.00 0.00 ? 3 SER A HA   5  
ATOM   363  H HB2  . SER A 1 3 ? 4.643  -0.997 -1.903 1.00 0.00 ? 3 SER A HB2  5  
ATOM   364  H HB3  . SER A 1 3 ? 3.285  -2.117 -1.913 1.00 0.00 ? 3 SER A HB3  5  
ATOM   365  H HG   . SER A 1 3 ? 4.025  -1.545 -4.027 1.00 0.00 ? 3 SER A HG   5  
ATOM   366  N N    . LEU A 1 4 ? 0.527  -0.860 -2.046 1.00 0.00 ? 4 LEU A N    5  
ATOM   367  C CA   . LEU A 1 4 ? -0.764 -0.769 -2.724 1.00 0.00 ? 4 LEU A CA   5  
ATOM   368  C C    . LEU A 1 4 ? -1.776 0.014  -1.886 1.00 0.00 ? 4 LEU A C    5  
ATOM   369  O O    . LEU A 1 4 ? -2.521 0.839  -2.417 1.00 0.00 ? 4 LEU A O    5  
ATOM   370  C CB   . LEU A 1 4 ? -1.304 -2.173 -3.017 1.00 0.00 ? 4 LEU A CB   5  
ATOM   371  C CG   . LEU A 1 4 ? -2.202 -2.135 -4.258 1.00 0.00 ? 4 LEU A CG   5  
ATOM   372  C CD1  . LEU A 1 4 ? -2.416 -3.558 -4.777 1.00 0.00 ? 4 LEU A CD1  5  
ATOM   373  C CD2  . LEU A 1 4 ? -3.554 -1.519 -3.895 1.00 0.00 ? 4 LEU A CD2  5  
ATOM   374  H H    . LEU A 1 4 ? 0.731  -1.651 -1.506 1.00 0.00 ? 4 LEU A H    5  
ATOM   375  H HA   . LEU A 1 4 ? -0.623 -0.252 -3.661 1.00 0.00 ? 4 LEU A HA   5  
ATOM   376  H HB2  . LEU A 1 4 ? -0.478 -2.847 -3.194 1.00 0.00 ? 4 LEU A HB2  5  
ATOM   377  H HB3  . LEU A 1 4 ? -1.879 -2.522 -2.173 1.00 0.00 ? 4 LEU A HB3  5  
ATOM   378  H HG   . LEU A 1 4 ? -1.728 -1.541 -5.027 1.00 0.00 ? 4 LEU A HG   5  
ATOM   379  H HD11 . LEU A 1 4 ? -2.301 -4.260 -3.965 1.00 0.00 ? 4 LEU A HD11 5  
ATOM   380  H HD12 . LEU A 1 4 ? -1.686 -3.774 -5.545 1.00 0.00 ? 4 LEU A HD12 5  
ATOM   381  H HD13 . LEU A 1 4 ? -3.410 -3.645 -5.190 1.00 0.00 ? 4 LEU A HD13 5  
ATOM   382  H HD21 . LEU A 1 4 ? -4.304 -1.861 -4.591 1.00 0.00 ? 4 LEU A HD21 5  
ATOM   383  H HD22 . LEU A 1 4 ? -3.484 -0.442 -3.941 1.00 0.00 ? 4 LEU A HD22 5  
ATOM   384  H HD23 . LEU A 1 4 ? -3.829 -1.818 -2.894 1.00 0.00 ? 4 LEU A HD23 5  
ATOM   385  N N    . CYS A 1 5 ? -1.804 -0.241 -0.579 1.00 0.00 ? 5 CYS A N    5  
ATOM   386  C CA   . CYS A 1 5 ? -2.736 0.462  0.299  1.00 0.00 ? 5 CYS A CA   5  
ATOM   387  C C    . CYS A 1 5 ? -2.047 1.653  0.959  1.00 0.00 ? 5 CYS A C    5  
ATOM   388  O O    . CYS A 1 5 ? -2.027 1.772  2.184  1.00 0.00 ? 5 CYS A O    5  
ATOM   389  C CB   . CYS A 1 5 ? -3.273 -0.484 1.378  1.00 0.00 ? 5 CYS A CB   5  
ATOM   390  S SG   . CYS A 1 5 ? -1.896 -1.144 2.354  1.00 0.00 ? 5 CYS A SG   5  
ATOM   391  H H    . CYS A 1 5 ? -1.190 -0.904 -0.198 1.00 0.00 ? 5 CYS A H    5  
ATOM   392  H HA   . CYS A 1 5 ? -3.564 0.823  -0.292 1.00 0.00 ? 5 CYS A HA   5  
ATOM   393  H HB2  . CYS A 1 5 ? -3.942 0.062  2.027  1.00 0.00 ? 5 CYS A HB2  5  
ATOM   394  H HB3  . CYS A 1 5 ? -3.812 -1.293 0.912  1.00 0.00 ? 5 CYS A HB3  5  
ATOM   395  N N    . ALA A 1 6 ? -1.483 2.530  0.135  1.00 0.00 ? 6 ALA A N    5  
ATOM   396  C CA   . ALA A 1 6 ? -0.792 3.709  0.641  1.00 0.00 ? 6 ALA A CA   5  
ATOM   397  C C    . ALA A 1 6 ? -1.720 4.921  0.632  1.00 0.00 ? 6 ALA A C    5  
ATOM   398  O O    . ALA A 1 6 ? -1.353 5.929  1.213  1.00 0.00 ? 6 ALA A O    5  
ATOM   399  C CB   . ALA A 1 6 ? 0.437  4.001  -0.222 1.00 0.00 ? 6 ALA A CB   5  
ATOM   400  O OXT  . ALA A 1 6 ? -2.784 4.822  0.043  1.00 0.00 ? 6 ALA A OXT  5  
ATOM   401  H H    . ALA A 1 6 ? -1.532 2.379  -0.833 1.00 0.00 ? 6 ALA A H    5  
ATOM   402  H HA   . ALA A 1 6 ? -0.470 3.520  1.654  1.00 0.00 ? 6 ALA A HA   5  
ATOM   403  H HB1  . ALA A 1 6 ? 0.121  4.377  -1.184 1.00 0.00 ? 6 ALA A HB1  5  
ATOM   404  H HB2  . ALA A 1 6 ? 1.003  3.091  -0.362 1.00 0.00 ? 6 ALA A HB2  5  
ATOM   405  H HB3  . ALA A 1 6 ? 1.055  4.738  0.267  1.00 0.00 ? 6 ALA A HB3  5  
HETATM 406  N N    . DAL A 1 1 ? -0.833 -3.235 -0.029 1.00 0.00 1 1 DAL A N    6  
HETATM 407  C CA   . DAL A 1 1 ? -0.459 -2.928 1.378  1.00 0.00 ? 1 DAL A CA   6  
HETATM 408  C CB   . DAL A 1 1 ? -1.724 -2.783 2.224  1.00 0.00 ? 1 DAL A CB   6  
HETATM 409  C C    . DAL A 1 1 ? 0.340  -1.630 1.425  1.00 0.00 ? 1 DAL A C    6  
HETATM 410  O O    . DAL A 1 1 ? -0.053 -0.621 0.840  1.00 0.00 ? 1 DAL A O    6  
HETATM 411  H H2   . DAL A 1 1 ? -0.191 -3.962 -0.406 1.00 0.00 ? 1 DAL A H2   6  
HETATM 412  H H    . DAL A 1 1 ? -1.811 -3.586 -0.058 1.00 0.00 ? 1 DAL A H    6  
HETATM 413  H H3   . DAL A 1 1 ? -0.759 -2.373 -0.605 1.00 0.00 ? 1 DAL A H3   6  
HETATM 414  H HA   . DAL A 1 1 ? 0.144  -3.732 1.772  1.00 0.00 ? 1 DAL A HA   6  
HETATM 415  H HB1  . DAL A 1 1 ? -1.531 -2.106 3.037  1.00 0.00 ? 1 DAL A HB1  6  
HETATM 416  H HB2  . DAL A 1 1 ? -2.001 -3.749 2.620  1.00 0.00 ? 1 DAL A HB2  6  
ATOM   417  N N    . LEU A 1 2 ? 1.461  -1.661 2.132  1.00 0.00 ? 2 LEU A N    6  
ATOM   418  C CA   . LEU A 1 2 ? 2.307  -0.482 2.258  1.00 0.00 ? 2 LEU A CA   6  
ATOM   419  C C    . LEU A 1 2 ? 2.393  0.271  0.934  1.00 0.00 ? 2 LEU A C    6  
ATOM   420  O O    . LEU A 1 2 ? 2.252  1.495  0.897  1.00 0.00 ? 2 LEU A O    6  
ATOM   421  C CB   . LEU A 1 2 ? 3.711  -0.898 2.702  1.00 0.00 ? 2 LEU A CB   6  
ATOM   422  C CG   . LEU A 1 2 ? 3.869  -0.641 4.200  1.00 0.00 ? 2 LEU A CG   6  
ATOM   423  C CD1  . LEU A 1 2 ? 2.844  -1.473 4.972  1.00 0.00 ? 2 LEU A CD1  6  
ATOM   424  C CD2  . LEU A 1 2 ? 5.281  -1.041 4.637  1.00 0.00 ? 2 LEU A CD2  6  
ATOM   425  H H    . LEU A 1 2 ? 1.723  -2.491 2.581  1.00 0.00 ? 2 LEU A H    6  
ATOM   426  H HA   . LEU A 1 2 ? 1.887  0.170  3.008  1.00 0.00 ? 2 LEU A HA   6  
ATOM   427  H HB2  . LEU A 1 2 ? 3.855  -1.950 2.497  1.00 0.00 ? 2 LEU A HB2  6  
ATOM   428  H HB3  . LEU A 1 2 ? 4.445  -0.323 2.160  1.00 0.00 ? 2 LEU A HB3  6  
ATOM   429  H HG   . LEU A 1 2 ? 3.711  0.408  4.404  1.00 0.00 ? 2 LEU A HG   6  
ATOM   430  H HD11 . LEU A 1 2 ? 2.108  -1.863 4.284  1.00 0.00 ? 2 LEU A HD11 6  
ATOM   431  H HD12 . LEU A 1 2 ? 2.356  -0.851 5.707  1.00 0.00 ? 2 LEU A HD12 6  
ATOM   432  H HD13 . LEU A 1 2 ? 3.344  -2.291 5.466  1.00 0.00 ? 2 LEU A HD13 6  
ATOM   433  H HD21 . LEU A 1 2 ? 5.476  -2.060 4.337  1.00 0.00 ? 2 LEU A HD21 6  
ATOM   434  H HD22 . LEU A 1 2 ? 5.362  -0.959 5.711  1.00 0.00 ? 2 LEU A HD22 6  
ATOM   435  H HD23 . LEU A 1 2 ? 6.002  -0.385 4.171  1.00 0.00 ? 2 LEU A HD23 6  
ATOM   436  N N    . SER A 1 3 ? 2.643  -0.461 -0.147 1.00 0.00 ? 3 SER A N    6  
ATOM   437  C CA   . SER A 1 3 ? 2.767  0.161  -1.463 1.00 0.00 ? 3 SER A CA   6  
ATOM   438  C C    . SER A 1 3 ? 1.432  0.203  -2.215 1.00 0.00 ? 3 SER A C    6  
ATOM   439  O O    . SER A 1 3 ? 1.172  1.146  -2.962 1.00 0.00 ? 3 SER A O    6  
ATOM   440  C CB   . SER A 1 3 ? 3.791  -0.604 -2.301 1.00 0.00 ? 3 SER A CB   6  
ATOM   441  O OG   . SER A 1 3 ? 4.451  0.303  -3.176 1.00 0.00 ? 3 SER A OG   6  
ATOM   442  H H    . SER A 1 3 ? 2.764  -1.429 -0.056 1.00 0.00 ? 3 SER A H    6  
ATOM   443  H HA   . SER A 1 3 ? 3.120  1.172  -1.335 1.00 0.00 ? 3 SER A HA   6  
ATOM   444  H HB2  . SER A 1 3 ? 4.519  -1.063 -1.652 1.00 0.00 ? 3 SER A HB2  6  
ATOM   445  H HB3  . SER A 1 3 ? 3.288  -1.371 -2.874 1.00 0.00 ? 3 SER A HB3  6  
ATOM   446  H HG   . SER A 1 3 ? 3.787  0.722  -3.727 1.00 0.00 ? 3 SER A HG   6  
ATOM   447  N N    . LEU A 1 4 ? 0.591  -0.814 -2.032 1.00 0.00 ? 4 LEU A N    6  
ATOM   448  C CA   . LEU A 1 4 ? -0.698 -0.846 -2.728 1.00 0.00 ? 4 LEU A CA   6  
ATOM   449  C C    . LEU A 1 4 ? -1.761 -0.090 -1.936 1.00 0.00 ? 4 LEU A C    6  
ATOM   450  O O    . LEU A 1 4 ? -2.559 0.655  -2.506 1.00 0.00 ? 4 LEU A O    6  
ATOM   451  C CB   . LEU A 1 4 ? -1.143 -2.300 -2.949 1.00 0.00 ? 4 LEU A CB   6  
ATOM   452  C CG   . LEU A 1 4 ? -2.161 -2.376 -4.092 1.00 0.00 ? 4 LEU A CG   6  
ATOM   453  C CD1  . LEU A 1 4 ? -2.030 -3.727 -4.798 1.00 0.00 ? 4 LEU A CD1  6  
ATOM   454  C CD2  . LEU A 1 4 ? -3.577 -2.239 -3.525 1.00 0.00 ? 4 LEU A CD2  6  
ATOM   455  H H    . LEU A 1 4 ? 0.836  -1.552 -1.434 1.00 0.00 ? 4 LEU A H    6  
ATOM   456  H HA   . LEU A 1 4 ? -0.577 -0.370 -3.689 1.00 0.00 ? 4 LEU A HA   6  
ATOM   457  H HB2  . LEU A 1 4 ? -0.284 -2.906 -3.195 1.00 0.00 ? 4 LEU A HB2  6  
ATOM   458  H HB3  . LEU A 1 4 ? -1.599 -2.675 -2.046 1.00 0.00 ? 4 LEU A HB3  6  
ATOM   459  H HG   . LEU A 1 4 ? -1.977 -1.582 -4.801 1.00 0.00 ? 4 LEU A HG   6  
ATOM   460  H HD11 . LEU A 1 4 ? -2.967 -3.980 -5.268 1.00 0.00 ? 4 LEU A HD11 6  
ATOM   461  H HD12 . LEU A 1 4 ? -1.774 -4.487 -4.074 1.00 0.00 ? 4 LEU A HD12 6  
ATOM   462  H HD13 . LEU A 1 4 ? -1.254 -3.669 -5.548 1.00 0.00 ? 4 LEU A HD13 6  
ATOM   463  H HD21 . LEU A 1 4 ? -4.002 -3.222 -3.376 1.00 0.00 ? 4 LEU A HD21 6  
ATOM   464  H HD22 . LEU A 1 4 ? -4.191 -1.684 -4.220 1.00 0.00 ? 4 LEU A HD22 6  
ATOM   465  H HD23 . LEU A 1 4 ? -3.538 -1.717 -2.581 1.00 0.00 ? 4 LEU A HD23 6  
ATOM   466  N N    . CYS A 1 5 ? -1.767 -0.283 -0.624 1.00 0.00 ? 5 CYS A N    6  
ATOM   467  C CA   . CYS A 1 5 ? -2.735 0.385  0.235  1.00 0.00 ? 5 CYS A CA   6  
ATOM   468  C C    . CYS A 1 5 ? -2.309 1.825  0.511  1.00 0.00 ? 5 CYS A C    6  
ATOM   469  O O    . CYS A 1 5 ? -2.206 2.240  1.666  1.00 0.00 ? 5 CYS A O    6  
ATOM   470  C CB   . CYS A 1 5 ? -2.862 -0.376 1.553  1.00 0.00 ? 5 CYS A CB   6  
ATOM   471  S SG   . CYS A 1 5 ? -3.077 -2.142 1.201  1.00 0.00 ? 5 CYS A SG   6  
ATOM   472  H H    . CYS A 1 5 ? -1.110 -0.887 -0.222 1.00 0.00 ? 5 CYS A H    6  
ATOM   473  H HA   . CYS A 1 5 ? -3.697 0.392  -0.257 1.00 0.00 ? 5 CYS A HA   6  
ATOM   474  H HB2  . CYS A 1 5 ? -1.969 -0.224 2.138  1.00 0.00 ? 5 CYS A HB2  6  
ATOM   475  H HB3  . CYS A 1 5 ? -3.718 -0.012 2.101  1.00 0.00 ? 5 CYS A HB3  6  
ATOM   476  N N    . ALA A 1 6 ? -2.062 2.581  -0.554 1.00 0.00 ? 6 ALA A N    6  
ATOM   477  C CA   . ALA A 1 6 ? -1.649 3.973  -0.412 1.00 0.00 ? 6 ALA A CA   6  
ATOM   478  C C    . ALA A 1 6 ? -2.202 4.816  -1.557 1.00 0.00 ? 6 ALA A C    6  
ATOM   479  O O    . ALA A 1 6 ? -1.727 4.653  -2.668 1.00 0.00 ? 6 ALA A O    6  
ATOM   480  C CB   . ALA A 1 6 ? -0.121 4.069  -0.399 1.00 0.00 ? 6 ALA A CB   6  
ATOM   481  O OXT  . ALA A 1 6 ? -3.092 5.610  -1.305 1.00 0.00 ? 6 ALA A OXT  6  
ATOM   482  H H    . ALA A 1 6 ? -2.160 2.197  -1.450 1.00 0.00 ? 6 ALA A H    6  
ATOM   483  H HA   . ALA A 1 6 ? -2.029 4.359  0.522  1.00 0.00 ? 6 ALA A HA   6  
ATOM   484  H HB1  . ALA A 1 6 ? 0.255  3.702  0.544  1.00 0.00 ? 6 ALA A HB1  6  
ATOM   485  H HB2  . ALA A 1 6 ? 0.175  5.100  -0.529 1.00 0.00 ? 6 ALA A HB2  6  
ATOM   486  H HB3  . ALA A 1 6 ? 0.283  3.475  -1.205 1.00 0.00 ? 6 ALA A HB3  6  
HETATM 487  N N    . DAL A 1 1 ? -0.684 -3.237 -0.138 1.00 0.00 1 1 DAL A N    7  
HETATM 488  C CA   . DAL A 1 1 ? -0.362 -2.940 1.284  1.00 0.00 ? 1 DAL A CA   7  
HETATM 489  C CB   . DAL A 1 1 ? -1.658 -2.858 2.096  1.00 0.00 ? 1 DAL A CB   7  
HETATM 490  C C    . DAL A 1 1 ? 0.388  -1.615 1.364  1.00 0.00 ? 1 DAL A C    7  
HETATM 491  O O    . DAL A 1 1 ? 0.020  -0.642 0.709  1.00 0.00 ? 1 DAL A O    7  
HETATM 492  H H2   . DAL A 1 1 ? 0.017  -3.904 -0.520 1.00 0.00 ? 1 DAL A H2   7  
HETATM 493  H H    . DAL A 1 1 ? -1.632 -3.659 -0.200 1.00 0.00 ? 1 DAL A H    7  
HETATM 494  H H3   . DAL A 1 1 ? -0.662 -2.358 -0.691 1.00 0.00 ? 1 DAL A H3   7  
HETATM 495  H HA   . DAL A 1 1 ? 0.260  -3.728 1.683  1.00 0.00 ? 1 DAL A HA   7  
HETATM 496  H HB1  . DAL A 1 1 ? -1.513 -2.205 2.938  1.00 0.00 ? 1 DAL A HB1  7  
HETATM 497  H HB2  . DAL A 1 1 ? -1.918 -3.846 2.450  1.00 0.00 ? 1 DAL A HB2  7  
ATOM   498  N N    . LEU A 1 2 ? 1.446  -1.584 2.164  1.00 0.00 ? 2 LEU A N    7  
ATOM   499  C CA   . LEU A 1 2 ? 2.239  -0.371 2.307  1.00 0.00 ? 2 LEU A CA   7  
ATOM   500  C C    . LEU A 1 2 ? 2.425  0.301  0.949  1.00 0.00 ? 2 LEU A C    7  
ATOM   501  O O    . LEU A 1 2 ? 2.450  1.528  0.848  1.00 0.00 ? 2 LEU A O    7  
ATOM   502  C CB   . LEU A 1 2 ? 3.608  -0.708 2.903  1.00 0.00 ? 2 LEU A CB   7  
ATOM   503  C CG   . LEU A 1 2 ? 3.884  0.194  4.106  1.00 0.00 ? 2 LEU A CG   7  
ATOM   504  C CD1  . LEU A 1 2 ? 3.853  1.659  3.665  1.00 0.00 ? 2 LEU A CD1  7  
ATOM   505  C CD2  . LEU A 1 2 ? 2.811  -0.041 5.174  1.00 0.00 ? 2 LEU A CD2  7  
ATOM   506  H H    . LEU A 1 2 ? 1.701  -2.390 2.663  1.00 0.00 ? 2 LEU A H    7  
ATOM   507  H HA   . LEU A 1 2 ? 1.725  0.310  2.970  1.00 0.00 ? 2 LEU A HA   7  
ATOM   508  H HB2  . LEU A 1 2 ? 3.617  -1.742 3.219  1.00 0.00 ? 2 LEU A HB2  7  
ATOM   509  H HB3  . LEU A 1 2 ? 4.374  -0.555 2.157  1.00 0.00 ? 2 LEU A HB3  7  
ATOM   510  H HG   . LEU A 1 2 ? 4.857  -0.037 4.515  1.00 0.00 ? 2 LEU A HG   7  
ATOM   511  H HD11 . LEU A 1 2 ? 4.751  2.156  4.002  1.00 0.00 ? 2 LEU A HD11 7  
ATOM   512  H HD12 . LEU A 1 2 ? 2.990  2.147  4.094  1.00 0.00 ? 2 LEU A HD12 7  
ATOM   513  H HD13 . LEU A 1 2 ? 3.797  1.711  2.588  1.00 0.00 ? 2 LEU A HD13 7  
ATOM   514  H HD21 . LEU A 1 2 ? 3.276  -0.091 6.146  1.00 0.00 ? 2 LEU A HD21 7  
ATOM   515  H HD22 . LEU A 1 2 ? 2.298  -0.968 4.970  1.00 0.00 ? 2 LEU A HD22 7  
ATOM   516  H HD23 . LEU A 1 2 ? 2.102  0.774  5.156  1.00 0.00 ? 2 LEU A HD23 7  
ATOM   517  N N    . SER A 1 3 ? 2.563  -0.516 -0.091 1.00 0.00 ? 3 SER A N    7  
ATOM   518  C CA   . SER A 1 3 ? 2.758  0.000  -1.442 1.00 0.00 ? 3 SER A CA   7  
ATOM   519  C C    . SER A 1 3 ? 1.429  0.161  -2.181 1.00 0.00 ? 3 SER A C    7  
ATOM   520  O O    . SER A 1 3 ? 1.205  1.170  -2.849 1.00 0.00 ? 3 SER A O    7  
ATOM   521  C CB   . SER A 1 3 ? 3.664  -0.948 -2.228 1.00 0.00 ? 3 SER A CB   7  
ATOM   522  O OG   . SER A 1 3 ? 2.860  -1.873 -2.949 1.00 0.00 ? 3 SER A OG   7  
ATOM   523  H H    . SER A 1 3 ? 2.544  -1.485 0.054  1.00 0.00 ? 3 SER A H    7  
ATOM   524  H HA   . SER A 1 3 ? 3.241  0.963  -1.380 1.00 0.00 ? 3 SER A HA   7  
ATOM   525  H HB2  . SER A 1 3 ? 4.265  -0.384 -2.921 1.00 0.00 ? 3 SER A HB2  7  
ATOM   526  H HB3  . SER A 1 3 ? 4.312  -1.478 -1.540 1.00 0.00 ? 3 SER A HB3  7  
ATOM   527  H HG   . SER A 1 3 ? 2.036  -1.436 -3.176 1.00 0.00 ? 3 SER A HG   7  
ATOM   528  N N    . LEU A 1 4 ? 0.554  -0.836 -2.072 1.00 0.00 ? 4 LEU A N    7  
ATOM   529  C CA   . LEU A 1 4 ? -0.739 -0.780 -2.752 1.00 0.00 ? 4 LEU A CA   7  
ATOM   530  C C    . LEU A 1 4 ? -1.758 -0.011 -1.915 1.00 0.00 ? 4 LEU A C    7  
ATOM   531  O O    . LEU A 1 4 ? -2.509 0.812  -2.440 1.00 0.00 ? 4 LEU A O    7  
ATOM   532  C CB   . LEU A 1 4 ? -1.251 -2.201 -3.016 1.00 0.00 ? 4 LEU A CB   7  
ATOM   533  C CG   . LEU A 1 4 ? -2.381 -2.162 -4.047 1.00 0.00 ? 4 LEU A CG   7  
ATOM   534  C CD1  . LEU A 1 4 ? -2.374 -3.458 -4.860 1.00 0.00 ? 4 LEU A CD1  7  
ATOM   535  C CD2  . LEU A 1 4 ? -3.726 -2.025 -3.327 1.00 0.00 ? 4 LEU A CD2  7  
ATOM   536  H H    . LEU A 1 4 ? 0.779  -1.623 -1.533 1.00 0.00 ? 4 LEU A H    7  
ATOM   537  H HA   . LEU A 1 4 ? -0.611 -0.276 -3.697 1.00 0.00 ? 4 LEU A HA   7  
ATOM   538  H HB2  . LEU A 1 4 ? -0.444 -2.810 -3.393 1.00 0.00 ? 4 LEU A HB2  7  
ATOM   539  H HB3  . LEU A 1 4 ? -1.624 -2.625 -2.097 1.00 0.00 ? 4 LEU A HB3  7  
ATOM   540  H HG   . LEU A 1 4 ? -2.240 -1.321 -4.711 1.00 0.00 ? 4 LEU A HG   7  
ATOM   541  H HD11 . LEU A 1 4 ? -3.028 -3.353 -5.714 1.00 0.00 ? 4 LEU A HD11 7  
ATOM   542  H HD12 . LEU A 1 4 ? -2.719 -4.274 -4.240 1.00 0.00 ? 4 LEU A HD12 7  
ATOM   543  H HD13 . LEU A 1 4 ? -1.370 -3.664 -5.198 1.00 0.00 ? 4 LEU A HD13 7  
ATOM   544  H HD21 . LEU A 1 4 ? -3.567 -1.598 -2.346 1.00 0.00 ? 4 LEU A HD21 7  
ATOM   545  H HD22 . LEU A 1 4 ? -4.181 -2.998 -3.225 1.00 0.00 ? 4 LEU A HD22 7  
ATOM   546  H HD23 . LEU A 1 4 ? -4.378 -1.381 -3.899 1.00 0.00 ? 4 LEU A HD23 7  
ATOM   547  N N    . CYS A 1 5 ? -1.781 -0.288 -0.618 1.00 0.00 ? 5 CYS A N    7  
ATOM   548  C CA   . CYS A 1 5 ? -2.715 0.380  0.281  1.00 0.00 ? 5 CYS A CA   7  
ATOM   549  C C    . CYS A 1 5 ? -2.181 1.750  0.692  1.00 0.00 ? 5 CYS A C    7  
ATOM   550  O O    . CYS A 1 5 ? -2.510 2.257  1.764  1.00 0.00 ? 5 CYS A O    7  
ATOM   551  C CB   . CYS A 1 5 ? -2.928 -0.477 1.528  1.00 0.00 ? 5 CYS A CB   7  
ATOM   552  S SG   . CYS A 1 5 ? -2.998 -2.227 1.046  1.00 0.00 ? 5 CYS A SG   7  
ATOM   553  H H    . CYS A 1 5 ? -1.161 -0.954 -0.256 1.00 0.00 ? 5 CYS A H    7  
ATOM   554  H HA   . CYS A 1 5 ? -3.660 0.506  -0.222 1.00 0.00 ? 5 CYS A HA   7  
ATOM   555  H HB2  . CYS A 1 5 ? -2.113 -0.315 2.215  1.00 0.00 ? 5 CYS A HB2  7  
ATOM   556  H HB3  . CYS A 1 5 ? -3.858 -0.197 2.001  1.00 0.00 ? 5 CYS A HB3  7  
ATOM   557  N N    . ALA A 1 6 ? -1.358 2.342  -0.165 1.00 0.00 ? 6 ALA A N    7  
ATOM   558  C CA   . ALA A 1 6 ? -0.788 3.653  0.124  1.00 0.00 ? 6 ALA A CA   7  
ATOM   559  C C    . ALA A 1 6 ? -1.870 4.613  0.611  1.00 0.00 ? 6 ALA A C    7  
ATOM   560  O O    . ALA A 1 6 ? -1.898 4.887  1.800  1.00 0.00 ? 6 ALA A O    7  
ATOM   561  C CB   . ALA A 1 6 ? -0.122 4.226  -1.128 1.00 0.00 ? 6 ALA A CB   7  
ATOM   562  O OXT  . ALA A 1 6 ? -2.653 5.058  -0.212 1.00 0.00 ? 6 ALA A OXT  7  
ATOM   563  H H    . ALA A 1 6 ? -1.129 1.892  -1.005 1.00 0.00 ? 6 ALA A H    7  
ATOM   564  H HA   . ALA A 1 6 ? -0.042 3.546  0.898  1.00 0.00 ? 6 ALA A HA   7  
ATOM   565  H HB1  . ALA A 1 6 ? 0.312  3.421  -1.705 1.00 0.00 ? 6 ALA A HB1  7  
ATOM   566  H HB2  . ALA A 1 6 ? 0.653  4.919  -0.837 1.00 0.00 ? 6 ALA A HB2  7  
ATOM   567  H HB3  . ALA A 1 6 ? -0.859 4.740  -1.725 1.00 0.00 ? 6 ALA A HB3  7  
HETATM 568  N N    . DAL A 1 1 ? -0.595 -3.302 -0.017 1.00 0.00 1 1 DAL A N    8  
HETATM 569  C CA   . DAL A 1 1 ? -0.427 -2.803 1.376  1.00 0.00 ? 1 DAL A CA   8  
HETATM 570  C CB   . DAL A 1 1 ? -1.789 -2.387 1.933  1.00 0.00 ? 1 DAL A CB   8  
HETATM 571  C C    . DAL A 1 1 ? 0.515  -1.605 1.375  1.00 0.00 ? 1 DAL A C    8  
HETATM 572  O O    . DAL A 1 1 ? 0.340  -0.666 0.598  1.00 0.00 ? 1 DAL A O    8  
HETATM 573  H H2   . DAL A 1 1 ? -1.027 -4.248 0.004  1.00 0.00 ? 1 DAL A H2   8  
HETATM 574  H H    . DAL A 1 1 ? -1.208 -2.651 -0.546 1.00 0.00 ? 1 DAL A H    8  
HETATM 575  H H3   . DAL A 1 1 ? 0.334  -3.355 -0.480 1.00 0.00 ? 1 DAL A H3   8  
HETATM 576  H HA   . DAL A 1 1 ? -0.011 -3.587 1.992  1.00 0.00 ? 1 DAL A HA   8  
HETATM 577  H HB1  . DAL A 1 1 ? -1.703 -1.415 2.391  1.00 0.00 ? 1 DAL A HB1  8  
HETATM 578  H HB2  . DAL A 1 1 ? -2.109 -3.108 2.671  1.00 0.00 ? 1 DAL A HB2  8  
ATOM   579  N N    . LEU A 1 2 ? 1.511  -1.651 2.252  1.00 0.00 ? 2 LEU A N    8  
ATOM   580  C CA   . LEU A 1 2 ? 2.485  -0.572 2.359  1.00 0.00 ? 2 LEU A CA   8  
ATOM   581  C C    . LEU A 1 2 ? 2.562  0.227  1.063  1.00 0.00 ? 2 LEU A C    8  
ATOM   582  O O    . LEU A 1 2 ? 2.669  1.453  1.084  1.00 0.00 ? 2 LEU A O    8  
ATOM   583  C CB   . LEU A 1 2 ? 3.864  -1.152 2.670  1.00 0.00 ? 2 LEU A CB   8  
ATOM   584  C CG   . LEU A 1 2 ? 3.899  -1.639 4.116  1.00 0.00 ? 2 LEU A CG   8  
ATOM   585  C CD1  . LEU A 1 2 ? 4.741  -2.912 4.202  1.00 0.00 ? 2 LEU A CD1  8  
ATOM   586  C CD2  . LEU A 1 2 ? 4.521  -0.555 5.000  1.00 0.00 ? 2 LEU A CD2  8  
ATOM   587  H H    . LEU A 1 2 ? 1.593  -2.429 2.842  1.00 0.00 ? 2 LEU A H    8  
ATOM   588  H HA   . LEU A 1 2 ? 2.195  0.087  3.162  1.00 0.00 ? 2 LEU A HA   8  
ATOM   589  H HB2  . LEU A 1 2 ? 4.062  -1.981 2.006  1.00 0.00 ? 2 LEU A HB2  8  
ATOM   590  H HB3  . LEU A 1 2 ? 4.616  -0.390 2.530  1.00 0.00 ? 2 LEU A HB3  8  
ATOM   591  H HG   . LEU A 1 2 ? 2.893  -1.848 4.451  1.00 0.00 ? 2 LEU A HG   8  
ATOM   592  H HD11 . LEU A 1 2 ? 4.101  -3.774 4.086  1.00 0.00 ? 2 LEU A HD11 8  
ATOM   593  H HD12 . LEU A 1 2 ? 5.233  -2.954 5.161  1.00 0.00 ? 2 LEU A HD12 8  
ATOM   594  H HD13 . LEU A 1 2 ? 5.482  -2.907 3.416  1.00 0.00 ? 2 LEU A HD13 8  
ATOM   595  H HD21 . LEU A 1 2 ? 3.963  0.363  4.888  1.00 0.00 ? 2 LEU A HD21 8  
ATOM   596  H HD22 . LEU A 1 2 ? 5.546  -0.393 4.703  1.00 0.00 ? 2 LEU A HD22 8  
ATOM   597  H HD23 . LEU A 1 2 ? 4.490  -0.872 6.033  1.00 0.00 ? 2 LEU A HD23 8  
ATOM   598  N N    . SER A 1 3 ? 2.522  -0.476 -0.063 1.00 0.00 ? 3 SER A N    8  
ATOM   599  C CA   . SER A 1 3 ? 2.606  0.183  -1.361 1.00 0.00 ? 3 SER A CA   8  
ATOM   600  C C    . SER A 1 3 ? 1.241  0.265  -2.048 1.00 0.00 ? 3 SER A C    8  
ATOM   601  O O    . SER A 1 3 ? 0.816  1.345  -2.462 1.00 0.00 ? 3 SER A O    8  
ATOM   602  C CB   . SER A 1 3 ? 3.591  -0.566 -2.260 1.00 0.00 ? 3 SER A CB   8  
ATOM   603  O OG   . SER A 1 3 ? 3.992  0.282  -3.327 1.00 0.00 ? 3 SER A OG   8  
ATOM   604  H H    . SER A 1 3 ? 2.449  -1.453 -0.018 1.00 0.00 ? 3 SER A H    8  
ATOM   605  H HA   . SER A 1 3 ? 2.977  1.186  -1.212 1.00 0.00 ? 3 SER A HA   8  
ATOM   606  H HB2  . SER A 1 3 ? 4.459  -0.849 -1.687 1.00 0.00 ? 3 SER A HB2  8  
ATOM   607  H HB3  . SER A 1 3 ? 3.117  -1.456 -2.649 1.00 0.00 ? 3 SER A HB3  8  
ATOM   608  H HG   . SER A 1 3 ? 4.486  1.016  -2.953 1.00 0.00 ? 3 SER A HG   8  
ATOM   609  N N    . LEU A 1 4 ? 0.561  -0.873 -2.185 1.00 0.00 ? 4 LEU A N    8  
ATOM   610  C CA   . LEU A 1 4 ? -0.744 -0.888 -2.845 1.00 0.00 ? 4 LEU A CA   8  
ATOM   611  C C    . LEU A 1 4 ? -1.788 -0.130 -2.024 1.00 0.00 ? 4 LEU A C    8  
ATOM   612  O O    . LEU A 1 4 ? -2.591 0.619  -2.580 1.00 0.00 ? 4 LEU A O    8  
ATOM   613  C CB   . LEU A 1 4 ? -1.215 -2.330 -3.080 1.00 0.00 ? 4 LEU A CB   8  
ATOM   614  C CG   . LEU A 1 4 ? -0.461 -2.938 -4.266 1.00 0.00 ? 4 LEU A CG   8  
ATOM   615  C CD1  . LEU A 1 4 ? 0.887  -3.481 -3.790 1.00 0.00 ? 4 LEU A CD1  8  
ATOM   616  C CD2  . LEU A 1 4 ? -1.288 -4.084 -4.858 1.00 0.00 ? 4 LEU A CD2  8  
ATOM   617  H H    . LEU A 1 4 ? 0.943  -1.709 -1.851 1.00 0.00 ? 4 LEU A H    8  
ATOM   618  H HA   . LEU A 1 4 ? -0.646 -0.400 -3.803 1.00 0.00 ? 4 LEU A HA   8  
ATOM   619  H HB2  . LEU A 1 4 ? -1.027 -2.920 -2.197 1.00 0.00 ? 4 LEU A HB2  8  
ATOM   620  H HB3  . LEU A 1 4 ? -2.273 -2.332 -3.295 1.00 0.00 ? 4 LEU A HB3  8  
ATOM   621  H HG   . LEU A 1 4 ? -0.299 -2.181 -5.018 1.00 0.00 ? 4 LEU A HG   8  
ATOM   622  H HD11 . LEU A 1 4 ? 1.566  -2.660 -3.619 1.00 0.00 ? 4 LEU A HD11 8  
ATOM   623  H HD12 . LEU A 1 4 ? 1.299  -4.135 -4.545 1.00 0.00 ? 4 LEU A HD12 8  
ATOM   624  H HD13 . LEU A 1 4 ? 0.750  -4.033 -2.871 1.00 0.00 ? 4 LEU A HD13 8  
ATOM   625  H HD21 . LEU A 1 4 ? -0.836 -4.413 -5.781 1.00 0.00 ? 4 LEU A HD21 8  
ATOM   626  H HD22 . LEU A 1 4 ? -2.291 -3.738 -5.052 1.00 0.00 ? 4 LEU A HD22 8  
ATOM   627  H HD23 . LEU A 1 4 ? -1.317 -4.905 -4.158 1.00 0.00 ? 4 LEU A HD23 8  
ATOM   628  N N    . CYS A 1 5 ? -1.777 -0.318 -0.706 1.00 0.00 ? 5 CYS A N    8  
ATOM   629  C CA   . CYS A 1 5 ? -2.739 0.368  0.152  1.00 0.00 ? 5 CYS A CA   8  
ATOM   630  C C    . CYS A 1 5 ? -2.021 1.265  1.155  1.00 0.00 ? 5 CYS A C    8  
ATOM   631  O O    . CYS A 1 5 ? -1.554 0.801  2.195  1.00 0.00 ? 5 CYS A O    8  
ATOM   632  C CB   . CYS A 1 5 ? -3.612 -0.646 0.895  1.00 0.00 ? 5 CYS A CB   8  
ATOM   633  S SG   . CYS A 1 5 ? -2.996 -2.322 0.585  1.00 0.00 ? 5 CYS A SG   8  
ATOM   634  H H    . CYS A 1 5 ? -1.115 -0.922 -0.303 1.00 0.00 ? 5 CYS A H    8  
ATOM   635  H HA   . CYS A 1 5 ? -3.375 0.982  -0.467 1.00 0.00 ? 5 CYS A HA   8  
ATOM   636  H HB2  . CYS A 1 5 ? -3.585 -0.441 1.954  1.00 0.00 ? 5 CYS A HB2  8  
ATOM   637  H HB3  . CYS A 1 5 ? -4.630 -0.569 0.542  1.00 0.00 ? 5 CYS A HB3  8  
ATOM   638  N N    . ALA A 1 6 ? -1.937 2.552  0.833  1.00 0.00 ? 6 ALA A N    8  
ATOM   639  C CA   . ALA A 1 6 ? -1.277 3.509  1.712  1.00 0.00 ? 6 ALA A CA   8  
ATOM   640  C C    . ALA A 1 6 ? -2.199 4.686  2.007  1.00 0.00 ? 6 ALA A C    8  
ATOM   641  O O    . ALA A 1 6 ? -2.832 5.165  1.081  1.00 0.00 ? 6 ALA A O    8  
ATOM   642  C CB   . ALA A 1 6 ? 0.009  4.018  1.058  1.00 0.00 ? 6 ALA A CB   8  
ATOM   643  O OXT  . ALA A 1 6 ? -2.261 5.093  3.156  1.00 0.00 ? 6 ALA A OXT  8  
ATOM   644  H H    . ALA A 1 6 ? -2.329 2.864  -0.009 1.00 0.00 ? 6 ALA A H    8  
ATOM   645  H HA   . ALA A 1 6 ? -1.026 3.018  2.641  1.00 0.00 ? 6 ALA A HA   8  
ATOM   646  H HB1  . ALA A 1 6 ? 0.545  4.644  1.757  1.00 0.00 ? 6 ALA A HB1  8  
ATOM   647  H HB2  . ALA A 1 6 ? -0.239 4.591  0.178  1.00 0.00 ? 6 ALA A HB2  8  
ATOM   648  H HB3  . ALA A 1 6 ? 0.629  3.178  0.780  1.00 0.00 ? 6 ALA A HB3  8  
HETATM 649  N N    . DAL A 1 1 ? -0.188 -3.658 -0.170 1.00 0.00 1 1 DAL A N    9  
HETATM 650  C CA   . DAL A 1 1 ? -0.293 -3.015 1.171  1.00 0.00 ? 1 DAL A CA   9  
HETATM 651  C CB   . DAL A 1 1 ? -1.763 -2.731 1.478  1.00 0.00 ? 1 DAL A CB   9  
HETATM 652  C C    . DAL A 1 1 ? 0.505  -1.716 1.171  1.00 0.00 ? 1 DAL A C    9  
HETATM 653  O O    . DAL A 1 1 ? 0.363  -0.893 0.267  1.00 0.00 ? 1 DAL A O    9  
HETATM 654  H H2   . DAL A 1 1 ? -0.992 -4.303 -0.308 1.00 0.00 ? 1 DAL A H2   9  
HETATM 655  H H    . DAL A 1 1 ? -0.200 -2.926 -0.908 1.00 0.00 ? 1 DAL A H    9  
HETATM 656  H H3   . DAL A 1 1 ? 0.702  -4.192 -0.230 1.00 0.00 ? 1 DAL A H3   9  
HETATM 657  H HA   . DAL A 1 1 ? 0.109  -3.682 1.920  1.00 0.00 ? 1 DAL A HA   9  
HETATM 658  H HB1  . DAL A 1 1 ? -2.152 -3.520 2.104  1.00 0.00 ? 1 DAL A HB1  9  
HETATM 659  H HB2  . DAL A 1 1 ? -2.319 -2.697 0.554  1.00 0.00 ? 1 DAL A HB2  9  
ATOM   660  N N    . LEU A 1 2 ? 1.339  -1.542 2.193  1.00 0.00 ? 2 LEU A N    9  
ATOM   661  C CA   . LEU A 1 2 ? 2.161  -0.338 2.312  1.00 0.00 ? 2 LEU A CA   9  
ATOM   662  C C    . LEU A 1 2 ? 2.343  0.320  0.950  1.00 0.00 ? 2 LEU A C    9  
ATOM   663  O O    . LEU A 1 2 ? 2.292  1.546  0.827  1.00 0.00 ? 2 LEU A O    9  
ATOM   664  C CB   . LEU A 1 2 ? 3.537  -0.695 2.891  1.00 0.00 ? 2 LEU A CB   9  
ATOM   665  C CG   . LEU A 1 2 ? 3.450  -0.849 4.414  1.00 0.00 ? 2 LEU A CG   9  
ATOM   666  C CD1  . LEU A 1 2 ? 3.164  -2.310 4.766  1.00 0.00 ? 2 LEU A CD1  9  
ATOM   667  C CD2  . LEU A 1 2 ? 4.782  -0.432 5.042  1.00 0.00 ? 2 LEU A CD2  9  
ATOM   668  H H    . LEU A 1 2 ? 1.400  -2.236 2.881  1.00 0.00 ? 2 LEU A H    9  
ATOM   669  H HA   . LEU A 1 2 ? 1.670  0.359  2.973  1.00 0.00 ? 2 LEU A HA   9  
ATOM   670  H HB2  . LEU A 1 2 ? 3.879  -1.622 2.455  1.00 0.00 ? 2 LEU A HB2  9  
ATOM   671  H HB3  . LEU A 1 2 ? 4.238  0.092  2.653  1.00 0.00 ? 2 LEU A HB3  9  
ATOM   672  H HG   . LEU A 1 2 ? 2.658  -0.226 4.800  1.00 0.00 ? 2 LEU A HG   9  
ATOM   673  H HD11 . LEU A 1 2 ? 3.043  -2.405 5.834  1.00 0.00 ? 2 LEU A HD11 9  
ATOM   674  H HD12 . LEU A 1 2 ? 3.990  -2.926 4.440  1.00 0.00 ? 2 LEU A HD12 9  
ATOM   675  H HD13 . LEU A 1 2 ? 2.260  -2.629 4.271  1.00 0.00 ? 2 LEU A HD13 9  
ATOM   676  H HD21 . LEU A 1 2 ? 5.058  0.549  4.683  1.00 0.00 ? 2 LEU A HD21 9  
ATOM   677  H HD22 . LEU A 1 2 ? 5.548  -1.142 4.770  1.00 0.00 ? 2 LEU A HD22 9  
ATOM   678  H HD23 . LEU A 1 2 ? 4.682  -0.405 6.117  1.00 0.00 ? 2 LEU A HD23 9  
ATOM   679  N N    . SER A 1 3 ? 2.554  -0.500 -0.072 1.00 0.00 ? 3 SER A N    9  
ATOM   680  C CA   . SER A 1 3 ? 2.740  0.007  -1.427 1.00 0.00 ? 3 SER A CA   9  
ATOM   681  C C    . SER A 1 3 ? 1.399  0.134  -2.153 1.00 0.00 ? 3 SER A C    9  
ATOM   682  O O    . SER A 1 3 ? 1.142  1.133  -2.825 1.00 0.00 ? 3 SER A O    9  
ATOM   683  C CB   . SER A 1 3 ? 3.660  -0.930 -2.209 1.00 0.00 ? 3 SER A CB   9  
ATOM   684  O OG   . SER A 1 3 ? 3.034  -1.287 -3.434 1.00 0.00 ? 3 SER A OG   9  
ATOM   685  H H    . SER A 1 3 ? 2.585  -1.468 0.087  1.00 0.00 ? 3 SER A H    9  
ATOM   686  H HA   . SER A 1 3 ? 3.201  0.982  -1.373 1.00 0.00 ? 3 SER A HA   9  
ATOM   687  H HB2  . SER A 1 3 ? 4.592  -0.430 -2.419 1.00 0.00 ? 3 SER A HB2  9  
ATOM   688  H HB3  . SER A 1 3 ? 3.855  -1.816 -1.618 1.00 0.00 ? 3 SER A HB3  9  
ATOM   689  H HG   . SER A 1 3 ? 2.268  -1.826 -3.229 1.00 0.00 ? 3 SER A HG   9  
ATOM   690  N N    . LEU A 1 4 ? 0.552  -0.885 -2.022 1.00 0.00 ? 4 LEU A N    9  
ATOM   691  C CA   . LEU A 1 4 ? -0.752 -0.875 -2.680 1.00 0.00 ? 4 LEU A CA   9  
ATOM   692  C C    . LEU A 1 4 ? -1.767 -0.060 -1.876 1.00 0.00 ? 4 LEU A C    9  
ATOM   693  O O    . LEU A 1 4 ? -2.553 0.698  -2.445 1.00 0.00 ? 4 LEU A O    9  
ATOM   694  C CB   . LEU A 1 4 ? -1.260 -2.309 -2.854 1.00 0.00 ? 4 LEU A CB   9  
ATOM   695  C CG   . LEU A 1 4 ? -2.173 -2.385 -4.080 1.00 0.00 ? 4 LEU A CG   9  
ATOM   696  C CD1  . LEU A 1 4 ? -2.593 -3.837 -4.315 1.00 0.00 ? 4 LEU A CD1  9  
ATOM   697  C CD2  . LEU A 1 4 ? -3.418 -1.527 -3.842 1.00 0.00 ? 4 LEU A CD2  9  
ATOM   698  H H    . LEU A 1 4 ? 0.810  -1.660 -1.481 1.00 0.00 ? 4 LEU A H    9  
ATOM   699  H HA   . LEU A 1 4 ? -0.644 -0.426 -3.657 1.00 0.00 ? 4 LEU A HA   9  
ATOM   700  H HB2  . LEU A 1 4 ? -0.419 -2.976 -2.991 1.00 0.00 ? 4 LEU A HB2  9  
ATOM   701  H HB3  . LEU A 1 4 ? -1.814 -2.605 -1.978 1.00 0.00 ? 4 LEU A HB3  9  
ATOM   702  H HG   . LEU A 1 4 ? -1.641 -2.019 -4.946 1.00 0.00 ? 4 LEU A HG   9  
ATOM   703  H HD11 . LEU A 1 4 ? -1.830 -4.499 -3.930 1.00 0.00 ? 4 LEU A HD11 9  
ATOM   704  H HD12 . LEU A 1 4 ? -2.718 -4.009 -5.375 1.00 0.00 ? 4 LEU A HD12 9  
ATOM   705  H HD13 . LEU A 1 4 ? -3.525 -4.030 -3.807 1.00 0.00 ? 4 LEU A HD13 9  
ATOM   706  H HD21 . LEU A 1 4 ? -3.268 -0.548 -4.271 1.00 0.00 ? 4 LEU A HD21 9  
ATOM   707  H HD22 . LEU A 1 4 ? -3.593 -1.432 -2.780 1.00 0.00 ? 4 LEU A HD22 9  
ATOM   708  H HD23 . LEU A 1 4 ? -4.272 -1.998 -4.306 1.00 0.00 ? 4 LEU A HD23 9  
ATOM   709  N N    . CYS A 1 5 ? -1.747 -0.219 -0.555 1.00 0.00 ? 5 CYS A N    9  
ATOM   710  C CA   . CYS A 1 5 ? -2.674 0.510  0.304  1.00 0.00 ? 5 CYS A CA   9  
ATOM   711  C C    . CYS A 1 5 ? -1.964 1.669  0.994  1.00 0.00 ? 5 CYS A C    9  
ATOM   712  O O    . CYS A 1 5 ? -1.783 1.663  2.212  1.00 0.00 ? 5 CYS A O    9  
ATOM   713  C CB   . CYS A 1 5 ? -3.260 -0.428 1.362  1.00 0.00 ? 5 CYS A CB   9  
ATOM   714  S SG   . CYS A 1 5 ? -1.915 -1.145 2.347  1.00 0.00 ? 5 CYS A SG   9  
ATOM   715  H H    . CYS A 1 5 ? -1.103 -0.833 -0.151 1.00 0.00 ? 5 CYS A H    9  
ATOM   716  H HA   . CYS A 1 5 ? -3.480 0.900  -0.301 1.00 0.00 ? 5 CYS A HA   9  
ATOM   717  H HB2  . CYS A 1 5 ? -3.917 0.134  2.010  1.00 0.00 ? 5 CYS A HB2  9  
ATOM   718  H HB3  . CYS A 1 5 ? -3.819 -1.213 0.880  1.00 0.00 ? 5 CYS A HB3  9  
ATOM   719  N N    . ALA A 1 6 ? -1.563 2.664  0.209  1.00 0.00 ? 6 ALA A N    9  
ATOM   720  C CA   . ALA A 1 6 ? -0.872 3.824  0.758  1.00 0.00 ? 6 ALA A CA   9  
ATOM   721  C C    . ALA A 1 6 ? -1.718 5.082  0.592  1.00 0.00 ? 6 ALA A C    9  
ATOM   722  O O    . ALA A 1 6 ? -2.599 5.292  1.409  1.00 0.00 ? 6 ALA A O    9  
ATOM   723  C CB   . ALA A 1 6 ? 0.471  4.012  0.050  1.00 0.00 ? 6 ALA A CB   9  
ATOM   724  O OXT  . ALA A 1 6 ? -1.471 5.818  -0.349 1.00 0.00 ? 6 ALA A OXT  9  
ATOM   725  H H    . ALA A 1 6 ? -1.733 2.616  -0.754 1.00 0.00 ? 6 ALA A H    9  
ATOM   726  H HA   . ALA A 1 6 ? -0.691 3.660  1.810  1.00 0.00 ? 6 ALA A HA   9  
ATOM   727  H HB1  . ALA A 1 6 ? 0.649  5.066  -0.108 1.00 0.00 ? 6 ALA A HB1  9  
ATOM   728  H HB2  . ALA A 1 6 ? 0.449  3.503  -0.902 1.00 0.00 ? 6 ALA A HB2  9  
ATOM   729  H HB3  . ALA A 1 6 ? 1.261  3.601  0.661  1.00 0.00 ? 6 ALA A HB3  9  
HETATM 730  N N    . DAL A 1 1 ? -0.126 -3.703 -0.144 1.00 0.00 1 1 DAL A N    10 
HETATM 731  C CA   . DAL A 1 1 ? -0.262 -3.035 1.181  1.00 0.00 ? 1 DAL A CA   10 
HETATM 732  C CB   . DAL A 1 1 ? -1.741 -2.768 1.465  1.00 0.00 ? 1 DAL A CB   10 
HETATM 733  C C    . DAL A 1 1 ? 0.509  -1.724 1.164  1.00 0.00 ? 1 DAL A C    10 
HETATM 734  O O    . DAL A 1 1 ? 0.368  -0.925 0.241  1.00 0.00 ? 1 DAL A O    10 
HETATM 735  H H2   . DAL A 1 1 ? -0.038 -2.981 -0.888 1.00 0.00 ? 1 DAL A H2   10 
HETATM 736  H H    . DAL A 1 1 ? 0.718  -4.308 -0.144 1.00 0.00 ? 1 DAL A H    10 
HETATM 737  H H3   . DAL A 1 1 ? -0.967 -4.286 -0.325 1.00 0.00 ? 1 DAL A H3   10 
HETATM 738  H HA   . DAL A 1 1 ? 0.141  -3.678 1.950  1.00 0.00 ? 1 DAL A HA   10 
HETATM 739  H HB1  . DAL A 1 1 ? -2.133 -3.568 2.074  1.00 0.00 ? 1 DAL A HB1  10 
HETATM 740  H HB2  . DAL A 1 1 ? -2.279 -2.727 0.534  1.00 0.00 ? 1 DAL A HB2  10 
ATOM   741  N N    . LEU A 1 2 ? 1.318  -1.510 2.197  1.00 0.00 ? 2 LEU A N    10 
ATOM   742  C CA   . LEU A 1 2 ? 2.112  -0.288 2.302  1.00 0.00 ? 2 LEU A CA   10 
ATOM   743  C C    . LEU A 1 2 ? 2.337  0.326  0.923  1.00 0.00 ? 2 LEU A C    10 
ATOM   744  O O    . LEU A 1 2 ? 2.317  1.547  0.765  1.00 0.00 ? 2 LEU A O    10 
ATOM   745  C CB   . LEU A 1 2 ? 3.462  -0.597 2.951  1.00 0.00 ? 2 LEU A CB   10 
ATOM   746  C CG   . LEU A 1 2 ? 3.377  -0.331 4.456  1.00 0.00 ? 2 LEU A CG   10 
ATOM   747  C CD1  . LEU A 1 2 ? 2.375  -1.296 5.090  1.00 0.00 ? 2 LEU A CD1  10 
ATOM   748  C CD2  . LEU A 1 2 ? 4.755  -0.542 5.087  1.00 0.00 ? 2 LEU A CD2  10 
ATOM   749  H H    . LEU A 1 2 ? 1.378  -2.187 2.904  1.00 0.00 ? 2 LEU A H    10 
ATOM   750  H HA   . LEU A 1 2 ? 1.582  0.421  2.919  1.00 0.00 ? 2 LEU A HA   10 
ATOM   751  H HB2  . LEU A 1 2 ? 3.714  -1.634 2.781  1.00 0.00 ? 2 LEU A HB2  10 
ATOM   752  H HB3  . LEU A 1 2 ? 4.223  0.035  2.518  1.00 0.00 ? 2 LEU A HB3  10 
ATOM   753  H HG   . LEU A 1 2 ? 3.053  0.685  4.624  1.00 0.00 ? 2 LEU A HG   10 
ATOM   754  H HD11 . LEU A 1 2 ? 2.279  -1.075 6.143  1.00 0.00 ? 2 LEU A HD11 10 
ATOM   755  H HD12 . LEU A 1 2 ? 2.726  -2.311 4.966  1.00 0.00 ? 2 LEU A HD12 10 
ATOM   756  H HD13 . LEU A 1 2 ? 1.416  -1.185 4.608  1.00 0.00 ? 2 LEU A HD13 10 
ATOM   757  H HD21 . LEU A 1 2 ? 5.484  0.069  4.574  1.00 0.00 ? 2 LEU A HD21 10 
ATOM   758  H HD22 . LEU A 1 2 ? 5.035  -1.582 5.003  1.00 0.00 ? 2 LEU A HD22 10 
ATOM   759  H HD23 . LEU A 1 2 ? 4.721  -0.261 6.129  1.00 0.00 ? 2 LEU A HD23 10 
ATOM   760  N N    . SER A 1 3 ? 2.545  -0.532 -0.071 1.00 0.00 ? 3 SER A N    10 
ATOM   761  C CA   . SER A 1 3 ? 2.768  -0.068 -1.437 1.00 0.00 ? 3 SER A CA   10 
ATOM   762  C C    . SER A 1 3 ? 1.442  0.104  -2.178 1.00 0.00 ? 3 SER A C    10 
ATOM   763  O O    . SER A 1 3 ? 1.242  1.092  -2.883 1.00 0.00 ? 3 SER A O    10 
ATOM   764  C CB   . SER A 1 3 ? 3.648  -1.067 -2.188 1.00 0.00 ? 3 SER A CB   10 
ATOM   765  O OG   . SER A 1 3 ? 4.713  -0.371 -2.822 1.00 0.00 ? 3 SER A OG   10 
ATOM   766  H H    . SER A 1 3 ? 2.546  -1.493 0.115  1.00 0.00 ? 3 SER A H    10 
ATOM   767  H HA   . SER A 1 3 ? 3.275  0.885  -1.404 1.00 0.00 ? 3 SER A HA   10 
ATOM   768  H HB2  . SER A 1 3 ? 4.054  -1.783 -1.495 1.00 0.00 ? 3 SER A HB2  10 
ATOM   769  H HB3  . SER A 1 3 ? 3.051  -1.585 -2.928 1.00 0.00 ? 3 SER A HB3  10 
ATOM   770  H HG   . SER A 1 3 ? 4.503  0.566  -2.810 1.00 0.00 ? 3 SER A HG   10 
ATOM   771  N N    . LEU A 1 4 ? 0.541  -0.866 -2.023 1.00 0.00 ? 4 LEU A N    10 
ATOM   772  C CA   . LEU A 1 4 ? -0.754 -0.804 -2.697 1.00 0.00 ? 4 LEU A CA   10 
ATOM   773  C C    . LEU A 1 4 ? -1.774 -0.023 -1.865 1.00 0.00 ? 4 LEU A C    10 
ATOM   774  O O    . LEU A 1 4 ? -2.567 0.745  -2.410 1.00 0.00 ? 4 LEU A O    10 
ATOM   775  C CB   . LEU A 1 4 ? -1.276 -2.221 -2.962 1.00 0.00 ? 4 LEU A CB   10 
ATOM   776  C CG   . LEU A 1 4 ? -1.873 -2.289 -4.368 1.00 0.00 ? 4 LEU A CG   10 
ATOM   777  C CD1  . LEU A 1 4 ? -2.907 -1.176 -4.538 1.00 0.00 ? 4 LEU A CD1  10 
ATOM   778  C CD2  . LEU A 1 4 ? -0.759 -2.115 -5.404 1.00 0.00 ? 4 LEU A CD2  10 
ATOM   779  H H    . LEU A 1 4 ? 0.753  -1.635 -1.456 1.00 0.00 ? 4 LEU A H    10 
ATOM   780  H HA   . LEU A 1 4 ? -0.627 -0.304 -3.644 1.00 0.00 ? 4 LEU A HA   10 
ATOM   781  H HB2  . LEU A 1 4 ? -0.460 -2.926 -2.882 1.00 0.00 ? 4 LEU A HB2  10 
ATOM   782  H HB3  . LEU A 1 4 ? -2.038 -2.468 -2.238 1.00 0.00 ? 4 LEU A HB3  10 
ATOM   783  H HG   . LEU A 1 4 ? -2.352 -3.247 -4.509 1.00 0.00 ? 4 LEU A HG   10 
ATOM   784  H HD11 . LEU A 1 4 ? -3.674 -1.498 -5.229 1.00 0.00 ? 4 LEU A HD11 10 
ATOM   785  H HD12 . LEU A 1 4 ? -2.423 -0.292 -4.926 1.00 0.00 ? 4 LEU A HD12 10 
ATOM   786  H HD13 . LEU A 1 4 ? -3.356 -0.951 -3.582 1.00 0.00 ? 4 LEU A HD13 10 
ATOM   787  H HD21 . LEU A 1 4 ? -0.882 -1.169 -5.911 1.00 0.00 ? 4 LEU A HD21 10 
ATOM   788  H HD22 . LEU A 1 4 ? -0.809 -2.918 -6.125 1.00 0.00 ? 4 LEU A HD22 10 
ATOM   789  H HD23 . LEU A 1 4 ? 0.201  -2.135 -4.910 1.00 0.00 ? 4 LEU A HD23 10 
ATOM   790  N N    . CYS A 1 5 ? -1.750 -0.217 -0.548 1.00 0.00 ? 5 CYS A N    10 
ATOM   791  C CA   . CYS A 1 5 ? -2.681 0.485  0.331  1.00 0.00 ? 5 CYS A CA   10 
ATOM   792  C C    . CYS A 1 5 ? -1.976 1.632  1.049  1.00 0.00 ? 5 CYS A C    10 
ATOM   793  O O    . CYS A 1 5 ? -2.064 1.759  2.269  1.00 0.00 ? 5 CYS A O    10 
ATOM   794  C CB   . CYS A 1 5 ? -3.262 -0.484 1.365  1.00 0.00 ? 5 CYS A CB   10 
ATOM   795  S SG   . CYS A 1 5 ? -1.919 -1.195 2.352  1.00 0.00 ? 5 CYS A SG   10 
ATOM   796  H H    . CYS A 1 5 ? -1.101 -0.836 -0.162 1.00 0.00 ? 5 CYS A H    10 
ATOM   797  H HA   . CYS A 1 5 ? -3.488 0.887  -0.262 1.00 0.00 ? 5 CYS A HA   10 
ATOM   798  H HB2  . CYS A 1 5 ? -3.937 0.054  2.015  1.00 0.00 ? 5 CYS A HB2  10 
ATOM   799  H HB3  . CYS A 1 5 ? -3.803 -1.269 0.861  1.00 0.00 ? 5 CYS A HB3  10 
ATOM   800  N N    . ALA A 1 6 ? -1.274 2.461  0.282  1.00 0.00 ? 6 ALA A N    10 
ATOM   801  C CA   . ALA A 1 6 ? -0.556 3.594  0.858  1.00 0.00 ? 6 ALA A CA   10 
ATOM   802  C C    . ALA A 1 6 ? -1.487 4.789  1.035  1.00 0.00 ? 6 ALA A C    10 
ATOM   803  O O    . ALA A 1 6 ? -2.277 4.767  1.965  1.00 0.00 ? 6 ALA A O    10 
ATOM   804  C CB   . ALA A 1 6 ? 0.613  3.984  -0.049 1.00 0.00 ? 6 ALA A CB   10 
ATOM   805  O OXT  . ALA A 1 6 ? -1.398 5.707  0.237  1.00 0.00 ? 6 ALA A OXT  10 
ATOM   806  H H    . ALA A 1 6 ? -1.239 2.309  -0.685 1.00 0.00 ? 6 ALA A H    10 
ATOM   807  H HA   . ALA A 1 6 ? -0.168 3.307  1.823  1.00 0.00 ? 6 ALA A HA   10 
ATOM   808  H HB1  . ALA A 1 6 ? 1.278  4.645  0.489  1.00 0.00 ? 6 ALA A HB1  10 
ATOM   809  H HB2  . ALA A 1 6 ? 0.235  4.490  -0.925 1.00 0.00 ? 6 ALA A HB2  10 
ATOM   810  H HB3  . ALA A 1 6 ? 1.150  3.097  -0.346 1.00 0.00 ? 6 ALA A HB3  10 
HETATM 811  N N    . DAL A 1 1 ? -0.202 -3.645 -0.135 1.00 0.00 1 1 DAL A N    11 
HETATM 812  C CA   . DAL A 1 1 ? -0.289 -2.986 1.199  1.00 0.00 ? 1 DAL A CA   11 
HETATM 813  C CB   . DAL A 1 1 ? -1.752 -2.658 1.506  1.00 0.00 ? 1 DAL A CB   11 
HETATM 814  C C    . DAL A 1 1 ? 0.537  -1.708 1.186  1.00 0.00 ? 1 DAL A C    11 
HETATM 815  O O    . DAL A 1 1 ? 0.397  -0.879 0.286  1.00 0.00 ? 1 DAL A O    11 
HETATM 816  H H2   . DAL A 1 1 ? -0.844 -4.464 -0.158 1.00 0.00 ? 1 DAL A H2   11 
HETATM 817  H H    . DAL A 1 1 ? -0.477 -2.968 -0.874 1.00 0.00 ? 1 DAL A H    11 
HETATM 818  H H3   . DAL A 1 1 ? 0.773  -3.962 -0.302 1.00 0.00 ? 1 DAL A H3   11 
HETATM 819  H HA   . DAL A 1 1 ? 0.095  -3.654 1.955  1.00 0.00 ? 1 DAL A HA   11 
HETATM 820  H HB1  . DAL A 1 1 ? -2.157 -3.419 2.155  1.00 0.00 ? 1 DAL A HB1  11 
HETATM 821  H HB2  . DAL A 1 1 ? -2.312 -2.635 0.584  1.00 0.00 ? 1 DAL A HB2  11 
ATOM   822  N N    . LEU A 1 2 ? 1.386  -1.556 2.197  1.00 0.00 ? 2 LEU A N    11 
ATOM   823  C CA   . LEU A 1 2 ? 2.235  -0.373 2.308  1.00 0.00 ? 2 LEU A CA   11 
ATOM   824  C C    . LEU A 1 2 ? 2.404  0.296  0.950  1.00 0.00 ? 2 LEU A C    11 
ATOM   825  O O    . LEU A 1 2 ? 2.364  1.522  0.841  1.00 0.00 ? 2 LEU A O    11 
ATOM   826  C CB   . LEU A 1 2 ? 3.607  -0.771 2.857  1.00 0.00 ? 2 LEU A CB   11 
ATOM   827  C CG   . LEU A 1 2 ? 4.144  0.343  3.758  1.00 0.00 ? 2 LEU A CG   11 
ATOM   828  C CD1  . LEU A 1 2 ? 4.129  1.669  2.994  1.00 0.00 ? 2 LEU A CD1  11 
ATOM   829  C CD2  . LEU A 1 2 ? 3.263  0.461  5.007  1.00 0.00 ? 2 LEU A CD2  11 
ATOM   830  H H    . LEU A 1 2 ? 1.439  -2.253 2.883  1.00 0.00 ? 2 LEU A H    11 
ATOM   831  H HA   . LEU A 1 2 ? 1.775  0.326  2.991  1.00 0.00 ? 2 LEU A HA   11 
ATOM   832  H HB2  . LEU A 1 2 ? 3.514  -1.683 3.431  1.00 0.00 ? 2 LEU A HB2  11 
ATOM   833  H HB3  . LEU A 1 2 ? 4.290  -0.930 2.038  1.00 0.00 ? 2 LEU A HB3  11 
ATOM   834  H HG   . LEU A 1 2 ? 5.158  0.110  4.051  1.00 0.00 ? 2 LEU A HG   11 
ATOM   835  H HD11 . LEU A 1 2 ? 4.851  2.344  3.429  1.00 0.00 ? 2 LEU A HD11 11 
ATOM   836  H HD12 . LEU A 1 2 ? 3.144  2.109  3.057  1.00 0.00 ? 2 LEU A HD12 11 
ATOM   837  H HD13 . LEU A 1 2 ? 4.379  1.490  1.959  1.00 0.00 ? 2 LEU A HD13 11 
ATOM   838  H HD21 . LEU A 1 2 ? 3.875  0.352  5.889  1.00 0.00 ? 2 LEU A HD21 11 
ATOM   839  H HD22 . LEU A 1 2 ? 2.513  -0.316 4.993  1.00 0.00 ? 2 LEU A HD22 11 
ATOM   840  H HD23 . LEU A 1 2 ? 2.780  1.426  5.019  1.00 0.00 ? 2 LEU A HD23 11 
ATOM   841  N N    . SER A 1 3 ? 2.595  -0.517 -0.081 1.00 0.00 ? 3 SER A N    11 
ATOM   842  C CA   . SER A 1 3 ? 2.774  0.004  -1.432 1.00 0.00 ? 3 SER A CA   11 
ATOM   843  C C    . SER A 1 3 ? 1.439  0.112  -2.178 1.00 0.00 ? 3 SER A C    11 
ATOM   844  O O    . SER A 1 3 ? 1.229  1.052  -2.945 1.00 0.00 ? 3 SER A O    11 
ATOM   845  C CB   . SER A 1 3 ? 3.719  -0.908 -2.216 1.00 0.00 ? 3 SER A CB   11 
ATOM   846  O OG   . SER A 1 3 ? 2.981  -1.603 -3.213 1.00 0.00 ? 3 SER A OG   11 
ATOM   847  H H    . SER A 1 3 ? 2.625  -1.486 0.071  1.00 0.00 ? 3 SER A H    11 
ATOM   848  H HA   . SER A 1 3 ? 3.216  0.985  -1.369 1.00 0.00 ? 3 SER A HA   11 
ATOM   849  H HB2  . SER A 1 3 ? 4.482  -0.313 -2.691 1.00 0.00 ? 3 SER A HB2  11 
ATOM   850  H HB3  . SER A 1 3 ? 4.183  -1.611 -1.538 1.00 0.00 ? 3 SER A HB3  11 
ATOM   851  H HG   . SER A 1 3 ? 2.294  -1.016 -3.536 1.00 0.00 ? 3 SER A HG   11 
ATOM   852  N N    . LEU A 1 4 ? 0.548  -0.859 -1.973 1.00 0.00 ? 4 LEU A N    11 
ATOM   853  C CA   . LEU A 1 4 ? -0.742 -0.852 -2.658 1.00 0.00 ? 4 LEU A CA   11 
ATOM   854  C C    . LEU A 1 4 ? -1.797 -0.063 -1.878 1.00 0.00 ? 4 LEU A C    11 
ATOM   855  O O    . LEU A 1 4 ? -2.584 0.674  -2.470 1.00 0.00 ? 4 LEU A O    11 
ATOM   856  C CB   . LEU A 1 4 ? -1.228 -2.290 -2.870 1.00 0.00 ? 4 LEU A CB   11 
ATOM   857  C CG   . LEU A 1 4 ? -1.900 -2.409 -4.240 1.00 0.00 ? 4 LEU A CG   11 
ATOM   858  C CD1  . LEU A 1 4 ? -3.056 -1.412 -4.333 1.00 0.00 ? 4 LEU A CD1  11 
ATOM   859  C CD2  . LEU A 1 4 ? -0.876 -2.107 -5.339 1.00 0.00 ? 4 LEU A CD2  11 
ATOM   860  H H    . LEU A 1 4 ? 0.763  -1.595 -1.366 1.00 0.00 ? 4 LEU A H    11 
ATOM   861  H HA   . LEU A 1 4 ? -0.614 -0.387 -3.624 1.00 0.00 ? 4 LEU A HA   11 
ATOM   862  H HB2  . LEU A 1 4 ? -0.384 -2.963 -2.827 1.00 0.00 ? 4 LEU A HB2  11 
ATOM   863  H HB3  . LEU A 1 4 ? -1.937 -2.549 -2.101 1.00 0.00 ? 4 LEU A HB3  11 
ATOM   864  H HG   . LEU A 1 4 ? -2.281 -3.412 -4.367 1.00 0.00 ? 4 LEU A HG   11 
ATOM   865  H HD11 . LEU A 1 4 ? -3.659 -1.476 -3.440 1.00 0.00 ? 4 LEU A HD11 11 
ATOM   866  H HD12 . LEU A 1 4 ? -3.664 -1.645 -5.194 1.00 0.00 ? 4 LEU A HD12 11 
ATOM   867  H HD13 . LEU A 1 4 ? -2.663 -0.411 -4.431 1.00 0.00 ? 4 LEU A HD13 11 
ATOM   868  H HD21 . LEU A 1 4 ? 0.120  -2.169 -4.928 1.00 0.00 ? 4 LEU A HD21 11 
ATOM   869  H HD22 . LEU A 1 4 ? -1.046 -1.113 -5.725 1.00 0.00 ? 4 LEU A HD22 11 
ATOM   870  H HD23 . LEU A 1 4 ? -0.983 -2.828 -6.136 1.00 0.00 ? 4 LEU A HD23 11 
ATOM   871  N N    . CYS A 1 5 ? -1.816 -0.218 -0.555 1.00 0.00 ? 5 CYS A N    11 
ATOM   872  C CA   . CYS A 1 5 ? -2.795 0.496  0.262  1.00 0.00 ? 5 CYS A CA   11 
ATOM   873  C C    . CYS A 1 5 ? -2.191 1.780  0.820  1.00 0.00 ? 5 CYS A C    11 
ATOM   874  O O    . CYS A 1 5 ? -1.604 1.784  1.902  1.00 0.00 ? 5 CYS A O    11 
ATOM   875  C CB   . CYS A 1 5 ? -3.281 -0.390 1.413  1.00 0.00 ? 5 CYS A CB   11 
ATOM   876  S SG   . CYS A 1 5 ? -1.859 -1.044 2.328  1.00 0.00 ? 5 CYS A SG   11 
ATOM   877  H H    . CYS A 1 5 ? -1.171 -0.816 -0.124 1.00 0.00 ? 5 CYS A H    11 
ATOM   878  H HA   . CYS A 1 5 ? -3.642 0.752  -0.357 1.00 0.00 ? 5 CYS A HA   11 
ATOM   879  H HB2  . CYS A 1 5 ? -3.894 0.197  2.081  1.00 0.00 ? 5 CYS A HB2  11 
ATOM   880  H HB3  . CYS A 1 5 ? -3.866 -1.207 1.019  1.00 0.00 ? 5 CYS A HB3  11 
ATOM   881  N N    . ALA A 1 6 ? -2.342 2.869  0.072  1.00 0.00 ? 6 ALA A N    11 
ATOM   882  C CA   . ALA A 1 6 ? -1.809 4.157  0.498  1.00 0.00 ? 6 ALA A CA   11 
ATOM   883  C C    . ALA A 1 6 ? -2.810 5.269  0.200  1.00 0.00 ? 6 ALA A C    11 
ATOM   884  O O    . ALA A 1 6 ? -2.742 5.829  -0.881 1.00 0.00 ? 6 ALA A O    11 
ATOM   885  C CB   . ALA A 1 6 ? -0.493 4.443  -0.228 1.00 0.00 ? 6 ALA A CB   11 
ATOM   886  O OXT  . ALA A 1 6 ? -3.632 5.546  1.059  1.00 0.00 ? 6 ALA A OXT  11 
ATOM   887  H H    . ALA A 1 6 ? -2.819 2.803  -0.781 1.00 0.00 ? 6 ALA A H    11 
ATOM   888  H HA   . ALA A 1 6 ? -1.622 4.127  1.560  1.00 0.00 ? 6 ALA A HA   11 
ATOM   889  H HB1  . ALA A 1 6 ? -0.555 5.400  -0.728 1.00 0.00 ? 6 ALA A HB1  11 
ATOM   890  H HB2  . ALA A 1 6 ? -0.309 3.670  -0.958 1.00 0.00 ? 6 ALA A HB2  11 
ATOM   891  H HB3  . ALA A 1 6 ? 0.314  4.463  0.487  1.00 0.00 ? 6 ALA A HB3  11 
HETATM 892  N N    . DAL A 1 1 ? -0.164 -3.690 -0.145 1.00 0.00 1 1 DAL A N    12 
HETATM 893  C CA   . DAL A 1 1 ? -0.278 -3.025 1.183  1.00 0.00 ? 1 DAL A CA   12 
HETATM 894  C CB   . DAL A 1 1 ? -1.751 -2.748 1.487  1.00 0.00 ? 1 DAL A CB   12 
HETATM 895  C C    . DAL A 1 1 ? 0.503  -1.718 1.163  1.00 0.00 ? 1 DAL A C    12 
HETATM 896  O O    . DAL A 1 1 ? 0.360  -0.915 0.241  1.00 0.00 ? 1 DAL A O    12 
HETATM 897  H H2   . DAL A 1 1 ? 0.225  -3.017 -0.837 1.00 0.00 ? 1 DAL A H2   12 
HETATM 898  H H    . DAL A 1 1 ? 0.469  -4.512 -0.068 1.00 0.00 ? 1 DAL A H    12 
HETATM 899  H H3   . DAL A 1 1 ? -1.104 -4.007 -0.457 1.00 0.00 ? 1 DAL A H3   12 
HETATM 900  H HA   . DAL A 1 1 ? 0.129  -3.674 1.945  1.00 0.00 ? 1 DAL A HA   12 
HETATM 901  H HB1  . DAL A 1 1 ? -2.140 -3.542 2.107  1.00 0.00 ? 1 DAL A HB1  12 
HETATM 902  H HB2  . DAL A 1 1 ? -2.304 -2.711 0.562  1.00 0.00 ? 1 DAL A HB2  12 
ATOM   903  N N    . LEU A 1 2 ? 1.321  -1.514 2.190  1.00 0.00 ? 2 LEU A N    12 
ATOM   904  C CA   . LEU A 1 2 ? 2.124  -0.298 2.294  1.00 0.00 ? 2 LEU A CA   12 
ATOM   905  C C    . LEU A 1 2 ? 2.340  0.322  0.916  1.00 0.00 ? 2 LEU A C    12 
ATOM   906  O O    . LEU A 1 2 ? 2.302  1.543  0.760  1.00 0.00 ? 2 LEU A O    12 
ATOM   907  C CB   . LEU A 1 2 ? 3.481  -0.623 2.929  1.00 0.00 ? 2 LEU A CB   12 
ATOM   908  C CG   . LEU A 1 2 ? 3.669  0.207  4.199  1.00 0.00 ? 2 LEU A CG   12 
ATOM   909  C CD1  . LEU A 1 2 ? 3.507  1.693  3.869  1.00 0.00 ? 2 LEU A CD1  12 
ATOM   910  C CD2  . LEU A 1 2 ? 2.618  -0.200 5.235  1.00 0.00 ? 2 LEU A CD2  12 
ATOM   911  H H    . LEU A 1 2 ? 1.382  -2.192 2.893  1.00 0.00 ? 2 LEU A H    12 
ATOM   912  H HA   . LEU A 1 2 ? 1.606  0.412  2.920  1.00 0.00 ? 2 LEU A HA   12 
ATOM   913  H HB2  . LEU A 1 2 ? 3.519  -1.674 3.176  1.00 0.00 ? 2 LEU A HB2  12 
ATOM   914  H HB3  . LEU A 1 2 ? 4.272  -0.391 2.230  1.00 0.00 ? 2 LEU A HB3  12 
ATOM   915  H HG   . LEU A 1 2 ? 4.657  0.035  4.600  1.00 0.00 ? 2 LEU A HG   12 
ATOM   916  H HD11 . LEU A 1 2 ? 2.518  2.019  4.155  1.00 0.00 ? 2 LEU A HD11 12 
ATOM   917  H HD12 . LEU A 1 2 ? 3.642  1.841  2.808  1.00 0.00 ? 2 LEU A HD12 12 
ATOM   918  H HD13 . LEU A 1 2 ? 4.246  2.265  4.410  1.00 0.00 ? 2 LEU A HD13 12 
ATOM   919  H HD21 . LEU A 1 2 ? 3.089  -0.776 6.018  1.00 0.00 ? 2 LEU A HD21 12 
ATOM   920  H HD22 . LEU A 1 2 ? 1.856  -0.798 4.758  1.00 0.00 ? 2 LEU A HD22 12 
ATOM   921  H HD23 . LEU A 1 2 ? 2.169  0.685  5.660  1.00 0.00 ? 2 LEU A HD23 12 
ATOM   922  N N    . SER A 1 3 ? 2.561  -0.529 -0.081 1.00 0.00 ? 3 SER A N    12 
ATOM   923  C CA   . SER A 1 3 ? 2.778  -0.057 -1.444 1.00 0.00 ? 3 SER A CA   12 
ATOM   924  C C    . SER A 1 3 ? 1.449  0.109  -2.180 1.00 0.00 ? 3 SER A C    12 
ATOM   925  O O    . SER A 1 3 ? 1.242  1.096  -2.886 1.00 0.00 ? 3 SER A O    12 
ATOM   926  C CB   . SER A 1 3 ? 3.664  -1.045 -2.205 1.00 0.00 ? 3 SER A CB   12 
ATOM   927  O OG   . SER A 1 3 ? 3.077  -1.324 -3.468 1.00 0.00 ? 3 SER A OG   12 
ATOM   928  H H    . SER A 1 3 ? 2.580  -1.492 0.104  1.00 0.00 ? 3 SER A H    12 
ATOM   929  H HA   . SER A 1 3 ? 3.279  0.899  -1.407 1.00 0.00 ? 3 SER A HA   12 
ATOM   930  H HB2  . SER A 1 3 ? 4.639  -0.616 -2.353 1.00 0.00 ? 3 SER A HB2  12 
ATOM   931  H HB3  . SER A 1 3 ? 3.758  -1.956 -1.630 1.00 0.00 ? 3 SER A HB3  12 
ATOM   932  H HG   . SER A 1 3 ? 3.176  -0.545 -4.021 1.00 0.00 ? 3 SER A HG   12 
ATOM   933  N N    . LEU A 1 4 ? 0.556  -0.862 -2.016 1.00 0.00 ? 4 LEU A N    12 
ATOM   934  C CA   . LEU A 1 4 ? -0.744 -0.809 -2.679 1.00 0.00 ? 4 LEU A CA   12 
ATOM   935  C C    . LEU A 1 4 ? -1.746 -0.001 -1.855 1.00 0.00 ? 4 LEU A C    12 
ATOM   936  O O    . LEU A 1 4 ? -2.478 0.827  -2.397 1.00 0.00 ? 4 LEU A O    12 
ATOM   937  C CB   . LEU A 1 4 ? -1.280 -2.225 -2.894 1.00 0.00 ? 4 LEU A CB   12 
ATOM   938  C CG   . LEU A 1 4 ? -0.185 -3.096 -3.512 1.00 0.00 ? 4 LEU A CG   12 
ATOM   939  C CD1  . LEU A 1 4 ? -0.723 -4.511 -3.737 1.00 0.00 ? 4 LEU A CD1  12 
ATOM   940  C CD2  . LEU A 1 4 ? 0.245  -2.495 -4.853 1.00 0.00 ? 4 LEU A CD2  12 
ATOM   941  H H    . LEU A 1 4 ? 0.774  -1.628 -1.447 1.00 0.00 ? 4 LEU A H    12 
ATOM   942  H HA   . LEU A 1 4 ? -0.625 -0.334 -3.640 1.00 0.00 ? 4 LEU A HA   12 
ATOM   943  H HB2  . LEU A 1 4 ? -1.583 -2.646 -1.946 1.00 0.00 ? 4 LEU A HB2  12 
ATOM   944  H HB3  . LEU A 1 4 ? -2.129 -2.193 -3.561 1.00 0.00 ? 4 LEU A HB3  12 
ATOM   945  H HG   . LEU A 1 4 ? 0.663  -3.135 -2.844 1.00 0.00 ? 4 LEU A HG   12 
ATOM   946  H HD11 . LEU A 1 4 ? 0.021  -5.231 -3.429 1.00 0.00 ? 4 LEU A HD11 12 
ATOM   947  H HD12 . LEU A 1 4 ? -0.946 -4.649 -4.784 1.00 0.00 ? 4 LEU A HD12 12 
ATOM   948  H HD13 . LEU A 1 4 ? -1.622 -4.650 -3.155 1.00 0.00 ? 4 LEU A HD13 12 
ATOM   949  H HD21 . LEU A 1 4 ? 0.915  -1.666 -4.678 1.00 0.00 ? 4 LEU A HD21 12 
ATOM   950  H HD22 . LEU A 1 4 ? -0.627 -2.147 -5.388 1.00 0.00 ? 4 LEU A HD22 12 
ATOM   951  H HD23 . LEU A 1 4 ? 0.749  -3.250 -5.439 1.00 0.00 ? 4 LEU A HD23 12 
ATOM   952  N N    . CYS A 1 5 ? -1.777 -0.242 -0.547 1.00 0.00 ? 5 CYS A N    12 
ATOM   953  C CA   . CYS A 1 5 ? -2.700 0.478  0.325  1.00 0.00 ? 5 CYS A CA   12 
ATOM   954  C C    . CYS A 1 5 ? -1.994 1.652  0.997  1.00 0.00 ? 5 CYS A C    12 
ATOM   955  O O    . CYS A 1 5 ? -1.971 1.755  2.224  1.00 0.00 ? 5 CYS A O    12 
ATOM   956  C CB   . CYS A 1 5 ? -3.265 -0.460 1.394  1.00 0.00 ? 5 CYS A CB   12 
ATOM   957  S SG   . CYS A 1 5 ? -1.907 -1.168 2.365  1.00 0.00 ? 5 CYS A SG   12 
ATOM   958  H H    . CYS A 1 5 ? -1.173 -0.912 -0.163 1.00 0.00 ? 5 CYS A H    12 
ATOM   959  H HA   . CYS A 1 5 ? -3.516 0.857  -0.270 1.00 0.00 ? 5 CYS A HA   12 
ATOM   960  H HB2  . CYS A 1 5 ? -3.917 0.098  2.050  1.00 0.00 ? 5 CYS A HB2  12 
ATOM   961  H HB3  . CYS A 1 5 ? -3.827 -1.252 0.922  1.00 0.00 ? 5 CYS A HB3  12 
ATOM   962  N N    . ALA A 1 6 ? -1.420 2.533  0.185  1.00 0.00 ? 6 ALA A N    12 
ATOM   963  C CA   . ALA A 1 6 ? -0.716 3.696  0.710  1.00 0.00 ? 6 ALA A CA   12 
ATOM   964  C C    . ALA A 1 6 ? -1.696 4.668  1.361  1.00 0.00 ? 6 ALA A C    12 
ATOM   965  O O    . ALA A 1 6 ? -1.296 5.787  1.634  1.00 0.00 ? 6 ALA A O    12 
ATOM   966  C CB   . ALA A 1 6 ? 0.034  4.407  -0.419 1.00 0.00 ? 6 ALA A CB   12 
ATOM   967  O OXT  . ALA A 1 6 ? -2.831 4.275  1.579  1.00 0.00 ? 6 ALA A OXT  12 
ATOM   968  H H    . ALA A 1 6 ? -1.471 2.398  -0.785 1.00 0.00 ? 6 ALA A H    12 
ATOM   969  H HA   . ALA A 1 6 ? -0.002 3.370  1.450  1.00 0.00 ? 6 ALA A HA   12 
ATOM   970  H HB1  . ALA A 1 6 ? 0.873  4.949  -0.008 1.00 0.00 ? 6 ALA A HB1  12 
ATOM   971  H HB2  . ALA A 1 6 ? -0.633 5.098  -0.914 1.00 0.00 ? 6 ALA A HB2  12 
ATOM   972  H HB3  . ALA A 1 6 ? 0.389  3.677  -1.129 1.00 0.00 ? 6 ALA A HB3  12 
HETATM 973  N N    . DAL A 1 1 ? -1.171 -3.062 0.154  1.00 0.00 1 1 DAL A N    13 
HETATM 974  C CA   . DAL A 1 1 ? -0.633 -2.815 1.521  1.00 0.00 ? 1 DAL A CA   13 
HETATM 975  C CB   . DAL A 1 1 ? -1.786 -2.454 2.462  1.00 0.00 ? 1 DAL A CB   13 
HETATM 976  C C    . DAL A 1 1 ? 0.367  -1.668 1.468  1.00 0.00 ? 1 DAL A C    13 
HETATM 977  O O    . DAL A 1 1 ? 0.099  -0.632 0.861  1.00 0.00 ? 1 DAL A O    13 
HETATM 978  H H2   . DAL A 1 1 ? -0.729 -3.918 -0.242 1.00 0.00 ? 1 DAL A H2   13 
HETATM 979  H H    . DAL A 1 1 ? -2.201 -3.192 0.203  1.00 0.00 ? 1 DAL A H    13 
HETATM 980  H H3   . DAL A 1 1 ? -0.956 -2.248 -0.455 1.00 0.00 ? 1 DAL A H3   13 
HETATM 981  H HA   . DAL A 1 1 ? -0.141 -3.707 1.882  1.00 0.00 ? 1 DAL A HA   13 
HETATM 982  H HB1  . DAL A 1 1 ? -1.458 -1.701 3.161  1.00 0.00 ? 1 DAL A HB1  13 
HETATM 983  H HB2  . DAL A 1 1 ? -2.100 -3.336 3.004  1.00 0.00 ? 1 DAL A HB2  13 
ATOM   984  N N    . LEU A 1 2 ? 1.518  -1.861 2.109  1.00 0.00 ? 2 LEU A N    13 
ATOM   985  C CA   . LEU A 1 2 ? 2.553  -0.832 2.138  1.00 0.00 ? 2 LEU A CA   13 
ATOM   986  C C    . LEU A 1 2 ? 2.377  0.148  0.978  1.00 0.00 ? 2 LEU A C    13 
ATOM   987  O O    . LEU A 1 2 ? 1.931  1.277  1.180  1.00 0.00 ? 2 LEU A O    13 
ATOM   988  C CB   . LEU A 1 2 ? 3.940  -1.482 2.069  1.00 0.00 ? 2 LEU A CB   13 
ATOM   989  C CG   . LEU A 1 2 ? 4.560  -1.516 3.466  1.00 0.00 ? 2 LEU A CG   13 
ATOM   990  C CD1  . LEU A 1 2 ? 5.837  -2.356 3.434  1.00 0.00 ? 2 LEU A CD1  13 
ATOM   991  C CD2  . LEU A 1 2 ? 4.897  -0.091 3.911  1.00 0.00 ? 2 LEU A CD2  13 
ATOM   992  H H    . LEU A 1 2 ? 1.669  -2.708 2.578  1.00 0.00 ? 2 LEU A H    13 
ATOM   993  H HA   . LEU A 1 2 ? 2.474  -0.287 3.066  1.00 0.00 ? 2 LEU A HA   13 
ATOM   994  H HB2  . LEU A 1 2 ? 3.847  -2.492 1.695  1.00 0.00 ? 2 LEU A HB2  13 
ATOM   995  H HB3  . LEU A 1 2 ? 4.576  -0.909 1.414  1.00 0.00 ? 2 LEU A HB3  13 
ATOM   996  H HG   . LEU A 1 2 ? 3.857  -1.955 4.160  1.00 0.00 ? 2 LEU A HG   13 
ATOM   997  H HD11 . LEU A 1 2 ? 6.559  -1.888 2.783  1.00 0.00 ? 2 LEU A HD11 13 
ATOM   998  H HD12 . LEU A 1 2 ? 5.609  -3.346 3.066  1.00 0.00 ? 2 LEU A HD12 13 
ATOM   999  H HD13 . LEU A 1 2 ? 6.245  -2.428 4.432  1.00 0.00 ? 2 LEU A HD13 13 
ATOM   1000 H HD21 . LEU A 1 2 ? 4.246  0.197  4.722  1.00 0.00 ? 2 LEU A HD21 13 
ATOM   1001 H HD22 . LEU A 1 2 ? 4.761  0.589  3.082  1.00 0.00 ? 2 LEU A HD22 13 
ATOM   1002 H HD23 . LEU A 1 2 ? 5.926  -0.051 4.242  1.00 0.00 ? 2 LEU A HD23 13 
ATOM   1003 N N    . SER A 1 3 ? 2.729  -0.279 -0.232 1.00 0.00 ? 3 SER A N    13 
ATOM   1004 C CA   . SER A 1 3 ? 2.606  0.589  -1.399 1.00 0.00 ? 3 SER A CA   13 
ATOM   1005 C C    . SER A 1 3 ? 1.320  0.321  -2.193 1.00 0.00 ? 3 SER A C    13 
ATOM   1006 O O    . SER A 1 3 ? 0.955  1.114  -3.061 1.00 0.00 ? 3 SER A O    13 
ATOM   1007 C CB   . SER A 1 3 ? 3.813  0.388  -2.313 1.00 0.00 ? 3 SER A CB   13 
ATOM   1008 O OG   . SER A 1 3 ? 3.672  1.205  -3.468 1.00 0.00 ? 3 SER A OG   13 
ATOM   1009 H H    . SER A 1 3 ? 3.090  -1.186 -0.342 1.00 0.00 ? 3 SER A H    13 
ATOM   1010 H HA   . SER A 1 3 ? 2.599  1.616  -1.066 1.00 0.00 ? 3 SER A HA   13 
ATOM   1011 H HB2  . SER A 1 3 ? 4.712  0.665  -1.790 1.00 0.00 ? 3 SER A HB2  13 
ATOM   1012 H HB3  . SER A 1 3 ? 3.875  -0.654 -2.600 1.00 0.00 ? 3 SER A HB3  13 
ATOM   1013 H HG   . SER A 1 3 ? 3.494  2.102  -3.178 1.00 0.00 ? 3 SER A HG   13 
ATOM   1014 N N    . LEU A 1 4 ? 0.639  -0.790 -1.912 1.00 0.00 ? 4 LEU A N    13 
ATOM   1015 C CA   . LEU A 1 4 ? -0.585 -1.118 -2.638 1.00 0.00 ? 4 LEU A CA   13 
ATOM   1016 C C    . LEU A 1 4 ? -1.826 -0.630 -1.894 1.00 0.00 ? 4 LEU A C    13 
ATOM   1017 O O    . LEU A 1 4 ? -2.944 -0.781 -2.383 1.00 0.00 ? 4 LEU A O    13 
ATOM   1018 C CB   . LEU A 1 4 ? -0.676 -2.633 -2.842 1.00 0.00 ? 4 LEU A CB   13 
ATOM   1019 C CG   . LEU A 1 4 ? 0.183  -3.054 -4.041 1.00 0.00 ? 4 LEU A CG   13 
ATOM   1020 C CD1  . LEU A 1 4 ? 1.637  -3.234 -3.598 1.00 0.00 ? 4 LEU A CD1  13 
ATOM   1021 C CD2  . LEU A 1 4 ? -0.345 -4.376 -4.599 1.00 0.00 ? 4 LEU A CD2  13 
ATOM   1022 H H    . LEU A 1 4 ? 0.961  -1.401 -1.222 1.00 0.00 ? 4 LEU A H    13 
ATOM   1023 H HA   . LEU A 1 4 ? -0.552 -0.640 -3.605 1.00 0.00 ? 4 LEU A HA   13 
ATOM   1024 H HB2  . LEU A 1 4 ? -0.322 -3.136 -1.954 1.00 0.00 ? 4 LEU A HB2  13 
ATOM   1025 H HB3  . LEU A 1 4 ? -1.704 -2.908 -3.024 1.00 0.00 ? 4 LEU A HB3  13 
ATOM   1026 H HG   . LEU A 1 4 ? 0.133  -2.296 -4.808 1.00 0.00 ? 4 LEU A HG   13 
ATOM   1027 H HD11 . LEU A 1 4 ? 2.203  -3.693 -4.396 1.00 0.00 ? 4 LEU A HD11 13 
ATOM   1028 H HD12 . LEU A 1 4 ? 1.671  -3.866 -2.722 1.00 0.00 ? 4 LEU A HD12 13 
ATOM   1029 H HD13 . LEU A 1 4 ? 2.064  -2.271 -3.364 1.00 0.00 ? 4 LEU A HD13 13 
ATOM   1030 H HD21 . LEU A 1 4 ? -1.320 -4.219 -5.035 1.00 0.00 ? 4 LEU A HD21 13 
ATOM   1031 H HD22 . LEU A 1 4 ? -0.419 -5.100 -3.801 1.00 0.00 ? 4 LEU A HD22 13 
ATOM   1032 H HD23 . LEU A 1 4 ? 0.332  -4.744 -5.356 1.00 0.00 ? 4 LEU A HD23 13 
ATOM   1033 N N    . CYS A 1 5 ? -1.630 -0.039 -0.719 1.00 0.00 ? 5 CYS A N    13 
ATOM   1034 C CA   . CYS A 1 5 ? -2.759 0.465  0.058  1.00 0.00 ? 5 CYS A CA   13 
ATOM   1035 C C    . CYS A 1 5 ? -2.754 1.990  0.074  1.00 0.00 ? 5 CYS A C    13 
ATOM   1036 O O    . CYS A 1 5 ? -2.665 2.611  1.134  1.00 0.00 ? 5 CYS A O    13 
ATOM   1037 C CB   . CYS A 1 5 ? -2.702 -0.069 1.491  1.00 0.00 ? 5 CYS A CB   13 
ATOM   1038 S SG   . CYS A 1 5 ? -3.180 -1.817 1.496  1.00 0.00 ? 5 CYS A SG   13 
ATOM   1039 H H    . CYS A 1 5 ? -0.720 0.063  -0.372 1.00 0.00 ? 5 CYS A H    13 
ATOM   1040 H HA   . CYS A 1 5 ? -3.674 0.125  -0.402 1.00 0.00 ? 5 CYS A HA   13 
ATOM   1041 H HB2  . CYS A 1 5 ? -1.701 0.037  1.877  1.00 0.00 ? 5 CYS A HB2  13 
ATOM   1042 H HB3  . CYS A 1 5 ? -3.386 0.489  2.112  1.00 0.00 ? 5 CYS A HB3  13 
ATOM   1043 N N    . ALA A 1 6 ? -2.855 2.586  -1.112 1.00 0.00 ? 6 ALA A N    13 
ATOM   1044 C CA   . ALA A 1 6 ? -2.860 4.039  -1.233 1.00 0.00 ? 6 ALA A CA   13 
ATOM   1045 C C    . ALA A 1 6 ? -3.797 4.476  -2.355 1.00 0.00 ? 6 ALA A C    13 
ATOM   1046 O O    . ALA A 1 6 ? -3.404 4.363  -3.505 1.00 0.00 ? 6 ALA A O    13 
ATOM   1047 C CB   . ALA A 1 6 ? -1.446 4.547  -1.522 1.00 0.00 ? 6 ALA A CB   13 
ATOM   1048 O OXT  . ALA A 1 6 ? -4.894 4.913  -2.050 1.00 0.00 ? 6 ALA A OXT  13 
ATOM   1049 H H    . ALA A 1 6 ? -2.922 2.037  -1.920 1.00 0.00 ? 6 ALA A H    13 
ATOM   1050 H HA   . ALA A 1 6 ? -3.202 4.469  -0.302 1.00 0.00 ? 6 ALA A HA   13 
ATOM   1051 H HB1  . ALA A 1 6 ? -1.493 5.366  -2.225 1.00 0.00 ? 6 ALA A HB1  13 
ATOM   1052 H HB2  . ALA A 1 6 ? -0.855 3.747  -1.941 1.00 0.00 ? 6 ALA A HB2  13 
ATOM   1053 H HB3  . ALA A 1 6 ? -0.989 4.887  -0.603 1.00 0.00 ? 6 ALA A HB3  13 
HETATM 1054 N N    . DAL A 1 1 ? -0.950 -3.066 -0.153 1.00 0.00 1 1 DAL A N    14 
HETATM 1055 C CA   . DAL A 1 1 ? -0.360 -2.885 1.204  1.00 0.00 ? 1 DAL A CA   14 
HETATM 1056 C CB   . DAL A 1 1 ? -1.483 -2.798 2.239  1.00 0.00 ? 1 DAL A CB   14 
HETATM 1057 C C    . DAL A 1 1 ? 0.470  -1.607 1.230  1.00 0.00 ? 1 DAL A C    14 
HETATM 1058 O O    . DAL A 1 1 ? 0.307  -0.735 0.377  1.00 0.00 ? 1 DAL A O    14 
HETATM 1059 H H2   . DAL A 1 1 ? -1.937 -3.380 -0.062 1.00 0.00 ? 1 DAL A H2   14 
HETATM 1060 H H    . DAL A 1 1 ? -0.918 -2.165 -0.667 1.00 0.00 ? 1 DAL A H    14 
HETATM 1061 H H3   . DAL A 1 1 ? -0.404 -3.781 -0.675 1.00 0.00 ? 1 DAL A H3   14 
HETATM 1062 H HA   . DAL A 1 1 ? 0.273  -3.728 1.435  1.00 0.00 ? 1 DAL A HA   14 
HETATM 1063 H HB1  . DAL A 1 1 ? -1.176 -2.154 3.047  1.00 0.00 ? 1 DAL A HB1  14 
HETATM 1064 H HB2  . DAL A 1 1 ? -1.693 -3.785 2.624  1.00 0.00 ? 1 DAL A HB2  14 
ATOM   1065 N N    . LEU A 1 2 ? 1.360  -1.503 2.211  1.00 0.00 ? 2 LEU A N    14 
ATOM   1066 C CA   . LEU A 1 2 ? 2.211  -0.324 2.333  1.00 0.00 ? 2 LEU A CA   14 
ATOM   1067 C C    . LEU A 1 2 ? 2.441  0.306  0.963  1.00 0.00 ? 2 LEU A C    14 
ATOM   1068 O O    . LEU A 1 2 ? 2.545  1.527  0.839  1.00 0.00 ? 2 LEU A O    14 
ATOM   1069 C CB   . LEU A 1 2 ? 3.555  -0.713 2.951  1.00 0.00 ? 2 LEU A CB   14 
ATOM   1070 C CG   . LEU A 1 2 ? 3.895  0.252  4.088  1.00 0.00 ? 2 LEU A CG   14 
ATOM   1071 C CD1  . LEU A 1 2 ? 3.977  1.677  3.539  1.00 0.00 ? 2 LEU A CD1  14 
ATOM   1072 C CD2  . LEU A 1 2 ? 2.807  0.181  5.162  1.00 0.00 ? 2 LEU A CD2  14 
ATOM   1073 H H    . LEU A 1 2 ? 1.448  -2.231 2.861  1.00 0.00 ? 2 LEU A H    14 
ATOM   1074 H HA   . LEU A 1 2 ? 1.724  0.395  2.974  1.00 0.00 ? 2 LEU A HA   14 
ATOM   1075 H HB2  . LEU A 1 2 ? 3.494  -1.720 3.340  1.00 0.00 ? 2 LEU A HB2  14 
ATOM   1076 H HB3  . LEU A 1 2 ? 4.327  -0.664 2.198  1.00 0.00 ? 2 LEU A HB3  14 
ATOM   1077 H HG   . LEU A 1 2 ? 4.848  -0.021 4.519  1.00 0.00 ? 2 LEU A HG   14 
ATOM   1078 H HD11 . LEU A 1 2 ? 4.757  2.218  4.056  1.00 0.00 ? 2 LEU A HD11 14 
ATOM   1079 H HD12 . LEU A 1 2 ? 3.031  2.177  3.691  1.00 0.00 ? 2 LEU A HD12 14 
ATOM   1080 H HD13 . LEU A 1 2 ? 4.200  1.644  2.483  1.00 0.00 ? 2 LEU A HD13 14 
ATOM   1081 H HD21 . LEU A 1 2 ? 2.237  1.098  5.161  1.00 0.00 ? 2 LEU A HD21 14 
ATOM   1082 H HD22 . LEU A 1 2 ? 3.265  0.043  6.130  1.00 0.00 ? 2 LEU A HD22 14 
ATOM   1083 H HD23 . LEU A 1 2 ? 2.150  -0.651 4.954  1.00 0.00 ? 2 LEU A HD23 14 
ATOM   1084 N N    . SER A 1 3 ? 2.520  -0.537 -0.060 1.00 0.00 ? 3 SER A N    14 
ATOM   1085 C CA   . SER A 1 3 ? 2.738  -0.059 -1.421 1.00 0.00 ? 3 SER A CA   14 
ATOM   1086 C C    . SER A 1 3 ? 1.414  0.138  -2.156 1.00 0.00 ? 3 SER A C    14 
ATOM   1087 O O    . SER A 1 3 ? 1.189  1.177  -2.777 1.00 0.00 ? 3 SER A O    14 
ATOM   1088 C CB   . SER A 1 3 ? 3.604  -1.059 -2.190 1.00 0.00 ? 3 SER A CB   14 
ATOM   1089 O OG   . SER A 1 3 ? 2.836  -2.219 -2.479 1.00 0.00 ? 3 SER A OG   14 
ATOM   1090 H H    . SER A 1 3 ? 2.430  -1.500 0.104  1.00 0.00 ? 3 SER A H    14 
ATOM   1091 H HA   . SER A 1 3 ? 3.257  0.886  -1.380 1.00 0.00 ? 3 SER A HA   14 
ATOM   1092 H HB2  . SER A 1 3 ? 3.937  -0.616 -3.112 1.00 0.00 ? 3 SER A HB2  14 
ATOM   1093 H HB3  . SER A 1 3 ? 4.464  -1.325 -1.590 1.00 0.00 ? 3 SER A HB3  14 
ATOM   1094 H HG   . SER A 1 3 ? 3.187  -2.945 -1.959 1.00 0.00 ? 3 SER A HG   14 
ATOM   1095 N N    . LEU A 1 4 ? 0.539  -0.865 -2.092 1.00 0.00 ? 4 LEU A N    14 
ATOM   1096 C CA   . LEU A 1 4 ? -0.753 -0.781 -2.767 1.00 0.00 ? 4 LEU A CA   14 
ATOM   1097 C C    . LEU A 1 4 ? -1.767 -0.042 -1.898 1.00 0.00 ? 4 LEU A C    14 
ATOM   1098 O O    . LEU A 1 4 ? -2.566 0.750  -2.399 1.00 0.00 ? 4 LEU A O    14 
ATOM   1099 C CB   . LEU A 1 4 ? -1.268 -2.192 -3.086 1.00 0.00 ? 4 LEU A CB   14 
ATOM   1100 C CG   . LEU A 1 4 ? -2.147 -2.165 -4.345 1.00 0.00 ? 4 LEU A CG   14 
ATOM   1101 C CD1  . LEU A 1 4 ? -2.163 -3.555 -4.982 1.00 0.00 ? 4 LEU A CD1  14 
ATOM   1102 C CD2  . LEU A 1 4 ? -3.577 -1.768 -3.962 1.00 0.00 ? 4 LEU A CD2  14 
ATOM   1103 H H    . LEU A 1 4 ? 0.768  -1.675 -1.588 1.00 0.00 ? 4 LEU A H    14 
ATOM   1104 H HA   . LEU A 1 4 ? -0.623 -0.236 -3.689 1.00 0.00 ? 4 LEU A HA   14 
ATOM   1105 H HB2  . LEU A 1 4 ? -0.427 -2.849 -3.254 1.00 0.00 ? 4 LEU A HB2  14 
ATOM   1106 H HB3  . LEU A 1 4 ? -1.849 -2.558 -2.254 1.00 0.00 ? 4 LEU A HB3  14 
ATOM   1107 H HG   . LEU A 1 4 ? -1.750 -1.454 -5.053 1.00 0.00 ? 4 LEU A HG   14 
ATOM   1108 H HD11 . LEU A 1 4 ? -1.357 -3.633 -5.694 1.00 0.00 ? 4 LEU A HD11 14 
ATOM   1109 H HD12 . LEU A 1 4 ? -3.105 -3.710 -5.486 1.00 0.00 ? 4 LEU A HD12 14 
ATOM   1110 H HD13 . LEU A 1 4 ? -2.040 -4.305 -4.213 1.00 0.00 ? 4 LEU A HD13 14 
ATOM   1111 H HD21 . LEU A 1 4 ? -4.182 -2.658 -3.863 1.00 0.00 ? 4 LEU A HD21 14 
ATOM   1112 H HD22 . LEU A 1 4 ? -3.991 -1.135 -4.732 1.00 0.00 ? 4 LEU A HD22 14 
ATOM   1113 H HD23 . LEU A 1 4 ? -3.565 -1.236 -3.025 1.00 0.00 ? 4 LEU A HD23 14 
ATOM   1114 N N    . CYS A 1 5 ? -1.733 -0.305 -0.595 1.00 0.00 ? 5 CYS A N    14 
ATOM   1115 C CA   . CYS A 1 5 ? -2.654 0.339  0.331  1.00 0.00 ? 5 CYS A CA   14 
ATOM   1116 C C    . CYS A 1 5 ? -2.299 1.811  0.509  1.00 0.00 ? 5 CYS A C    14 
ATOM   1117 O O    . CYS A 1 5 ? -2.791 2.471  1.426  1.00 0.00 ? 5 CYS A O    14 
ATOM   1118 C CB   . CYS A 1 5 ? -2.603 -0.368 1.686  1.00 0.00 ? 5 CYS A CB   14 
ATOM   1119 S SG   . CYS A 1 5 ? -2.975 -2.127 1.460  1.00 0.00 ? 5 CYS A SG   14 
ATOM   1120 H H    . CYS A 1 5 ? -1.077 -0.946 -0.250 1.00 0.00 ? 5 CYS A H    14 
ATOM   1121 H HA   . CYS A 1 5 ? -3.657 0.266  -0.063 1.00 0.00 ? 5 CYS A HA   14 
ATOM   1122 H HB2  . CYS A 1 5 ? -1.617 -0.256 2.110  1.00 0.00 ? 5 CYS A HB2  14 
ATOM   1123 H HB3  . CYS A 1 5 ? -3.333 0.073  2.350  1.00 0.00 ? 5 CYS A HB3  14 
ATOM   1124 N N    . ALA A 1 6 ? -1.441 2.320  -0.370 1.00 0.00 ? 6 ALA A N    14 
ATOM   1125 C CA   . ALA A 1 6 ? -1.030 3.718  -0.296 1.00 0.00 ? 6 ALA A CA   14 
ATOM   1126 C C    . ALA A 1 6 ? -2.044 4.613  -0.998 1.00 0.00 ? 6 ALA A C    14 
ATOM   1127 O O    . ALA A 1 6 ? -1.663 5.695  -1.415 1.00 0.00 ? 6 ALA A O    14 
ATOM   1128 C CB   . ALA A 1 6 ? 0.346  3.894  -0.944 1.00 0.00 ? 6 ALA A CB   14 
ATOM   1129 O OXT  . ALA A 1 6 ? -3.189 4.204  -1.110 1.00 0.00 ? 6 ALA A OXT  14 
ATOM   1130 H H    . ALA A 1 6 ? -1.082 1.749  -1.079 1.00 0.00 ? 6 ALA A H    14 
ATOM   1131 H HA   . ALA A 1 6 ? -0.965 4.009  0.742  1.00 0.00 ? 6 ALA A HA   14 
ATOM   1132 H HB1  . ALA A 1 6 ? 0.965  3.041  -0.712 1.00 0.00 ? 6 ALA A HB1  14 
ATOM   1133 H HB2  . ALA A 1 6 ? 0.811  4.790  -0.561 1.00 0.00 ? 6 ALA A HB2  14 
ATOM   1134 H HB3  . ALA A 1 6 ? 0.231  3.976  -2.014 1.00 0.00 ? 6 ALA A HB3  14 
HETATM 1135 N N    . DAL A 1 1 ? -0.535 -3.369 -0.144 1.00 0.00 1 1 DAL A N    15 
HETATM 1136 C CA   . DAL A 1 1 ? -0.369 -2.884 1.255  1.00 0.00 ? 1 DAL A CA   15 
HETATM 1137 C CB   . DAL A 1 1 ? -1.745 -2.603 1.861  1.00 0.00 ? 1 DAL A CB   15 
HETATM 1138 C C    . DAL A 1 1 ? 0.468  -1.610 1.257  1.00 0.00 ? 1 DAL A C    15 
HETATM 1139 O O    . DAL A 1 1 ? 0.298  -0.744 0.398  1.00 0.00 ? 1 DAL A O    15 
HETATM 1140 H H2   . DAL A 1 1 ? -1.183 -4.182 -0.154 1.00 0.00 ? 1 DAL A H2   15 
HETATM 1141 H H    . DAL A 1 1 ? -0.926 -2.606 -0.731 1.00 0.00 ? 1 DAL A H    15 
HETATM 1142 H H3   . DAL A 1 1 ? 0.390  -3.656 -0.524 1.00 0.00 ? 1 DAL A H3   15 
HETATM 1143 H HA   . DAL A 1 1 ? 0.132  -3.643 1.839  1.00 0.00 ? 1 DAL A HA   15 
HETATM 1144 H HB1  . DAL A 1 1 ? -1.698 -1.700 2.450  1.00 0.00 ? 1 DAL A HB1  15 
HETATM 1145 H HB2  . DAL A 1 1 ? -2.035 -3.430 2.492  1.00 0.00 ? 1 DAL A HB2  15 
ATOM   1146 N N    . LEU A 1 2 ? 1.369  -1.501 2.228  1.00 0.00 ? 2 LEU A N    15 
ATOM   1147 C CA   . LEU A 1 2 ? 2.226  -0.327 2.335  1.00 0.00 ? 2 LEU A CA   15 
ATOM   1148 C C    . LEU A 1 2 ? 2.451  0.297  0.960  1.00 0.00 ? 2 LEU A C    15 
ATOM   1149 O O    . LEU A 1 2 ? 2.567  1.516  0.832  1.00 0.00 ? 2 LEU A O    15 
ATOM   1150 C CB   . LEU A 1 2 ? 3.573  -0.719 2.950  1.00 0.00 ? 2 LEU A CB   15 
ATOM   1151 C CG   . LEU A 1 2 ? 3.830  0.124  4.202  1.00 0.00 ? 2 LEU A CG   15 
ATOM   1152 C CD1  . LEU A 1 2 ? 3.855  1.606  3.822  1.00 0.00 ? 2 LEU A CD1  15 
ATOM   1153 C CD2  . LEU A 1 2 ? 2.714  -0.123 5.220  1.00 0.00 ? 2 LEU A CD2  15 
ATOM   1154 H H    . LEU A 1 2 ? 1.458  -2.223 2.885  1.00 0.00 ? 2 LEU A H    15 
ATOM   1155 H HA   . LEU A 1 2 ? 1.747  0.399  2.973  1.00 0.00 ? 2 LEU A HA   15 
ATOM   1156 H HB2  . LEU A 1 2 ? 3.554  -1.765 3.219  1.00 0.00 ? 2 LEU A HB2  15 
ATOM   1157 H HB3  . LEU A 1 2 ? 4.362  -0.546 2.234  1.00 0.00 ? 2 LEU A HB3  15 
ATOM   1158 H HG   . LEU A 1 2 ? 4.781  -0.152 4.633  1.00 0.00 ? 2 LEU A HG   15 
ATOM   1159 H HD11 . LEU A 1 2 ? 4.858  1.990  3.938  1.00 0.00 ? 2 LEU A HD11 15 
ATOM   1160 H HD12 . LEU A 1 2 ? 3.184  2.156  4.466  1.00 0.00 ? 2 LEU A HD12 15 
ATOM   1161 H HD13 . LEU A 1 2 ? 3.543  1.721  2.795  1.00 0.00 ? 2 LEU A HD13 15 
ATOM   1162 H HD21 . LEU A 1 2 ? 2.092  0.759  5.294  1.00 0.00 ? 2 LEU A HD21 15 
ATOM   1163 H HD22 . LEU A 1 2 ? 3.148  -0.338 6.185  1.00 0.00 ? 2 LEU A HD22 15 
ATOM   1164 H HD23 . LEU A 1 2 ? 2.113  -0.961 4.901  1.00 0.00 ? 2 LEU A HD23 15 
ATOM   1165 N N    . SER A 1 3 ? 2.513  -0.547 -0.062 1.00 0.00 ? 3 SER A N    15 
ATOM   1166 C CA   . SER A 1 3 ? 2.726  -0.068 -1.422 1.00 0.00 ? 3 SER A CA   15 
ATOM   1167 C C    . SER A 1 3 ? 1.395  0.171  -2.128 1.00 0.00 ? 3 SER A C    15 
ATOM   1168 O O    . SER A 1 3 ? 1.143  1.260  -2.644 1.00 0.00 ? 3 SER A O    15 
ATOM   1169 C CB   . SER A 1 3 ? 3.546  -1.089 -2.212 1.00 0.00 ? 3 SER A CB   15 
ATOM   1170 O OG   . SER A 1 3 ? 3.089  -2.398 -1.902 1.00 0.00 ? 3 SER A OG   15 
ATOM   1171 H H    . SER A 1 3 ? 2.414  -1.508 0.101  1.00 0.00 ? 3 SER A H    15 
ATOM   1172 H HA   . SER A 1 3 ? 3.273  0.862  -1.384 1.00 0.00 ? 3 SER A HA   15 
ATOM   1173 H HB2  . SER A 1 3 ? 3.425  -0.911 -3.268 1.00 0.00 ? 3 SER A HB2  15 
ATOM   1174 H HB3  . SER A 1 3 ? 4.591  -0.988 -1.951 1.00 0.00 ? 3 SER A HB3  15 
ATOM   1175 H HG   . SER A 1 3 ? 2.391  -2.623 -2.521 1.00 0.00 ? 3 SER A HG   15 
ATOM   1176 N N    . LEU A 1 4 ? 0.548  -0.854 -2.154 1.00 0.00 ? 4 LEU A N    15 
ATOM   1177 C CA   . LEU A 1 4 ? -0.751 -0.738 -2.809 1.00 0.00 ? 4 LEU A CA   15 
ATOM   1178 C C    . LEU A 1 4 ? -1.751 -0.012 -1.912 1.00 0.00 ? 4 LEU A C    15 
ATOM   1179 O O    . LEU A 1 4 ? -2.524 0.823  -2.383 1.00 0.00 ? 4 LEU A O    15 
ATOM   1180 C CB   . LEU A 1 4 ? -1.287 -2.128 -3.165 1.00 0.00 ? 4 LEU A CB   15 
ATOM   1181 C CG   . LEU A 1 4 ? -2.181 -2.028 -4.402 1.00 0.00 ? 4 LEU A CG   15 
ATOM   1182 C CD1  . LEU A 1 4 ? -1.318 -1.756 -5.635 1.00 0.00 ? 4 LEU A CD1  15 
ATOM   1183 C CD2  . LEU A 1 4 ? -2.938 -3.345 -4.593 1.00 0.00 ? 4 LEU A CD2  15 
ATOM   1184 H H    . LEU A 1 4 ? 0.802  -1.700 -1.732 1.00 0.00 ? 4 LEU A H    15 
ATOM   1185 H HA   . LEU A 1 4 ? -0.629 -0.172 -3.720 1.00 0.00 ? 4 LEU A HA   15 
ATOM   1186 H HB2  . LEU A 1 4 ? -0.458 -2.791 -3.374 1.00 0.00 ? 4 LEU A HB2  15 
ATOM   1187 H HB3  . LEU A 1 4 ? -1.861 -2.518 -2.339 1.00 0.00 ? 4 LEU A HB3  15 
ATOM   1188 H HG   . LEU A 1 4 ? -2.886 -1.220 -4.271 1.00 0.00 ? 4 LEU A HG   15 
ATOM   1189 H HD11 . LEU A 1 4 ? -0.337 -2.183 -5.490 1.00 0.00 ? 4 LEU A HD11 15 
ATOM   1190 H HD12 . LEU A 1 4 ? -1.229 -0.689 -5.783 1.00 0.00 ? 4 LEU A HD12 15 
ATOM   1191 H HD13 . LEU A 1 4 ? -1.780 -2.203 -6.504 1.00 0.00 ? 4 LEU A HD13 15 
ATOM   1192 H HD21 . LEU A 1 4 ? -2.400 -3.972 -5.288 1.00 0.00 ? 4 LEU A HD21 15 
ATOM   1193 H HD22 . LEU A 1 4 ? -3.925 -3.140 -4.983 1.00 0.00 ? 4 LEU A HD22 15 
ATOM   1194 H HD23 . LEU A 1 4 ? -3.025 -3.852 -3.644 1.00 0.00 ? 4 LEU A HD23 15 
ATOM   1195 N N    . CYS A 1 5 ? -1.736 -0.330 -0.620 1.00 0.00 ? 5 CYS A N    15 
ATOM   1196 C CA   . CYS A 1 5 ? -2.650 0.307  0.321  1.00 0.00 ? 5 CYS A CA   15 
ATOM   1197 C C    . CYS A 1 5 ? -1.877 1.066  1.394  1.00 0.00 ? 5 CYS A C    15 
ATOM   1198 O O    . CYS A 1 5 ? -1.624 0.541  2.479  1.00 0.00 ? 5 CYS A O    15 
ATOM   1199 C CB   . CYS A 1 5 ? -3.548 -0.746 0.975  1.00 0.00 ? 5 CYS A CB   15 
ATOM   1200 S SG   . CYS A 1 5 ? -2.959 -2.402 0.531  1.00 0.00 ? 5 CYS A SG   15 
ATOM   1201 H H    . CYS A 1 5 ? -1.099 -1.000 -0.293 1.00 0.00 ? 5 CYS A H    15 
ATOM   1202 H HA   . CYS A 1 5 ? -3.273 1.005  -0.219 1.00 0.00 ? 5 CYS A HA   15 
ATOM   1203 H HB2  . CYS A 1 5 ? -3.525 -0.625 2.047  1.00 0.00 ? 5 CYS A HB2  15 
ATOM   1204 H HB3  . CYS A 1 5 ? -4.562 -0.620 0.624  1.00 0.00 ? 5 CYS A HB3  15 
ATOM   1205 N N    . ALA A 1 6 ? -1.505 2.304  1.085  1.00 0.00 ? 6 ALA A N    15 
ATOM   1206 C CA   . ALA A 1 6 ? -0.760 3.127  2.032  1.00 0.00 ? 6 ALA A CA   15 
ATOM   1207 C C    . ALA A 1 6 ? -1.690 4.119  2.724  1.00 0.00 ? 6 ALA A C    15 
ATOM   1208 O O    . ALA A 1 6 ? -1.497 5.310  2.538  1.00 0.00 ? 6 ALA A O    15 
ATOM   1209 C CB   . ALA A 1 6 ? 0.350  3.886  1.303  1.00 0.00 ? 6 ALA A CB   15 
ATOM   1210 O OXT  . ALA A 1 6 ? -2.581 3.674  3.428  1.00 0.00 ? 6 ALA A OXT  15 
ATOM   1211 H H    . ALA A 1 6 ? -1.735 2.670  0.206  1.00 0.00 ? 6 ALA A H    15 
ATOM   1212 H HA   . ALA A 1 6 ? -0.313 2.487  2.777  1.00 0.00 ? 6 ALA A HA   15 
ATOM   1213 H HB1  . ALA A 1 6 ? 0.929  4.450  2.018  1.00 0.00 ? 6 ALA A HB1  15 
ATOM   1214 H HB2  . ALA A 1 6 ? -0.090 4.561  0.582  1.00 0.00 ? 6 ALA A HB2  15 
ATOM   1215 H HB3  . ALA A 1 6 ? 0.991  3.183  0.792  1.00 0.00 ? 6 ALA A HB3  15 
# 
